data_1IAP
# 
_entry.id   1IAP 
# 
_audit_conform.dict_name       mmcif_pdbx.dic 
_audit_conform.dict_version    5.389 
_audit_conform.dict_location   http://mmcif.pdb.org/dictionaries/ascii/mmcif_pdbx.dic 
# 
loop_
_database_2.database_id 
_database_2.database_code 
_database_2.pdbx_database_accession 
_database_2.pdbx_DOI 
PDB   1IAP         pdb_00001iap 10.2210/pdb1iap/pdb 
RCSB  RCSB013103   ?            ?                   
WWPDB D_1000013103 ?            ?                   
# 
loop_
_pdbx_audit_revision_history.ordinal 
_pdbx_audit_revision_history.data_content_type 
_pdbx_audit_revision_history.major_revision 
_pdbx_audit_revision_history.minor_revision 
_pdbx_audit_revision_history.revision_date 
1 'Structure model' 1 0 2001-09-05 
2 'Structure model' 1 1 2008-04-27 
3 'Structure model' 1 2 2011-07-13 
4 'Structure model' 1 3 2024-02-07 
5 'Structure model' 1 4 2024-04-03 
# 
_pdbx_audit_revision_details.ordinal             1 
_pdbx_audit_revision_details.revision_ordinal    1 
_pdbx_audit_revision_details.data_content_type   'Structure model' 
_pdbx_audit_revision_details.provider            repository 
_pdbx_audit_revision_details.type                'Initial release' 
_pdbx_audit_revision_details.description         ? 
_pdbx_audit_revision_details.details             ? 
# 
loop_
_pdbx_audit_revision_group.ordinal 
_pdbx_audit_revision_group.revision_ordinal 
_pdbx_audit_revision_group.data_content_type 
_pdbx_audit_revision_group.group 
1 2 'Structure model' 'Version format compliance' 
2 3 'Structure model' 'Version format compliance' 
3 4 'Structure model' 'Data collection'           
4 4 'Structure model' 'Database references'       
5 5 'Structure model' 'Refinement description'    
# 
loop_
_pdbx_audit_revision_category.ordinal 
_pdbx_audit_revision_category.revision_ordinal 
_pdbx_audit_revision_category.data_content_type 
_pdbx_audit_revision_category.category 
1 4 'Structure model' chem_comp_atom                
2 4 'Structure model' chem_comp_bond                
3 4 'Structure model' database_2                    
4 5 'Structure model' pdbx_initial_refinement_model 
# 
loop_
_pdbx_audit_revision_item.ordinal 
_pdbx_audit_revision_item.revision_ordinal 
_pdbx_audit_revision_item.data_content_type 
_pdbx_audit_revision_item.item 
1 4 'Structure model' '_database_2.pdbx_DOI'                
2 4 'Structure model' '_database_2.pdbx_database_accession' 
# 
_pdbx_database_status.status_code                     REL 
_pdbx_database_status.entry_id                        1IAP 
_pdbx_database_status.recvd_initial_deposition_date   2001-03-22 
_pdbx_database_status.deposit_site                    RCSB 
_pdbx_database_status.process_site                    RCSB 
_pdbx_database_status.status_code_sf                  REL 
_pdbx_database_status.SG_entry                        . 
_pdbx_database_status.pdb_format_compatible           Y 
_pdbx_database_status.status_code_mr                  ? 
_pdbx_database_status.status_code_cs                  ? 
_pdbx_database_status.status_code_nmr_data            ? 
_pdbx_database_status.methods_development_category    ? 
# 
loop_
_pdbx_database_related.db_name 
_pdbx_database_related.db_id 
_pdbx_database_related.details 
_pdbx_database_related.content_type 
PDB 1AGR '1AGR contains RGS4 structure' unspecified 
PDB 1FQJ '1FQJ contains RGS9 structure' unspecified 
PDB 1CMZ '1CMZ contains GAIP structure' unspecified 
PDB 1DK8 '1DK8 contains Axin structure' unspecified 
# 
loop_
_audit_author.name 
_audit_author.pdbx_ordinal 
'Sprang, S.R.' 1 
'Chen, Z.'     2 
# 
_citation.id                        primary 
_citation.title                     'Structure of the rgRGS domain of p115RhoGEF.' 
_citation.journal_abbrev            Nat.Struct.Biol. 
_citation.journal_volume            8 
_citation.page_first                805 
_citation.page_last                 809 
_citation.year                      2001 
_citation.journal_id_ASTM           NSBIEW 
_citation.country                   US 
_citation.journal_id_ISSN           1072-8368 
_citation.journal_id_CSD            2024 
_citation.book_publisher            ? 
_citation.pdbx_database_id_PubMed   11524686 
_citation.pdbx_database_id_DOI      10.1038/nsb0901-805 
# 
loop_
_citation_author.citation_id 
_citation_author.name 
_citation_author.ordinal 
_citation_author.identifier_ORCID 
primary 'Chen, Z.'        1 ? 
primary 'Wells, C.D.'     2 ? 
primary 'Sternweis, P.C.' 3 ? 
primary 'Sprang, S.R.'    4 ? 
# 
loop_
_entity.id 
_entity.type 
_entity.src_method 
_entity.pdbx_description 
_entity.formula_weight 
_entity.pdbx_number_of_molecules 
_entity.pdbx_ec 
_entity.pdbx_mutation 
_entity.pdbx_fragment 
_entity.details 
1 polymer man 'GUANINE NUCLEOTIDE EXCHANGE FACTOR P115RHOGEF' 24276.924 1  ? ? 'N-TERMINAL RGS DOMAIN' ? 
2 water   nat water                                           18.015    91 ? ? ?                       ? 
# 
_entity_poly.entity_id                      1 
_entity_poly.type                           'polypeptide(L)' 
_entity_poly.nstd_linkage                   no 
_entity_poly.nstd_monomer                   no 
_entity_poly.pdbx_seq_one_letter_code       
;QNSQFQSLEQVKRRPAHLMALLQHVALQFEPGPLLCCLHADMLGSLGPKEAKKAFLDFYHSFLEKTAVLRVPVPPNVAFE
LDRTRADLISEDVQRRFVQEVVQSQQVAVGRQLEDFRSKRLMGMTPWEQELAQLEAWVGRDRASYEARERHVAERLLMHL
EEMQHTISTDEEKSAAVVNAIGLYMRHLGVRTKSGDKKSGRNFFRKKVMGN
;
_entity_poly.pdbx_seq_one_letter_code_can   
;QNSQFQSLEQVKRRPAHLMALLQHVALQFEPGPLLCCLHADMLGSLGPKEAKKAFLDFYHSFLEKTAVLRVPVPPNVAFE
LDRTRADLISEDVQRRFVQEVVQSQQVAVGRQLEDFRSKRLMGMTPWEQELAQLEAWVGRDRASYEARERHVAERLLMHL
EEMQHTISTDEEKSAAVVNAIGLYMRHLGVRTKSGDKKSGRNFFRKKVMGN
;
_entity_poly.pdbx_strand_id                 A 
_entity_poly.pdbx_target_identifier         ? 
# 
_pdbx_entity_nonpoly.entity_id   2 
_pdbx_entity_nonpoly.name        water 
_pdbx_entity_nonpoly.comp_id     HOH 
# 
loop_
_entity_poly_seq.entity_id 
_entity_poly_seq.num 
_entity_poly_seq.mon_id 
_entity_poly_seq.hetero 
1 1   GLN n 
1 2   ASN n 
1 3   SER n 
1 4   GLN n 
1 5   PHE n 
1 6   GLN n 
1 7   SER n 
1 8   LEU n 
1 9   GLU n 
1 10  GLN n 
1 11  VAL n 
1 12  LYS n 
1 13  ARG n 
1 14  ARG n 
1 15  PRO n 
1 16  ALA n 
1 17  HIS n 
1 18  LEU n 
1 19  MET n 
1 20  ALA n 
1 21  LEU n 
1 22  LEU n 
1 23  GLN n 
1 24  HIS n 
1 25  VAL n 
1 26  ALA n 
1 27  LEU n 
1 28  GLN n 
1 29  PHE n 
1 30  GLU n 
1 31  PRO n 
1 32  GLY n 
1 33  PRO n 
1 34  LEU n 
1 35  LEU n 
1 36  CYS n 
1 37  CYS n 
1 38  LEU n 
1 39  HIS n 
1 40  ALA n 
1 41  ASP n 
1 42  MET n 
1 43  LEU n 
1 44  GLY n 
1 45  SER n 
1 46  LEU n 
1 47  GLY n 
1 48  PRO n 
1 49  LYS n 
1 50  GLU n 
1 51  ALA n 
1 52  LYS n 
1 53  LYS n 
1 54  ALA n 
1 55  PHE n 
1 56  LEU n 
1 57  ASP n 
1 58  PHE n 
1 59  TYR n 
1 60  HIS n 
1 61  SER n 
1 62  PHE n 
1 63  LEU n 
1 64  GLU n 
1 65  LYS n 
1 66  THR n 
1 67  ALA n 
1 68  VAL n 
1 69  LEU n 
1 70  ARG n 
1 71  VAL n 
1 72  PRO n 
1 73  VAL n 
1 74  PRO n 
1 75  PRO n 
1 76  ASN n 
1 77  VAL n 
1 78  ALA n 
1 79  PHE n 
1 80  GLU n 
1 81  LEU n 
1 82  ASP n 
1 83  ARG n 
1 84  THR n 
1 85  ARG n 
1 86  ALA n 
1 87  ASP n 
1 88  LEU n 
1 89  ILE n 
1 90  SER n 
1 91  GLU n 
1 92  ASP n 
1 93  VAL n 
1 94  GLN n 
1 95  ARG n 
1 96  ARG n 
1 97  PHE n 
1 98  VAL n 
1 99  GLN n 
1 100 GLU n 
1 101 VAL n 
1 102 VAL n 
1 103 GLN n 
1 104 SER n 
1 105 GLN n 
1 106 GLN n 
1 107 VAL n 
1 108 ALA n 
1 109 VAL n 
1 110 GLY n 
1 111 ARG n 
1 112 GLN n 
1 113 LEU n 
1 114 GLU n 
1 115 ASP n 
1 116 PHE n 
1 117 ARG n 
1 118 SER n 
1 119 LYS n 
1 120 ARG n 
1 121 LEU n 
1 122 MET n 
1 123 GLY n 
1 124 MET n 
1 125 THR n 
1 126 PRO n 
1 127 TRP n 
1 128 GLU n 
1 129 GLN n 
1 130 GLU n 
1 131 LEU n 
1 132 ALA n 
1 133 GLN n 
1 134 LEU n 
1 135 GLU n 
1 136 ALA n 
1 137 TRP n 
1 138 VAL n 
1 139 GLY n 
1 140 ARG n 
1 141 ASP n 
1 142 ARG n 
1 143 ALA n 
1 144 SER n 
1 145 TYR n 
1 146 GLU n 
1 147 ALA n 
1 148 ARG n 
1 149 GLU n 
1 150 ARG n 
1 151 HIS n 
1 152 VAL n 
1 153 ALA n 
1 154 GLU n 
1 155 ARG n 
1 156 LEU n 
1 157 LEU n 
1 158 MET n 
1 159 HIS n 
1 160 LEU n 
1 161 GLU n 
1 162 GLU n 
1 163 MET n 
1 164 GLN n 
1 165 HIS n 
1 166 THR n 
1 167 ILE n 
1 168 SER n 
1 169 THR n 
1 170 ASP n 
1 171 GLU n 
1 172 GLU n 
1 173 LYS n 
1 174 SER n 
1 175 ALA n 
1 176 ALA n 
1 177 VAL n 
1 178 VAL n 
1 179 ASN n 
1 180 ALA n 
1 181 ILE n 
1 182 GLY n 
1 183 LEU n 
1 184 TYR n 
1 185 MET n 
1 186 ARG n 
1 187 HIS n 
1 188 LEU n 
1 189 GLY n 
1 190 VAL n 
1 191 ARG n 
1 192 THR n 
1 193 LYS n 
1 194 SER n 
1 195 GLY n 
1 196 ASP n 
1 197 LYS n 
1 198 LYS n 
1 199 SER n 
1 200 GLY n 
1 201 ARG n 
1 202 ASN n 
1 203 PHE n 
1 204 PHE n 
1 205 ARG n 
1 206 LYS n 
1 207 LYS n 
1 208 VAL n 
1 209 MET n 
1 210 GLY n 
1 211 ASN n 
# 
_entity_src_gen.entity_id                          1 
_entity_src_gen.pdbx_src_id                        1 
_entity_src_gen.pdbx_alt_source_flag               sample 
_entity_src_gen.pdbx_seq_type                      ? 
_entity_src_gen.pdbx_beg_seq_num                   ? 
_entity_src_gen.pdbx_end_seq_num                   ? 
_entity_src_gen.gene_src_common_name               human 
_entity_src_gen.gene_src_genus                     Homo 
_entity_src_gen.pdbx_gene_src_gene                 ? 
_entity_src_gen.gene_src_species                   ? 
_entity_src_gen.gene_src_strain                    ? 
_entity_src_gen.gene_src_tissue                    ? 
_entity_src_gen.gene_src_tissue_fraction           ? 
_entity_src_gen.gene_src_details                   ? 
_entity_src_gen.pdbx_gene_src_fragment             ? 
_entity_src_gen.pdbx_gene_src_scientific_name      'Homo sapiens' 
_entity_src_gen.pdbx_gene_src_ncbi_taxonomy_id     9606 
_entity_src_gen.pdbx_gene_src_variant              ? 
_entity_src_gen.pdbx_gene_src_cell_line            ? 
_entity_src_gen.pdbx_gene_src_atcc                 ? 
_entity_src_gen.pdbx_gene_src_organ                ? 
_entity_src_gen.pdbx_gene_src_organelle            ? 
_entity_src_gen.pdbx_gene_src_cell                 ? 
_entity_src_gen.pdbx_gene_src_cellular_location    ? 
_entity_src_gen.host_org_common_name               ? 
_entity_src_gen.pdbx_host_org_scientific_name      'Escherichia coli BL21(DE3)' 
_entity_src_gen.pdbx_host_org_ncbi_taxonomy_id     469008 
_entity_src_gen.host_org_genus                     Escherichia 
_entity_src_gen.pdbx_host_org_gene                 ? 
_entity_src_gen.pdbx_host_org_organ                ? 
_entity_src_gen.host_org_species                   'Escherichia coli' 
_entity_src_gen.pdbx_host_org_tissue               ? 
_entity_src_gen.pdbx_host_org_tissue_fraction      ? 
_entity_src_gen.pdbx_host_org_strain               'BL21 (DE3)' 
_entity_src_gen.pdbx_host_org_variant              ? 
_entity_src_gen.pdbx_host_org_cell_line            ? 
_entity_src_gen.pdbx_host_org_atcc                 ? 
_entity_src_gen.pdbx_host_org_culture_collection   ? 
_entity_src_gen.pdbx_host_org_cell                 ? 
_entity_src_gen.pdbx_host_org_organelle            ? 
_entity_src_gen.pdbx_host_org_cellular_location    ? 
_entity_src_gen.pdbx_host_org_vector_type          PLASMID 
_entity_src_gen.pdbx_host_org_vector               ? 
_entity_src_gen.host_org_details                   ? 
_entity_src_gen.expression_system_id               ? 
_entity_src_gen.plasmid_name                       PTRCC 
_entity_src_gen.plasmid_details                    ? 
_entity_src_gen.pdbx_description                   ? 
# 
loop_
_chem_comp.id 
_chem_comp.type 
_chem_comp.mon_nstd_flag 
_chem_comp.name 
_chem_comp.pdbx_synonyms 
_chem_comp.formula 
_chem_comp.formula_weight 
ALA 'L-peptide linking' y ALANINE         ? 'C3 H7 N O2'     89.093  
ARG 'L-peptide linking' y ARGININE        ? 'C6 H15 N4 O2 1' 175.209 
ASN 'L-peptide linking' y ASPARAGINE      ? 'C4 H8 N2 O3'    132.118 
ASP 'L-peptide linking' y 'ASPARTIC ACID' ? 'C4 H7 N O4'     133.103 
CYS 'L-peptide linking' y CYSTEINE        ? 'C3 H7 N O2 S'   121.158 
GLN 'L-peptide linking' y GLUTAMINE       ? 'C5 H10 N2 O3'   146.144 
GLU 'L-peptide linking' y 'GLUTAMIC ACID' ? 'C5 H9 N O4'     147.129 
GLY 'peptide linking'   y GLYCINE         ? 'C2 H5 N O2'     75.067  
HIS 'L-peptide linking' y HISTIDINE       ? 'C6 H10 N3 O2 1' 156.162 
HOH non-polymer         . WATER           ? 'H2 O'           18.015  
ILE 'L-peptide linking' y ISOLEUCINE      ? 'C6 H13 N O2'    131.173 
LEU 'L-peptide linking' y LEUCINE         ? 'C6 H13 N O2'    131.173 
LYS 'L-peptide linking' y LYSINE          ? 'C6 H15 N2 O2 1' 147.195 
MET 'L-peptide linking' y METHIONINE      ? 'C5 H11 N O2 S'  149.211 
PHE 'L-peptide linking' y PHENYLALANINE   ? 'C9 H11 N O2'    165.189 
PRO 'L-peptide linking' y PROLINE         ? 'C5 H9 N O2'     115.130 
SER 'L-peptide linking' y SERINE          ? 'C3 H7 N O3'     105.093 
THR 'L-peptide linking' y THREONINE       ? 'C4 H9 N O3'     119.119 
TRP 'L-peptide linking' y TRYPTOPHAN      ? 'C11 H12 N2 O2'  204.225 
TYR 'L-peptide linking' y TYROSINE        ? 'C9 H11 N O3'    181.189 
VAL 'L-peptide linking' y VALINE          ? 'C5 H11 N O2'    117.146 
# 
loop_
_pdbx_poly_seq_scheme.asym_id 
_pdbx_poly_seq_scheme.entity_id 
_pdbx_poly_seq_scheme.seq_id 
_pdbx_poly_seq_scheme.mon_id 
_pdbx_poly_seq_scheme.ndb_seq_num 
_pdbx_poly_seq_scheme.pdb_seq_num 
_pdbx_poly_seq_scheme.auth_seq_num 
_pdbx_poly_seq_scheme.pdb_mon_id 
_pdbx_poly_seq_scheme.auth_mon_id 
_pdbx_poly_seq_scheme.pdb_strand_id 
_pdbx_poly_seq_scheme.pdb_ins_code 
_pdbx_poly_seq_scheme.hetero 
A 1 1   GLN 1   42  ?   ?   ?   A . n 
A 1 2   ASN 2   43  ?   ?   ?   A . n 
A 1 3   SER 3   44  44  SER SER A . n 
A 1 4   GLN 4   45  45  GLN GLN A . n 
A 1 5   PHE 5   46  46  PHE PHE A . n 
A 1 6   GLN 6   47  47  GLN GLN A . n 
A 1 7   SER 7   48  48  SER SER A . n 
A 1 8   LEU 8   49  49  LEU LEU A . n 
A 1 9   GLU 9   50  50  GLU GLU A . n 
A 1 10  GLN 10  51  51  GLN GLN A . n 
A 1 11  VAL 11  52  52  VAL VAL A . n 
A 1 12  LYS 12  53  53  LYS LYS A . n 
A 1 13  ARG 13  54  54  ARG ARG A . n 
A 1 14  ARG 14  55  55  ARG ARG A . n 
A 1 15  PRO 15  56  56  PRO PRO A . n 
A 1 16  ALA 16  57  57  ALA ALA A . n 
A 1 17  HIS 17  58  58  HIS HIS A . n 
A 1 18  LEU 18  59  59  LEU LEU A . n 
A 1 19  MET 19  60  60  MET MET A . n 
A 1 20  ALA 20  61  61  ALA ALA A . n 
A 1 21  LEU 21  62  62  LEU LEU A . n 
A 1 22  LEU 22  63  63  LEU LEU A . n 
A 1 23  GLN 23  64  64  GLN GLN A . n 
A 1 24  HIS 24  65  65  HIS HIS A . n 
A 1 25  VAL 25  66  66  VAL VAL A . n 
A 1 26  ALA 26  67  67  ALA ALA A . n 
A 1 27  LEU 27  68  68  LEU LEU A . n 
A 1 28  GLN 28  69  69  GLN GLN A . n 
A 1 29  PHE 29  70  70  PHE PHE A . n 
A 1 30  GLU 30  71  71  GLU GLU A . n 
A 1 31  PRO 31  72  72  PRO PRO A . n 
A 1 32  GLY 32  73  73  GLY GLY A . n 
A 1 33  PRO 33  74  74  PRO PRO A . n 
A 1 34  LEU 34  75  75  LEU LEU A . n 
A 1 35  LEU 35  76  76  LEU LEU A . n 
A 1 36  CYS 36  77  77  CYS CYS A . n 
A 1 37  CYS 37  78  78  CYS CYS A . n 
A 1 38  LEU 38  79  79  LEU LEU A . n 
A 1 39  HIS 39  80  80  HIS HIS A . n 
A 1 40  ALA 40  81  81  ALA ALA A . n 
A 1 41  ASP 41  82  82  ASP ASP A . n 
A 1 42  MET 42  83  83  MET MET A . n 
A 1 43  LEU 43  84  84  LEU LEU A . n 
A 1 44  GLY 44  85  85  GLY GLY A . n 
A 1 45  SER 45  86  86  SER SER A . n 
A 1 46  LEU 46  87  87  LEU LEU A . n 
A 1 47  GLY 47  88  88  GLY GLY A . n 
A 1 48  PRO 48  89  89  PRO PRO A . n 
A 1 49  LYS 49  90  90  LYS LYS A . n 
A 1 50  GLU 50  91  91  GLU GLU A . n 
A 1 51  ALA 51  92  92  ALA ALA A . n 
A 1 52  LYS 52  93  93  LYS LYS A . n 
A 1 53  LYS 53  94  94  LYS LYS A . n 
A 1 54  ALA 54  95  95  ALA ALA A . n 
A 1 55  PHE 55  96  96  PHE PHE A . n 
A 1 56  LEU 56  97  97  LEU LEU A . n 
A 1 57  ASP 57  98  98  ASP ASP A . n 
A 1 58  PHE 58  99  99  PHE PHE A . n 
A 1 59  TYR 59  100 100 TYR TYR A . n 
A 1 60  HIS 60  101 101 HIS HIS A . n 
A 1 61  SER 61  102 102 SER SER A . n 
A 1 62  PHE 62  103 103 PHE PHE A . n 
A 1 63  LEU 63  104 104 LEU LEU A . n 
A 1 64  GLU 64  105 105 GLU GLU A . n 
A 1 65  LYS 65  106 106 LYS LYS A . n 
A 1 66  THR 66  107 107 THR THR A . n 
A 1 67  ALA 67  108 108 ALA ALA A . n 
A 1 68  VAL 68  109 109 VAL VAL A . n 
A 1 69  LEU 69  110 110 LEU LEU A . n 
A 1 70  ARG 70  111 111 ARG ARG A . n 
A 1 71  VAL 71  112 112 VAL VAL A . n 
A 1 72  PRO 72  113 113 PRO PRO A . n 
A 1 73  VAL 73  114 114 VAL VAL A . n 
A 1 74  PRO 74  115 115 PRO PRO A . n 
A 1 75  PRO 75  116 116 PRO PRO A . n 
A 1 76  ASN 76  117 117 ASN ASN A . n 
A 1 77  VAL 77  118 118 VAL VAL A . n 
A 1 78  ALA 78  119 119 ALA ALA A . n 
A 1 79  PHE 79  120 120 PHE PHE A . n 
A 1 80  GLU 80  121 121 GLU GLU A . n 
A 1 81  LEU 81  122 122 LEU LEU A . n 
A 1 82  ASP 82  123 123 ASP ASP A . n 
A 1 83  ARG 83  124 124 ARG ARG A . n 
A 1 84  THR 84  125 125 THR THR A . n 
A 1 85  ARG 85  126 126 ARG ARG A . n 
A 1 86  ALA 86  127 127 ALA ALA A . n 
A 1 87  ASP 87  128 128 ASP ASP A . n 
A 1 88  LEU 88  129 129 LEU LEU A . n 
A 1 89  ILE 89  130 130 ILE ILE A . n 
A 1 90  SER 90  131 131 SER SER A . n 
A 1 91  GLU 91  132 132 GLU GLU A . n 
A 1 92  ASP 92  133 133 ASP ASP A . n 
A 1 93  VAL 93  134 134 VAL VAL A . n 
A 1 94  GLN 94  135 135 GLN GLN A . n 
A 1 95  ARG 95  136 136 ARG ARG A . n 
A 1 96  ARG 96  137 137 ARG ARG A . n 
A 1 97  PHE 97  138 138 PHE PHE A . n 
A 1 98  VAL 98  139 139 VAL VAL A . n 
A 1 99  GLN 99  140 140 GLN GLN A . n 
A 1 100 GLU 100 141 141 GLU GLU A . n 
A 1 101 VAL 101 142 142 VAL VAL A . n 
A 1 102 VAL 102 143 143 VAL VAL A . n 
A 1 103 GLN 103 144 144 GLN GLN A . n 
A 1 104 SER 104 145 145 SER SER A . n 
A 1 105 GLN 105 146 146 GLN GLN A . n 
A 1 106 GLN 106 147 147 GLN GLN A . n 
A 1 107 VAL 107 148 148 VAL VAL A . n 
A 1 108 ALA 108 149 149 ALA ALA A . n 
A 1 109 VAL 109 150 150 VAL VAL A . n 
A 1 110 GLY 110 151 151 GLY GLY A . n 
A 1 111 ARG 111 152 152 ARG ARG A . n 
A 1 112 GLN 112 153 153 GLN GLN A . n 
A 1 113 LEU 113 154 154 LEU LEU A . n 
A 1 114 GLU 114 155 155 GLU GLU A . n 
A 1 115 ASP 115 156 156 ASP ASP A . n 
A 1 116 PHE 116 157 157 PHE PHE A . n 
A 1 117 ARG 117 158 158 ARG ARG A . n 
A 1 118 SER 118 159 159 SER SER A . n 
A 1 119 LYS 119 160 160 LYS LYS A . n 
A 1 120 ARG 120 161 161 ARG ARG A . n 
A 1 121 LEU 121 162 162 LEU LEU A . n 
A 1 122 MET 122 163 163 MET MET A . n 
A 1 123 GLY 123 164 164 GLY GLY A . n 
A 1 124 MET 124 165 165 MET MET A . n 
A 1 125 THR 125 166 166 THR THR A . n 
A 1 126 PRO 126 167 167 PRO PRO A . n 
A 1 127 TRP 127 168 168 TRP TRP A . n 
A 1 128 GLU 128 169 169 GLU GLU A . n 
A 1 129 GLN 129 170 170 GLN GLN A . n 
A 1 130 GLU 130 171 171 GLU GLU A . n 
A 1 131 LEU 131 172 172 LEU LEU A . n 
A 1 132 ALA 132 173 173 ALA ALA A . n 
A 1 133 GLN 133 174 174 GLN GLN A . n 
A 1 134 LEU 134 175 175 LEU LEU A . n 
A 1 135 GLU 135 176 176 GLU GLU A . n 
A 1 136 ALA 136 177 177 ALA ALA A . n 
A 1 137 TRP 137 178 178 TRP TRP A . n 
A 1 138 VAL 138 179 179 VAL VAL A . n 
A 1 139 GLY 139 180 180 GLY GLY A . n 
A 1 140 ARG 140 181 181 ARG ARG A . n 
A 1 141 ASP 141 182 182 ASP ASP A . n 
A 1 142 ARG 142 183 183 ARG ARG A . n 
A 1 143 ALA 143 184 184 ALA ALA A . n 
A 1 144 SER 144 185 185 SER SER A . n 
A 1 145 TYR 145 186 186 TYR TYR A . n 
A 1 146 GLU 146 187 187 GLU GLU A . n 
A 1 147 ALA 147 188 188 ALA ALA A . n 
A 1 148 ARG 148 189 189 ARG ARG A . n 
A 1 149 GLU 149 190 190 GLU GLU A . n 
A 1 150 ARG 150 191 191 ARG ARG A . n 
A 1 151 HIS 151 192 192 HIS HIS A . n 
A 1 152 VAL 152 193 193 VAL VAL A . n 
A 1 153 ALA 153 194 194 ALA ALA A . n 
A 1 154 GLU 154 195 195 GLU GLU A . n 
A 1 155 ARG 155 196 196 ARG ARG A . n 
A 1 156 LEU 156 197 197 LEU LEU A . n 
A 1 157 LEU 157 198 198 LEU LEU A . n 
A 1 158 MET 158 199 199 MET MET A . n 
A 1 159 HIS 159 200 200 HIS HIS A . n 
A 1 160 LEU 160 201 201 LEU LEU A . n 
A 1 161 GLU 161 202 202 GLU GLU A . n 
A 1 162 GLU 162 203 203 GLU GLU A . n 
A 1 163 MET 163 204 204 MET MET A . n 
A 1 164 GLN 164 205 205 GLN GLN A . n 
A 1 165 HIS 165 206 206 HIS HIS A . n 
A 1 166 THR 166 207 207 THR THR A . n 
A 1 167 ILE 167 208 208 ILE ILE A . n 
A 1 168 SER 168 209 209 SER SER A . n 
A 1 169 THR 169 210 210 THR THR A . n 
A 1 170 ASP 170 211 211 ASP ASP A . n 
A 1 171 GLU 171 212 212 GLU GLU A . n 
A 1 172 GLU 172 213 213 GLU GLU A . n 
A 1 173 LYS 173 214 214 LYS LYS A . n 
A 1 174 SER 174 215 215 SER SER A . n 
A 1 175 ALA 175 216 216 ALA ALA A . n 
A 1 176 ALA 176 217 217 ALA ALA A . n 
A 1 177 VAL 177 218 218 VAL VAL A . n 
A 1 178 VAL 178 219 219 VAL VAL A . n 
A 1 179 ASN 179 220 220 ASN ASN A . n 
A 1 180 ALA 180 221 221 ALA ALA A . n 
A 1 181 ILE 181 222 222 ILE ILE A . n 
A 1 182 GLY 182 223 223 GLY GLY A . n 
A 1 183 LEU 183 224 224 LEU LEU A . n 
A 1 184 TYR 184 225 225 TYR TYR A . n 
A 1 185 MET 185 226 226 MET MET A . n 
A 1 186 ARG 186 227 227 ARG ARG A . n 
A 1 187 HIS 187 228 228 HIS HIS A . n 
A 1 188 LEU 188 229 229 LEU LEU A . n 
A 1 189 GLY 189 230 230 GLY GLY A . n 
A 1 190 VAL 190 231 231 VAL VAL A . n 
A 1 191 ARG 191 232 232 ARG ARG A . n 
A 1 192 THR 192 233 233 THR THR A . n 
A 1 193 LYS 193 234 ?   ?   ?   A . n 
A 1 194 SER 194 235 ?   ?   ?   A . n 
A 1 195 GLY 195 236 ?   ?   ?   A . n 
A 1 196 ASP 196 237 ?   ?   ?   A . n 
A 1 197 LYS 197 238 ?   ?   ?   A . n 
A 1 198 LYS 198 239 ?   ?   ?   A . n 
A 1 199 SER 199 240 ?   ?   ?   A . n 
A 1 200 GLY 200 241 ?   ?   ?   A . n 
A 1 201 ARG 201 242 ?   ?   ?   A . n 
A 1 202 ASN 202 243 ?   ?   ?   A . n 
A 1 203 PHE 203 244 ?   ?   ?   A . n 
A 1 204 PHE 204 245 ?   ?   ?   A . n 
A 1 205 ARG 205 246 ?   ?   ?   A . n 
A 1 206 LYS 206 247 ?   ?   ?   A . n 
A 1 207 LYS 207 248 ?   ?   ?   A . n 
A 1 208 VAL 208 249 ?   ?   ?   A . n 
A 1 209 MET 209 250 ?   ?   ?   A . n 
A 1 210 GLY 210 251 ?   ?   ?   A . n 
A 1 211 ASN 211 252 ?   ?   ?   A . n 
# 
loop_
_pdbx_nonpoly_scheme.asym_id 
_pdbx_nonpoly_scheme.entity_id 
_pdbx_nonpoly_scheme.mon_id 
_pdbx_nonpoly_scheme.ndb_seq_num 
_pdbx_nonpoly_scheme.pdb_seq_num 
_pdbx_nonpoly_scheme.auth_seq_num 
_pdbx_nonpoly_scheme.pdb_mon_id 
_pdbx_nonpoly_scheme.auth_mon_id 
_pdbx_nonpoly_scheme.pdb_strand_id 
_pdbx_nonpoly_scheme.pdb_ins_code 
B 2 HOH 1  301 301 HOH HOH A . 
B 2 HOH 2  302 302 HOH HOH A . 
B 2 HOH 3  303 303 HOH HOH A . 
B 2 HOH 4  304 304 HOH HOH A . 
B 2 HOH 5  305 305 HOH HOH A . 
B 2 HOH 6  306 306 HOH HOH A . 
B 2 HOH 7  307 307 HOH HOH A . 
B 2 HOH 8  308 308 HOH HOH A . 
B 2 HOH 9  309 309 HOH HOH A . 
B 2 HOH 10 310 310 HOH HOH A . 
B 2 HOH 11 311 311 HOH HOH A . 
B 2 HOH 12 312 312 HOH HOH A . 
B 2 HOH 13 313 313 HOH HOH A . 
B 2 HOH 14 314 314 HOH HOH A . 
B 2 HOH 15 315 315 HOH HOH A . 
B 2 HOH 16 316 316 HOH HOH A . 
B 2 HOH 17 317 317 HOH HOH A . 
B 2 HOH 18 318 318 HOH HOH A . 
B 2 HOH 19 319 319 HOH HOH A . 
B 2 HOH 20 320 320 HOH HOH A . 
B 2 HOH 21 321 321 HOH HOH A . 
B 2 HOH 22 322 322 HOH HOH A . 
B 2 HOH 23 323 323 HOH HOH A . 
B 2 HOH 24 324 324 HOH HOH A . 
B 2 HOH 25 325 325 HOH HOH A . 
B 2 HOH 26 326 326 HOH HOH A . 
B 2 HOH 27 327 327 HOH HOH A . 
B 2 HOH 28 328 328 HOH HOH A . 
B 2 HOH 29 329 329 HOH HOH A . 
B 2 HOH 30 330 330 HOH HOH A . 
B 2 HOH 31 331 331 HOH HOH A . 
B 2 HOH 32 332 332 HOH HOH A . 
B 2 HOH 33 333 333 HOH HOH A . 
B 2 HOH 34 334 334 HOH HOH A . 
B 2 HOH 35 335 335 HOH HOH A . 
B 2 HOH 36 336 336 HOH HOH A . 
B 2 HOH 37 337 337 HOH HOH A . 
B 2 HOH 38 338 338 HOH HOH A . 
B 2 HOH 39 339 339 HOH HOH A . 
B 2 HOH 40 340 340 HOH HOH A . 
B 2 HOH 41 341 341 HOH HOH A . 
B 2 HOH 42 342 342 HOH HOH A . 
B 2 HOH 43 343 343 HOH HOH A . 
B 2 HOH 44 344 344 HOH HOH A . 
B 2 HOH 45 345 345 HOH HOH A . 
B 2 HOH 46 346 346 HOH HOH A . 
B 2 HOH 47 347 347 HOH HOH A . 
B 2 HOH 48 348 348 HOH HOH A . 
B 2 HOH 49 349 349 HOH HOH A . 
B 2 HOH 50 350 350 HOH HOH A . 
B 2 HOH 51 351 351 HOH HOH A . 
B 2 HOH 52 352 352 HOH HOH A . 
B 2 HOH 53 353 353 HOH HOH A . 
B 2 HOH 54 354 354 HOH HOH A . 
B 2 HOH 55 355 355 HOH HOH A . 
B 2 HOH 56 356 356 HOH HOH A . 
B 2 HOH 57 357 357 HOH HOH A . 
B 2 HOH 58 358 358 HOH HOH A . 
B 2 HOH 59 359 359 HOH HOH A . 
B 2 HOH 60 360 360 HOH HOH A . 
B 2 HOH 61 361 361 HOH HOH A . 
B 2 HOH 62 362 362 HOH HOH A . 
B 2 HOH 63 363 363 HOH HOH A . 
B 2 HOH 64 364 364 HOH HOH A . 
B 2 HOH 65 365 365 HOH HOH A . 
B 2 HOH 66 366 366 HOH HOH A . 
B 2 HOH 67 367 367 HOH HOH A . 
B 2 HOH 68 368 368 HOH HOH A . 
B 2 HOH 69 369 369 HOH HOH A . 
B 2 HOH 70 370 370 HOH HOH A . 
B 2 HOH 71 371 371 HOH HOH A . 
B 2 HOH 72 372 372 HOH HOH A . 
B 2 HOH 73 373 373 HOH HOH A . 
B 2 HOH 74 374 374 HOH HOH A . 
B 2 HOH 75 375 375 HOH HOH A . 
B 2 HOH 76 376 376 HOH HOH A . 
B 2 HOH 77 377 377 HOH HOH A . 
B 2 HOH 78 378 378 HOH HOH A . 
B 2 HOH 79 379 379 HOH HOH A . 
B 2 HOH 80 380 380 HOH HOH A . 
B 2 HOH 81 381 381 HOH HOH A . 
B 2 HOH 82 382 382 HOH HOH A . 
B 2 HOH 83 383 383 HOH HOH A . 
B 2 HOH 84 384 384 HOH HOH A . 
B 2 HOH 85 385 385 HOH HOH A . 
B 2 HOH 86 386 386 HOH HOH A . 
B 2 HOH 87 387 387 HOH HOH A . 
B 2 HOH 88 388 388 HOH HOH A . 
B 2 HOH 89 389 389 HOH HOH A . 
B 2 HOH 90 390 390 HOH HOH A . 
B 2 HOH 91 391 391 HOH HOH A . 
# 
loop_
_software.name 
_software.classification 
_software.version 
_software.citation_id 
_software.pdbx_ordinal 
AMoRE     phasing          .   ? 1 
CNS       refinement       0.9 ? 2 
DENZO     'data reduction' .   ? 3 
SCALEPACK 'data scaling'   .   ? 4 
# 
_cell.entry_id           1IAP 
_cell.length_a           36.859 
_cell.length_b           37.432 
_cell.length_c           128.171 
_cell.angle_alpha        90.00 
_cell.angle_beta         90.00 
_cell.angle_gamma        90.00 
_cell.Z_PDB              4 
_cell.pdbx_unique_axis   ? 
# 
_symmetry.entry_id                         1IAP 
_symmetry.space_group_name_H-M             'P 21 21 21' 
_symmetry.pdbx_full_space_group_name_H-M   ? 
_symmetry.cell_setting                     ? 
_symmetry.Int_Tables_number                19 
# 
_exptl.entry_id          1IAP 
_exptl.method            'X-RAY DIFFRACTION' 
_exptl.crystals_number   1 
# 
_exptl_crystal.id                    1 
_exptl_crystal.density_meas          ? 
_exptl_crystal.density_Matthews      1.73 
_exptl_crystal.density_percent_sol   28.3 
_exptl_crystal.description           ? 
# 
_exptl_crystal_grow.crystal_id      1 
_exptl_crystal_grow.method          'VAPOR DIFFUSION, HANGING DROP' 
_exptl_crystal_grow.temp            293.0 
_exptl_crystal_grow.temp_details    ? 
_exptl_crystal_grow.pH              9.5 
_exptl_crystal_grow.pdbx_details    'PEG 3350, ammonium formate, CHES, pH 9.5, VAPOR DIFFUSION, HANGING DROP, temperature 293.0K' 
_exptl_crystal_grow.pdbx_pH_range   . 
# 
_diffrn.id                     1 
_diffrn.ambient_temp           100.0 
_diffrn.ambient_temp_details   ? 
_diffrn.crystal_id             1 
# 
_diffrn_detector.diffrn_id              1 
_diffrn_detector.detector               CCD 
_diffrn_detector.type                   'ADSC QUANTUM 4' 
_diffrn_detector.pdbx_collection_date   2001-01-01 
_diffrn_detector.details                ? 
# 
_diffrn_radiation.diffrn_id                        1 
_diffrn_radiation.wavelength_id                    1 
_diffrn_radiation.pdbx_monochromatic_or_laue_m_l   M 
_diffrn_radiation.monochromator                    ? 
_diffrn_radiation.pdbx_diffrn_protocol             'SINGLE WAVELENGTH' 
_diffrn_radiation.pdbx_scattering_type             x-ray 
# 
_diffrn_radiation_wavelength.id           1 
_diffrn_radiation_wavelength.wavelength   0.9760 
_diffrn_radiation_wavelength.wt           1.0 
# 
_diffrn_source.diffrn_id                   1 
_diffrn_source.source                      SYNCHROTRON 
_diffrn_source.type                        'ALS BEAMLINE 5.0.2' 
_diffrn_source.pdbx_synchrotron_site       ALS 
_diffrn_source.pdbx_synchrotron_beamline   5.0.2 
_diffrn_source.pdbx_wavelength             ? 
_diffrn_source.pdbx_wavelength_list        0.9760 
# 
_reflns.entry_id                     1IAP 
_reflns.observed_criterion_sigma_I   0.0 
_reflns.observed_criterion_sigma_F   0.0 
_reflns.d_resolution_low             16.0 
_reflns.d_resolution_high            1.9 
_reflns.number_obs                   13303 
_reflns.number_all                   14781 
_reflns.percent_possible_obs         90.0 
_reflns.pdbx_Rmerge_I_obs            0.1200000 
_reflns.pdbx_Rsym_value              0.1200000 
_reflns.pdbx_netI_over_sigmaI        12.1 
_reflns.B_iso_Wilson_estimate        18.6 
_reflns.pdbx_redundancy              3.8 
_reflns.R_free_details               ? 
_reflns.limit_h_max                  ? 
_reflns.limit_h_min                  ? 
_reflns.limit_k_max                  ? 
_reflns.limit_k_min                  ? 
_reflns.limit_l_max                  ? 
_reflns.limit_l_min                  ? 
_reflns.observed_criterion_F_max     ? 
_reflns.observed_criterion_F_min     ? 
_reflns.pdbx_diffrn_id               1 
_reflns.pdbx_ordinal                 1 
# 
_reflns_shell.d_res_high             1.90 
_reflns_shell.d_res_low              1.97 
_reflns_shell.percent_possible_all   79.6 
_reflns_shell.Rmerge_I_obs           0.4850000 
_reflns_shell.pdbx_Rsym_value        0.4850000 
_reflns_shell.meanI_over_sigI_obs    4.8 
_reflns_shell.pdbx_redundancy        3.4 
_reflns_shell.percent_possible_obs   ? 
_reflns_shell.number_unique_all      1152 
_reflns_shell.pdbx_diffrn_id         ? 
_reflns_shell.pdbx_ordinal           1 
# 
_refine.entry_id                                 1IAP 
_refine.ls_number_reflns_obs                     13175 
_refine.ls_number_reflns_all                     14639 
_refine.pdbx_ls_sigma_I                          0.0 
_refine.pdbx_ls_sigma_F                          0.0 
_refine.pdbx_data_cutoff_high_absF               1423020.44 
_refine.pdbx_data_cutoff_low_absF                0.00 
_refine.ls_d_res_low                             15.55 
_refine.ls_d_res_high                            1.90 
_refine.ls_percent_reflns_obs                    90.0 
_refine.ls_R_factor_obs                          0.2190000 
_refine.ls_R_factor_all                          0.2400000 
_refine.ls_R_factor_R_work                       0.2190000 
_refine.ls_R_factor_R_free                       0.2750000 
_refine.ls_R_factor_R_free_error                 0.007 
_refine.ls_R_factor_R_free_error_details         ? 
_refine.ls_percent_reflns_R_free                 10.3 
_refine.ls_number_reflns_R_free                  1352 
_refine.ls_number_parameters                     ? 
_refine.ls_number_restraints                     ? 
_refine.occupancy_min                            ? 
_refine.occupancy_max                            ? 
_refine.B_iso_mean                               33.0 
_refine.aniso_B[1][1]                            11.72 
_refine.aniso_B[2][2]                            -3.48 
_refine.aniso_B[3][3]                            -8.24 
_refine.aniso_B[1][2]                            0.00 
_refine.aniso_B[1][3]                            0.00 
_refine.aniso_B[2][3]                            0.00 
_refine.solvent_model_details                    'FLAT MODEL' 
_refine.solvent_model_param_ksol                 0.364 
_refine.solvent_model_param_bsol                 48.57 
_refine.pdbx_ls_cross_valid_method               THROUGHOUT 
_refine.details                                  ? 
_refine.pdbx_starting_model                      
;SE-MET STRUCTURE OF THE SAME PROTEIN SOLVED BY MAD PHASING FROM A FOUR-WAVELENGTH MAD DATASET COLLECTED AT CHESS F2 BEAMLINE (UNPUBLISHED DATA)
;
_refine.pdbx_method_to_determine_struct          'MOLECULAR REPLACEMENT' 
_refine.pdbx_isotropic_thermal_model             RESTRAINED 
_refine.pdbx_stereochemistry_target_values       'Engh & Huber' 
_refine.pdbx_stereochem_target_val_spec_case     ? 
_refine.pdbx_R_Free_selection_details            RANDOM 
_refine.pdbx_overall_ESU_R_Free                  ? 
_refine.overall_SU_B                             ? 
_refine.ls_redundancy_reflns_obs                 ? 
_refine.B_iso_min                                ? 
_refine.B_iso_max                                ? 
_refine.correlation_coeff_Fo_to_Fc               ? 
_refine.correlation_coeff_Fo_to_Fc_free          ? 
_refine.overall_SU_R_Cruickshank_DPI             ? 
_refine.overall_SU_R_free                        ? 
_refine.overall_SU_ML                            ? 
_refine.pdbx_overall_ESU_R                       ? 
_refine.pdbx_data_cutoff_high_rms_absF           ? 
_refine.pdbx_refine_id                           'X-RAY DIFFRACTION' 
_refine.pdbx_diffrn_id                           1 
_refine.pdbx_TLS_residual_ADP_flag               ? 
_refine.pdbx_solvent_vdw_probe_radii             ? 
_refine.pdbx_solvent_ion_probe_radii             ? 
_refine.pdbx_solvent_shrinkage_radii             ? 
_refine.pdbx_overall_phase_error                 ? 
_refine.pdbx_overall_SU_R_free_Cruickshank_DPI   ? 
_refine.pdbx_overall_SU_R_Blow_DPI               ? 
_refine.pdbx_overall_SU_R_free_Blow_DPI          ? 
# 
_refine_analyze.entry_id                        1IAP 
_refine_analyze.Luzzati_coordinate_error_obs    0.24 
_refine_analyze.Luzzati_sigma_a_obs             0.36 
_refine_analyze.Luzzati_d_res_low_obs           5.00 
_refine_analyze.Luzzati_coordinate_error_free   0.31 
_refine_analyze.Luzzati_sigma_a_free            0.27 
_refine_analyze.Luzzati_d_res_low_free          ? 
_refine_analyze.number_disordered_residues      ? 
_refine_analyze.occupancy_sum_hydrogen          ? 
_refine_analyze.occupancy_sum_non_hydrogen      ? 
_refine_analyze.pdbx_Luzzati_d_res_high_obs     ? 
_refine_analyze.pdbx_refine_id                  'X-RAY DIFFRACTION' 
# 
_refine_hist.pdbx_refine_id                   'X-RAY DIFFRACTION' 
_refine_hist.cycle_id                         LAST 
_refine_hist.pdbx_number_atoms_protein        1534 
_refine_hist.pdbx_number_atoms_nucleic_acid   0 
_refine_hist.pdbx_number_atoms_ligand         0 
_refine_hist.number_atoms_solvent             91 
_refine_hist.number_atoms_total               1625 
_refine_hist.d_res_high                       1.90 
_refine_hist.d_res_low                        15.55 
# 
loop_
_refine_ls_restr.type 
_refine_ls_restr.dev_ideal 
_refine_ls_restr.dev_ideal_target 
_refine_ls_restr.weight 
_refine_ls_restr.number 
_refine_ls_restr.pdbx_refine_id 
_refine_ls_restr.pdbx_restraint_function 
c_bond_d           0.005 ? ? ? 'X-RAY DIFFRACTION' ? 
c_angle_deg        1.0   ? ? ? 'X-RAY DIFFRACTION' ? 
c_dihedral_angle_d 20.0  ? ? ? 'X-RAY DIFFRACTION' ? 
c_improper_angle_d 0.98  ? ? ? 'X-RAY DIFFRACTION' ? 
# 
_refine_ls_shell.pdbx_total_number_of_bins_used   6 
_refine_ls_shell.d_res_high                       1.90 
_refine_ls_shell.d_res_low                        2.02 
_refine_ls_shell.number_reflns_R_work             1754 
_refine_ls_shell.R_factor_R_work                  0.3040000 
_refine_ls_shell.percent_reflns_obs               81.1 
_refine_ls_shell.R_factor_R_free                  0.3390000 
_refine_ls_shell.R_factor_R_free_error            0.025 
_refine_ls_shell.percent_reflns_R_free            9.4 
_refine_ls_shell.number_reflns_R_free             181 
_refine_ls_shell.number_reflns_obs                1965 
_refine_ls_shell.redundancy_reflns_obs            ? 
_refine_ls_shell.number_reflns_all                ? 
_refine_ls_shell.pdbx_refine_id                   'X-RAY DIFFRACTION' 
_refine_ls_shell.R_factor_all                     ? 
# 
loop_
_pdbx_xplor_file.serial_no 
_pdbx_xplor_file.param_file 
_pdbx_xplor_file.topol_file 
_pdbx_xplor_file.pdbx_refine_id 
1 PROTEIN_REP.PARAM PROTEIN.TOP 'X-RAY DIFFRACTION' 
2 WATER_REP.PARAM   WATER.TOP   'X-RAY DIFFRACTION' 
# 
_struct.entry_id                  1IAP 
_struct.title                     'CRYSTAL STRUCTURE OF P115RHOGEF RGRGS DOMAIN' 
_struct.pdbx_model_details        ? 
_struct.pdbx_CASP_flag            ? 
_struct.pdbx_model_type_details   ? 
# 
_struct_keywords.entry_id        1IAP 
_struct_keywords.pdbx_keywords   'SIGNALING PROTEIN' 
_struct_keywords.text            'p115, RhoGEF, RGS, RGRGS, signaling protein' 
# 
loop_
_struct_asym.id 
_struct_asym.pdbx_blank_PDB_chainid_flag 
_struct_asym.pdbx_modified 
_struct_asym.entity_id 
_struct_asym.details 
A N N 1 ? 
B N N 2 ? 
# 
_struct_ref.id                         1 
_struct_ref.db_name                    UNP 
_struct_ref.db_code                    ARHG1_HUMAN 
_struct_ref.entity_id                  1 
_struct_ref.pdbx_seq_one_letter_code   
;QNSQFQSLEQVKRRPAHLMALLQHVALQFEPGPLLCCLHADMLGSLGPKEAKKAFLDFYHSFLEKTAVLRVPVPPNVAFE
LDRTRADLISEDVQRRFVQEVVQSQQVAVGRQLEDFRSKRLMGMTPWEQELAQLEAWVGRDRASYEARERHVAERLLMHL
EEMQHTISTDEEKSAAVVNAIGLYMRHLGVRTKSGDKKSGRNFFRKKVMGN
;
_struct_ref.pdbx_align_begin           42 
_struct_ref.pdbx_db_accession          Q92888 
_struct_ref.pdbx_db_isoform            ? 
# 
_struct_ref_seq.align_id                      1 
_struct_ref_seq.ref_id                        1 
_struct_ref_seq.pdbx_PDB_id_code              1IAP 
_struct_ref_seq.pdbx_strand_id                A 
_struct_ref_seq.seq_align_beg                 1 
_struct_ref_seq.pdbx_seq_align_beg_ins_code   ? 
_struct_ref_seq.seq_align_end                 211 
_struct_ref_seq.pdbx_seq_align_end_ins_code   ? 
_struct_ref_seq.pdbx_db_accession             Q92888 
_struct_ref_seq.db_align_beg                  42 
_struct_ref_seq.pdbx_db_align_beg_ins_code    ? 
_struct_ref_seq.db_align_end                  252 
_struct_ref_seq.pdbx_db_align_end_ins_code    ? 
_struct_ref_seq.pdbx_auth_seq_align_beg       42 
_struct_ref_seq.pdbx_auth_seq_align_end       252 
# 
_pdbx_struct_assembly.id                   1 
_pdbx_struct_assembly.details              author_defined_assembly 
_pdbx_struct_assembly.method_details       ? 
_pdbx_struct_assembly.oligomeric_details   monomeric 
_pdbx_struct_assembly.oligomeric_count     1 
# 
_pdbx_struct_assembly_gen.assembly_id       1 
_pdbx_struct_assembly_gen.oper_expression   1 
_pdbx_struct_assembly_gen.asym_id_list      A,B 
# 
_pdbx_struct_oper_list.id                   1 
_pdbx_struct_oper_list.type                 'identity operation' 
_pdbx_struct_oper_list.name                 1_555 
_pdbx_struct_oper_list.symmetry_operation   x,y,z 
_pdbx_struct_oper_list.matrix[1][1]         1.0000000000 
_pdbx_struct_oper_list.matrix[1][2]         0.0000000000 
_pdbx_struct_oper_list.matrix[1][3]         0.0000000000 
_pdbx_struct_oper_list.vector[1]            0.0000000000 
_pdbx_struct_oper_list.matrix[2][1]         0.0000000000 
_pdbx_struct_oper_list.matrix[2][2]         1.0000000000 
_pdbx_struct_oper_list.matrix[2][3]         0.0000000000 
_pdbx_struct_oper_list.vector[2]            0.0000000000 
_pdbx_struct_oper_list.matrix[3][1]         0.0000000000 
_pdbx_struct_oper_list.matrix[3][2]         0.0000000000 
_pdbx_struct_oper_list.matrix[3][3]         1.0000000000 
_pdbx_struct_oper_list.vector[3]            0.0000000000 
# 
_struct_biol.id                    1 
_struct_biol.pdbx_parent_biol_id   ? 
_struct_biol.details               ? 
# 
loop_
_struct_conf.conf_type_id 
_struct_conf.id 
_struct_conf.pdbx_PDB_helix_id 
_struct_conf.beg_label_comp_id 
_struct_conf.beg_label_asym_id 
_struct_conf.beg_label_seq_id 
_struct_conf.pdbx_beg_PDB_ins_code 
_struct_conf.end_label_comp_id 
_struct_conf.end_label_asym_id 
_struct_conf.end_label_seq_id 
_struct_conf.pdbx_end_PDB_ins_code 
_struct_conf.beg_auth_comp_id 
_struct_conf.beg_auth_asym_id 
_struct_conf.beg_auth_seq_id 
_struct_conf.end_auth_comp_id 
_struct_conf.end_auth_asym_id 
_struct_conf.end_auth_seq_id 
_struct_conf.pdbx_PDB_helix_class 
_struct_conf.details 
_struct_conf.pdbx_PDB_helix_length 
HELX_P HELX_P1  1  SER A 7   ? LYS A 12  ? SER A 48  LYS A 53  1 ? 6  
HELX_P HELX_P2  2  ARG A 14  ? PHE A 29  ? ARG A 55  PHE A 70  1 ? 16 
HELX_P HELX_P3  3  PRO A 31  ? GLY A 44  ? PRO A 72  GLY A 85  1 ? 14 
HELX_P HELX_P4  4  GLY A 47  ? LEU A 63  ? GLY A 88  LEU A 104 1 ? 17 
HELX_P HELX_P5  5  PRO A 74  ? ASP A 82  ? PRO A 115 ASP A 123 1 ? 9  
HELX_P HELX_P6  6  SER A 90  ? SER A 104 ? SER A 131 SER A 145 1 ? 15 
HELX_P HELX_P7  7  GLN A 105 ? MET A 122 ? GLN A 146 MET A 163 1 ? 18 
HELX_P HELX_P8  8  TRP A 127 ? ALA A 136 ? TRP A 168 ALA A 177 1 ? 10 
HELX_P HELX_P9  9  ASP A 141 ? MET A 163 ? ASP A 182 MET A 204 1 ? 23 
HELX_P HELX_P10 10 GLN A 164 ? ILE A 167 ? GLN A 205 ILE A 208 5 ? 4  
HELX_P HELX_P11 11 ASP A 170 ? LEU A 188 ? ASP A 211 LEU A 229 1 ? 19 
# 
_struct_conf_type.id          HELX_P 
_struct_conf_type.criteria    ? 
_struct_conf_type.reference   ? 
# 
loop_
_pdbx_unobs_or_zero_occ_residues.id 
_pdbx_unobs_or_zero_occ_residues.PDB_model_num 
_pdbx_unobs_or_zero_occ_residues.polymer_flag 
_pdbx_unobs_or_zero_occ_residues.occupancy_flag 
_pdbx_unobs_or_zero_occ_residues.auth_asym_id 
_pdbx_unobs_or_zero_occ_residues.auth_comp_id 
_pdbx_unobs_or_zero_occ_residues.auth_seq_id 
_pdbx_unobs_or_zero_occ_residues.PDB_ins_code 
_pdbx_unobs_or_zero_occ_residues.label_asym_id 
_pdbx_unobs_or_zero_occ_residues.label_comp_id 
_pdbx_unobs_or_zero_occ_residues.label_seq_id 
1  1 Y 1 A GLN 42  ? A GLN 1   
2  1 Y 1 A ASN 43  ? A ASN 2   
3  1 Y 1 A LYS 234 ? A LYS 193 
4  1 Y 1 A SER 235 ? A SER 194 
5  1 Y 1 A GLY 236 ? A GLY 195 
6  1 Y 1 A ASP 237 ? A ASP 196 
7  1 Y 1 A LYS 238 ? A LYS 197 
8  1 Y 1 A LYS 239 ? A LYS 198 
9  1 Y 1 A SER 240 ? A SER 199 
10 1 Y 1 A GLY 241 ? A GLY 200 
11 1 Y 1 A ARG 242 ? A ARG 201 
12 1 Y 1 A ASN 243 ? A ASN 202 
13 1 Y 1 A PHE 244 ? A PHE 203 
14 1 Y 1 A PHE 245 ? A PHE 204 
15 1 Y 1 A ARG 246 ? A ARG 205 
16 1 Y 1 A LYS 247 ? A LYS 206 
17 1 Y 1 A LYS 248 ? A LYS 207 
18 1 Y 1 A VAL 249 ? A VAL 208 
19 1 Y 1 A MET 250 ? A MET 209 
20 1 Y 1 A GLY 251 ? A GLY 210 
21 1 Y 1 A ASN 252 ? A ASN 211 
# 
loop_
_chem_comp_atom.comp_id 
_chem_comp_atom.atom_id 
_chem_comp_atom.type_symbol 
_chem_comp_atom.pdbx_aromatic_flag 
_chem_comp_atom.pdbx_stereo_config 
_chem_comp_atom.pdbx_ordinal 
ALA N    N N N 1   
ALA CA   C N S 2   
ALA C    C N N 3   
ALA O    O N N 4   
ALA CB   C N N 5   
ALA OXT  O N N 6   
ALA H    H N N 7   
ALA H2   H N N 8   
ALA HA   H N N 9   
ALA HB1  H N N 10  
ALA HB2  H N N 11  
ALA HB3  H N N 12  
ALA HXT  H N N 13  
ARG N    N N N 14  
ARG CA   C N S 15  
ARG C    C N N 16  
ARG O    O N N 17  
ARG CB   C N N 18  
ARG CG   C N N 19  
ARG CD   C N N 20  
ARG NE   N N N 21  
ARG CZ   C N N 22  
ARG NH1  N N N 23  
ARG NH2  N N N 24  
ARG OXT  O N N 25  
ARG H    H N N 26  
ARG H2   H N N 27  
ARG HA   H N N 28  
ARG HB2  H N N 29  
ARG HB3  H N N 30  
ARG HG2  H N N 31  
ARG HG3  H N N 32  
ARG HD2  H N N 33  
ARG HD3  H N N 34  
ARG HE   H N N 35  
ARG HH11 H N N 36  
ARG HH12 H N N 37  
ARG HH21 H N N 38  
ARG HH22 H N N 39  
ARG HXT  H N N 40  
ASN N    N N N 41  
ASN CA   C N S 42  
ASN C    C N N 43  
ASN O    O N N 44  
ASN CB   C N N 45  
ASN CG   C N N 46  
ASN OD1  O N N 47  
ASN ND2  N N N 48  
ASN OXT  O N N 49  
ASN H    H N N 50  
ASN H2   H N N 51  
ASN HA   H N N 52  
ASN HB2  H N N 53  
ASN HB3  H N N 54  
ASN HD21 H N N 55  
ASN HD22 H N N 56  
ASN HXT  H N N 57  
ASP N    N N N 58  
ASP CA   C N S 59  
ASP C    C N N 60  
ASP O    O N N 61  
ASP CB   C N N 62  
ASP CG   C N N 63  
ASP OD1  O N N 64  
ASP OD2  O N N 65  
ASP OXT  O N N 66  
ASP H    H N N 67  
ASP H2   H N N 68  
ASP HA   H N N 69  
ASP HB2  H N N 70  
ASP HB3  H N N 71  
ASP HD2  H N N 72  
ASP HXT  H N N 73  
CYS N    N N N 74  
CYS CA   C N R 75  
CYS C    C N N 76  
CYS O    O N N 77  
CYS CB   C N N 78  
CYS SG   S N N 79  
CYS OXT  O N N 80  
CYS H    H N N 81  
CYS H2   H N N 82  
CYS HA   H N N 83  
CYS HB2  H N N 84  
CYS HB3  H N N 85  
CYS HG   H N N 86  
CYS HXT  H N N 87  
GLN N    N N N 88  
GLN CA   C N S 89  
GLN C    C N N 90  
GLN O    O N N 91  
GLN CB   C N N 92  
GLN CG   C N N 93  
GLN CD   C N N 94  
GLN OE1  O N N 95  
GLN NE2  N N N 96  
GLN OXT  O N N 97  
GLN H    H N N 98  
GLN H2   H N N 99  
GLN HA   H N N 100 
GLN HB2  H N N 101 
GLN HB3  H N N 102 
GLN HG2  H N N 103 
GLN HG3  H N N 104 
GLN HE21 H N N 105 
GLN HE22 H N N 106 
GLN HXT  H N N 107 
GLU N    N N N 108 
GLU CA   C N S 109 
GLU C    C N N 110 
GLU O    O N N 111 
GLU CB   C N N 112 
GLU CG   C N N 113 
GLU CD   C N N 114 
GLU OE1  O N N 115 
GLU OE2  O N N 116 
GLU OXT  O N N 117 
GLU H    H N N 118 
GLU H2   H N N 119 
GLU HA   H N N 120 
GLU HB2  H N N 121 
GLU HB3  H N N 122 
GLU HG2  H N N 123 
GLU HG3  H N N 124 
GLU HE2  H N N 125 
GLU HXT  H N N 126 
GLY N    N N N 127 
GLY CA   C N N 128 
GLY C    C N N 129 
GLY O    O N N 130 
GLY OXT  O N N 131 
GLY H    H N N 132 
GLY H2   H N N 133 
GLY HA2  H N N 134 
GLY HA3  H N N 135 
GLY HXT  H N N 136 
HIS N    N N N 137 
HIS CA   C N S 138 
HIS C    C N N 139 
HIS O    O N N 140 
HIS CB   C N N 141 
HIS CG   C Y N 142 
HIS ND1  N Y N 143 
HIS CD2  C Y N 144 
HIS CE1  C Y N 145 
HIS NE2  N Y N 146 
HIS OXT  O N N 147 
HIS H    H N N 148 
HIS H2   H N N 149 
HIS HA   H N N 150 
HIS HB2  H N N 151 
HIS HB3  H N N 152 
HIS HD1  H N N 153 
HIS HD2  H N N 154 
HIS HE1  H N N 155 
HIS HE2  H N N 156 
HIS HXT  H N N 157 
HOH O    O N N 158 
HOH H1   H N N 159 
HOH H2   H N N 160 
ILE N    N N N 161 
ILE CA   C N S 162 
ILE C    C N N 163 
ILE O    O N N 164 
ILE CB   C N S 165 
ILE CG1  C N N 166 
ILE CG2  C N N 167 
ILE CD1  C N N 168 
ILE OXT  O N N 169 
ILE H    H N N 170 
ILE H2   H N N 171 
ILE HA   H N N 172 
ILE HB   H N N 173 
ILE HG12 H N N 174 
ILE HG13 H N N 175 
ILE HG21 H N N 176 
ILE HG22 H N N 177 
ILE HG23 H N N 178 
ILE HD11 H N N 179 
ILE HD12 H N N 180 
ILE HD13 H N N 181 
ILE HXT  H N N 182 
LEU N    N N N 183 
LEU CA   C N S 184 
LEU C    C N N 185 
LEU O    O N N 186 
LEU CB   C N N 187 
LEU CG   C N N 188 
LEU CD1  C N N 189 
LEU CD2  C N N 190 
LEU OXT  O N N 191 
LEU H    H N N 192 
LEU H2   H N N 193 
LEU HA   H N N 194 
LEU HB2  H N N 195 
LEU HB3  H N N 196 
LEU HG   H N N 197 
LEU HD11 H N N 198 
LEU HD12 H N N 199 
LEU HD13 H N N 200 
LEU HD21 H N N 201 
LEU HD22 H N N 202 
LEU HD23 H N N 203 
LEU HXT  H N N 204 
LYS N    N N N 205 
LYS CA   C N S 206 
LYS C    C N N 207 
LYS O    O N N 208 
LYS CB   C N N 209 
LYS CG   C N N 210 
LYS CD   C N N 211 
LYS CE   C N N 212 
LYS NZ   N N N 213 
LYS OXT  O N N 214 
LYS H    H N N 215 
LYS H2   H N N 216 
LYS HA   H N N 217 
LYS HB2  H N N 218 
LYS HB3  H N N 219 
LYS HG2  H N N 220 
LYS HG3  H N N 221 
LYS HD2  H N N 222 
LYS HD3  H N N 223 
LYS HE2  H N N 224 
LYS HE3  H N N 225 
LYS HZ1  H N N 226 
LYS HZ2  H N N 227 
LYS HZ3  H N N 228 
LYS HXT  H N N 229 
MET N    N N N 230 
MET CA   C N S 231 
MET C    C N N 232 
MET O    O N N 233 
MET CB   C N N 234 
MET CG   C N N 235 
MET SD   S N N 236 
MET CE   C N N 237 
MET OXT  O N N 238 
MET H    H N N 239 
MET H2   H N N 240 
MET HA   H N N 241 
MET HB2  H N N 242 
MET HB3  H N N 243 
MET HG2  H N N 244 
MET HG3  H N N 245 
MET HE1  H N N 246 
MET HE2  H N N 247 
MET HE3  H N N 248 
MET HXT  H N N 249 
PHE N    N N N 250 
PHE CA   C N S 251 
PHE C    C N N 252 
PHE O    O N N 253 
PHE CB   C N N 254 
PHE CG   C Y N 255 
PHE CD1  C Y N 256 
PHE CD2  C Y N 257 
PHE CE1  C Y N 258 
PHE CE2  C Y N 259 
PHE CZ   C Y N 260 
PHE OXT  O N N 261 
PHE H    H N N 262 
PHE H2   H N N 263 
PHE HA   H N N 264 
PHE HB2  H N N 265 
PHE HB3  H N N 266 
PHE HD1  H N N 267 
PHE HD2  H N N 268 
PHE HE1  H N N 269 
PHE HE2  H N N 270 
PHE HZ   H N N 271 
PHE HXT  H N N 272 
PRO N    N N N 273 
PRO CA   C N S 274 
PRO C    C N N 275 
PRO O    O N N 276 
PRO CB   C N N 277 
PRO CG   C N N 278 
PRO CD   C N N 279 
PRO OXT  O N N 280 
PRO H    H N N 281 
PRO HA   H N N 282 
PRO HB2  H N N 283 
PRO HB3  H N N 284 
PRO HG2  H N N 285 
PRO HG3  H N N 286 
PRO HD2  H N N 287 
PRO HD3  H N N 288 
PRO HXT  H N N 289 
SER N    N N N 290 
SER CA   C N S 291 
SER C    C N N 292 
SER O    O N N 293 
SER CB   C N N 294 
SER OG   O N N 295 
SER OXT  O N N 296 
SER H    H N N 297 
SER H2   H N N 298 
SER HA   H N N 299 
SER HB2  H N N 300 
SER HB3  H N N 301 
SER HG   H N N 302 
SER HXT  H N N 303 
THR N    N N N 304 
THR CA   C N S 305 
THR C    C N N 306 
THR O    O N N 307 
THR CB   C N R 308 
THR OG1  O N N 309 
THR CG2  C N N 310 
THR OXT  O N N 311 
THR H    H N N 312 
THR H2   H N N 313 
THR HA   H N N 314 
THR HB   H N N 315 
THR HG1  H N N 316 
THR HG21 H N N 317 
THR HG22 H N N 318 
THR HG23 H N N 319 
THR HXT  H N N 320 
TRP N    N N N 321 
TRP CA   C N S 322 
TRP C    C N N 323 
TRP O    O N N 324 
TRP CB   C N N 325 
TRP CG   C Y N 326 
TRP CD1  C Y N 327 
TRP CD2  C Y N 328 
TRP NE1  N Y N 329 
TRP CE2  C Y N 330 
TRP CE3  C Y N 331 
TRP CZ2  C Y N 332 
TRP CZ3  C Y N 333 
TRP CH2  C Y N 334 
TRP OXT  O N N 335 
TRP H    H N N 336 
TRP H2   H N N 337 
TRP HA   H N N 338 
TRP HB2  H N N 339 
TRP HB3  H N N 340 
TRP HD1  H N N 341 
TRP HE1  H N N 342 
TRP HE3  H N N 343 
TRP HZ2  H N N 344 
TRP HZ3  H N N 345 
TRP HH2  H N N 346 
TRP HXT  H N N 347 
TYR N    N N N 348 
TYR CA   C N S 349 
TYR C    C N N 350 
TYR O    O N N 351 
TYR CB   C N N 352 
TYR CG   C Y N 353 
TYR CD1  C Y N 354 
TYR CD2  C Y N 355 
TYR CE1  C Y N 356 
TYR CE2  C Y N 357 
TYR CZ   C Y N 358 
TYR OH   O N N 359 
TYR OXT  O N N 360 
TYR H    H N N 361 
TYR H2   H N N 362 
TYR HA   H N N 363 
TYR HB2  H N N 364 
TYR HB3  H N N 365 
TYR HD1  H N N 366 
TYR HD2  H N N 367 
TYR HE1  H N N 368 
TYR HE2  H N N 369 
TYR HH   H N N 370 
TYR HXT  H N N 371 
VAL N    N N N 372 
VAL CA   C N S 373 
VAL C    C N N 374 
VAL O    O N N 375 
VAL CB   C N N 376 
VAL CG1  C N N 377 
VAL CG2  C N N 378 
VAL OXT  O N N 379 
VAL H    H N N 380 
VAL H2   H N N 381 
VAL HA   H N N 382 
VAL HB   H N N 383 
VAL HG11 H N N 384 
VAL HG12 H N N 385 
VAL HG13 H N N 386 
VAL HG21 H N N 387 
VAL HG22 H N N 388 
VAL HG23 H N N 389 
VAL HXT  H N N 390 
# 
loop_
_chem_comp_bond.comp_id 
_chem_comp_bond.atom_id_1 
_chem_comp_bond.atom_id_2 
_chem_comp_bond.value_order 
_chem_comp_bond.pdbx_aromatic_flag 
_chem_comp_bond.pdbx_stereo_config 
_chem_comp_bond.pdbx_ordinal 
ALA N   CA   sing N N 1   
ALA N   H    sing N N 2   
ALA N   H2   sing N N 3   
ALA CA  C    sing N N 4   
ALA CA  CB   sing N N 5   
ALA CA  HA   sing N N 6   
ALA C   O    doub N N 7   
ALA C   OXT  sing N N 8   
ALA CB  HB1  sing N N 9   
ALA CB  HB2  sing N N 10  
ALA CB  HB3  sing N N 11  
ALA OXT HXT  sing N N 12  
ARG N   CA   sing N N 13  
ARG N   H    sing N N 14  
ARG N   H2   sing N N 15  
ARG CA  C    sing N N 16  
ARG CA  CB   sing N N 17  
ARG CA  HA   sing N N 18  
ARG C   O    doub N N 19  
ARG C   OXT  sing N N 20  
ARG CB  CG   sing N N 21  
ARG CB  HB2  sing N N 22  
ARG CB  HB3  sing N N 23  
ARG CG  CD   sing N N 24  
ARG CG  HG2  sing N N 25  
ARG CG  HG3  sing N N 26  
ARG CD  NE   sing N N 27  
ARG CD  HD2  sing N N 28  
ARG CD  HD3  sing N N 29  
ARG NE  CZ   sing N N 30  
ARG NE  HE   sing N N 31  
ARG CZ  NH1  sing N N 32  
ARG CZ  NH2  doub N N 33  
ARG NH1 HH11 sing N N 34  
ARG NH1 HH12 sing N N 35  
ARG NH2 HH21 sing N N 36  
ARG NH2 HH22 sing N N 37  
ARG OXT HXT  sing N N 38  
ASN N   CA   sing N N 39  
ASN N   H    sing N N 40  
ASN N   H2   sing N N 41  
ASN CA  C    sing N N 42  
ASN CA  CB   sing N N 43  
ASN CA  HA   sing N N 44  
ASN C   O    doub N N 45  
ASN C   OXT  sing N N 46  
ASN CB  CG   sing N N 47  
ASN CB  HB2  sing N N 48  
ASN CB  HB3  sing N N 49  
ASN CG  OD1  doub N N 50  
ASN CG  ND2  sing N N 51  
ASN ND2 HD21 sing N N 52  
ASN ND2 HD22 sing N N 53  
ASN OXT HXT  sing N N 54  
ASP N   CA   sing N N 55  
ASP N   H    sing N N 56  
ASP N   H2   sing N N 57  
ASP CA  C    sing N N 58  
ASP CA  CB   sing N N 59  
ASP CA  HA   sing N N 60  
ASP C   O    doub N N 61  
ASP C   OXT  sing N N 62  
ASP CB  CG   sing N N 63  
ASP CB  HB2  sing N N 64  
ASP CB  HB3  sing N N 65  
ASP CG  OD1  doub N N 66  
ASP CG  OD2  sing N N 67  
ASP OD2 HD2  sing N N 68  
ASP OXT HXT  sing N N 69  
CYS N   CA   sing N N 70  
CYS N   H    sing N N 71  
CYS N   H2   sing N N 72  
CYS CA  C    sing N N 73  
CYS CA  CB   sing N N 74  
CYS CA  HA   sing N N 75  
CYS C   O    doub N N 76  
CYS C   OXT  sing N N 77  
CYS CB  SG   sing N N 78  
CYS CB  HB2  sing N N 79  
CYS CB  HB3  sing N N 80  
CYS SG  HG   sing N N 81  
CYS OXT HXT  sing N N 82  
GLN N   CA   sing N N 83  
GLN N   H    sing N N 84  
GLN N   H2   sing N N 85  
GLN CA  C    sing N N 86  
GLN CA  CB   sing N N 87  
GLN CA  HA   sing N N 88  
GLN C   O    doub N N 89  
GLN C   OXT  sing N N 90  
GLN CB  CG   sing N N 91  
GLN CB  HB2  sing N N 92  
GLN CB  HB3  sing N N 93  
GLN CG  CD   sing N N 94  
GLN CG  HG2  sing N N 95  
GLN CG  HG3  sing N N 96  
GLN CD  OE1  doub N N 97  
GLN CD  NE2  sing N N 98  
GLN NE2 HE21 sing N N 99  
GLN NE2 HE22 sing N N 100 
GLN OXT HXT  sing N N 101 
GLU N   CA   sing N N 102 
GLU N   H    sing N N 103 
GLU N   H2   sing N N 104 
GLU CA  C    sing N N 105 
GLU CA  CB   sing N N 106 
GLU CA  HA   sing N N 107 
GLU C   O    doub N N 108 
GLU C   OXT  sing N N 109 
GLU CB  CG   sing N N 110 
GLU CB  HB2  sing N N 111 
GLU CB  HB3  sing N N 112 
GLU CG  CD   sing N N 113 
GLU CG  HG2  sing N N 114 
GLU CG  HG3  sing N N 115 
GLU CD  OE1  doub N N 116 
GLU CD  OE2  sing N N 117 
GLU OE2 HE2  sing N N 118 
GLU OXT HXT  sing N N 119 
GLY N   CA   sing N N 120 
GLY N   H    sing N N 121 
GLY N   H2   sing N N 122 
GLY CA  C    sing N N 123 
GLY CA  HA2  sing N N 124 
GLY CA  HA3  sing N N 125 
GLY C   O    doub N N 126 
GLY C   OXT  sing N N 127 
GLY OXT HXT  sing N N 128 
HIS N   CA   sing N N 129 
HIS N   H    sing N N 130 
HIS N   H2   sing N N 131 
HIS CA  C    sing N N 132 
HIS CA  CB   sing N N 133 
HIS CA  HA   sing N N 134 
HIS C   O    doub N N 135 
HIS C   OXT  sing N N 136 
HIS CB  CG   sing N N 137 
HIS CB  HB2  sing N N 138 
HIS CB  HB3  sing N N 139 
HIS CG  ND1  sing Y N 140 
HIS CG  CD2  doub Y N 141 
HIS ND1 CE1  doub Y N 142 
HIS ND1 HD1  sing N N 143 
HIS CD2 NE2  sing Y N 144 
HIS CD2 HD2  sing N N 145 
HIS CE1 NE2  sing Y N 146 
HIS CE1 HE1  sing N N 147 
HIS NE2 HE2  sing N N 148 
HIS OXT HXT  sing N N 149 
HOH O   H1   sing N N 150 
HOH O   H2   sing N N 151 
ILE N   CA   sing N N 152 
ILE N   H    sing N N 153 
ILE N   H2   sing N N 154 
ILE CA  C    sing N N 155 
ILE CA  CB   sing N N 156 
ILE CA  HA   sing N N 157 
ILE C   O    doub N N 158 
ILE C   OXT  sing N N 159 
ILE CB  CG1  sing N N 160 
ILE CB  CG2  sing N N 161 
ILE CB  HB   sing N N 162 
ILE CG1 CD1  sing N N 163 
ILE CG1 HG12 sing N N 164 
ILE CG1 HG13 sing N N 165 
ILE CG2 HG21 sing N N 166 
ILE CG2 HG22 sing N N 167 
ILE CG2 HG23 sing N N 168 
ILE CD1 HD11 sing N N 169 
ILE CD1 HD12 sing N N 170 
ILE CD1 HD13 sing N N 171 
ILE OXT HXT  sing N N 172 
LEU N   CA   sing N N 173 
LEU N   H    sing N N 174 
LEU N   H2   sing N N 175 
LEU CA  C    sing N N 176 
LEU CA  CB   sing N N 177 
LEU CA  HA   sing N N 178 
LEU C   O    doub N N 179 
LEU C   OXT  sing N N 180 
LEU CB  CG   sing N N 181 
LEU CB  HB2  sing N N 182 
LEU CB  HB3  sing N N 183 
LEU CG  CD1  sing N N 184 
LEU CG  CD2  sing N N 185 
LEU CG  HG   sing N N 186 
LEU CD1 HD11 sing N N 187 
LEU CD1 HD12 sing N N 188 
LEU CD1 HD13 sing N N 189 
LEU CD2 HD21 sing N N 190 
LEU CD2 HD22 sing N N 191 
LEU CD2 HD23 sing N N 192 
LEU OXT HXT  sing N N 193 
LYS N   CA   sing N N 194 
LYS N   H    sing N N 195 
LYS N   H2   sing N N 196 
LYS CA  C    sing N N 197 
LYS CA  CB   sing N N 198 
LYS CA  HA   sing N N 199 
LYS C   O    doub N N 200 
LYS C   OXT  sing N N 201 
LYS CB  CG   sing N N 202 
LYS CB  HB2  sing N N 203 
LYS CB  HB3  sing N N 204 
LYS CG  CD   sing N N 205 
LYS CG  HG2  sing N N 206 
LYS CG  HG3  sing N N 207 
LYS CD  CE   sing N N 208 
LYS CD  HD2  sing N N 209 
LYS CD  HD3  sing N N 210 
LYS CE  NZ   sing N N 211 
LYS CE  HE2  sing N N 212 
LYS CE  HE3  sing N N 213 
LYS NZ  HZ1  sing N N 214 
LYS NZ  HZ2  sing N N 215 
LYS NZ  HZ3  sing N N 216 
LYS OXT HXT  sing N N 217 
MET N   CA   sing N N 218 
MET N   H    sing N N 219 
MET N   H2   sing N N 220 
MET CA  C    sing N N 221 
MET CA  CB   sing N N 222 
MET CA  HA   sing N N 223 
MET C   O    doub N N 224 
MET C   OXT  sing N N 225 
MET CB  CG   sing N N 226 
MET CB  HB2  sing N N 227 
MET CB  HB3  sing N N 228 
MET CG  SD   sing N N 229 
MET CG  HG2  sing N N 230 
MET CG  HG3  sing N N 231 
MET SD  CE   sing N N 232 
MET CE  HE1  sing N N 233 
MET CE  HE2  sing N N 234 
MET CE  HE3  sing N N 235 
MET OXT HXT  sing N N 236 
PHE N   CA   sing N N 237 
PHE N   H    sing N N 238 
PHE N   H2   sing N N 239 
PHE CA  C    sing N N 240 
PHE CA  CB   sing N N 241 
PHE CA  HA   sing N N 242 
PHE C   O    doub N N 243 
PHE C   OXT  sing N N 244 
PHE CB  CG   sing N N 245 
PHE CB  HB2  sing N N 246 
PHE CB  HB3  sing N N 247 
PHE CG  CD1  doub Y N 248 
PHE CG  CD2  sing Y N 249 
PHE CD1 CE1  sing Y N 250 
PHE CD1 HD1  sing N N 251 
PHE CD2 CE2  doub Y N 252 
PHE CD2 HD2  sing N N 253 
PHE CE1 CZ   doub Y N 254 
PHE CE1 HE1  sing N N 255 
PHE CE2 CZ   sing Y N 256 
PHE CE2 HE2  sing N N 257 
PHE CZ  HZ   sing N N 258 
PHE OXT HXT  sing N N 259 
PRO N   CA   sing N N 260 
PRO N   CD   sing N N 261 
PRO N   H    sing N N 262 
PRO CA  C    sing N N 263 
PRO CA  CB   sing N N 264 
PRO CA  HA   sing N N 265 
PRO C   O    doub N N 266 
PRO C   OXT  sing N N 267 
PRO CB  CG   sing N N 268 
PRO CB  HB2  sing N N 269 
PRO CB  HB3  sing N N 270 
PRO CG  CD   sing N N 271 
PRO CG  HG2  sing N N 272 
PRO CG  HG3  sing N N 273 
PRO CD  HD2  sing N N 274 
PRO CD  HD3  sing N N 275 
PRO OXT HXT  sing N N 276 
SER N   CA   sing N N 277 
SER N   H    sing N N 278 
SER N   H2   sing N N 279 
SER CA  C    sing N N 280 
SER CA  CB   sing N N 281 
SER CA  HA   sing N N 282 
SER C   O    doub N N 283 
SER C   OXT  sing N N 284 
SER CB  OG   sing N N 285 
SER CB  HB2  sing N N 286 
SER CB  HB3  sing N N 287 
SER OG  HG   sing N N 288 
SER OXT HXT  sing N N 289 
THR N   CA   sing N N 290 
THR N   H    sing N N 291 
THR N   H2   sing N N 292 
THR CA  C    sing N N 293 
THR CA  CB   sing N N 294 
THR CA  HA   sing N N 295 
THR C   O    doub N N 296 
THR C   OXT  sing N N 297 
THR CB  OG1  sing N N 298 
THR CB  CG2  sing N N 299 
THR CB  HB   sing N N 300 
THR OG1 HG1  sing N N 301 
THR CG2 HG21 sing N N 302 
THR CG2 HG22 sing N N 303 
THR CG2 HG23 sing N N 304 
THR OXT HXT  sing N N 305 
TRP N   CA   sing N N 306 
TRP N   H    sing N N 307 
TRP N   H2   sing N N 308 
TRP CA  C    sing N N 309 
TRP CA  CB   sing N N 310 
TRP CA  HA   sing N N 311 
TRP C   O    doub N N 312 
TRP C   OXT  sing N N 313 
TRP CB  CG   sing N N 314 
TRP CB  HB2  sing N N 315 
TRP CB  HB3  sing N N 316 
TRP CG  CD1  doub Y N 317 
TRP CG  CD2  sing Y N 318 
TRP CD1 NE1  sing Y N 319 
TRP CD1 HD1  sing N N 320 
TRP CD2 CE2  doub Y N 321 
TRP CD2 CE3  sing Y N 322 
TRP NE1 CE2  sing Y N 323 
TRP NE1 HE1  sing N N 324 
TRP CE2 CZ2  sing Y N 325 
TRP CE3 CZ3  doub Y N 326 
TRP CE3 HE3  sing N N 327 
TRP CZ2 CH2  doub Y N 328 
TRP CZ2 HZ2  sing N N 329 
TRP CZ3 CH2  sing Y N 330 
TRP CZ3 HZ3  sing N N 331 
TRP CH2 HH2  sing N N 332 
TRP OXT HXT  sing N N 333 
TYR N   CA   sing N N 334 
TYR N   H    sing N N 335 
TYR N   H2   sing N N 336 
TYR CA  C    sing N N 337 
TYR CA  CB   sing N N 338 
TYR CA  HA   sing N N 339 
TYR C   O    doub N N 340 
TYR C   OXT  sing N N 341 
TYR CB  CG   sing N N 342 
TYR CB  HB2  sing N N 343 
TYR CB  HB3  sing N N 344 
TYR CG  CD1  doub Y N 345 
TYR CG  CD2  sing Y N 346 
TYR CD1 CE1  sing Y N 347 
TYR CD1 HD1  sing N N 348 
TYR CD2 CE2  doub Y N 349 
TYR CD2 HD2  sing N N 350 
TYR CE1 CZ   doub Y N 351 
TYR CE1 HE1  sing N N 352 
TYR CE2 CZ   sing Y N 353 
TYR CE2 HE2  sing N N 354 
TYR CZ  OH   sing N N 355 
TYR OH  HH   sing N N 356 
TYR OXT HXT  sing N N 357 
VAL N   CA   sing N N 358 
VAL N   H    sing N N 359 
VAL N   H2   sing N N 360 
VAL CA  C    sing N N 361 
VAL CA  CB   sing N N 362 
VAL CA  HA   sing N N 363 
VAL C   O    doub N N 364 
VAL C   OXT  sing N N 365 
VAL CB  CG1  sing N N 366 
VAL CB  CG2  sing N N 367 
VAL CB  HB   sing N N 368 
VAL CG1 HG11 sing N N 369 
VAL CG1 HG12 sing N N 370 
VAL CG1 HG13 sing N N 371 
VAL CG2 HG21 sing N N 372 
VAL CG2 HG22 sing N N 373 
VAL CG2 HG23 sing N N 374 
VAL OXT HXT  sing N N 375 
# 
_pdbx_initial_refinement_model.accession_code   ? 
_pdbx_initial_refinement_model.id               1 
_pdbx_initial_refinement_model.entity_id_list   ? 
_pdbx_initial_refinement_model.type             'experimental model' 
_pdbx_initial_refinement_model.source_name      Other 
_pdbx_initial_refinement_model.details          
;SE-MET STRUCTURE OF THE SAME PROTEIN SOLVED BY MAD PHASING FROM A FOUR-WAVELENGTH MAD DATASET COLLECTED AT CHESS F2 BEAMLINE (UNPUBLISHED DATA)
;
# 
_atom_sites.entry_id                    1IAP 
_atom_sites.fract_transf_matrix[1][1]   0.02079348 
_atom_sites.fract_transf_matrix[1][2]   -0.00916711 
_atom_sites.fract_transf_matrix[1][3]   -0.01481999 
_atom_sites.fract_transf_matrix[2][1]   0.01089837 
_atom_sites.fract_transf_matrix[2][2]   -0.01070798 
_atom_sites.fract_transf_matrix[2][3]   0.02191474 
_atom_sites.fract_transf_matrix[3][1]   -0.00387084 
_atom_sites.fract_transf_matrix[3][2]   -0.00664393 
_atom_sites.fract_transf_matrix[3][3]   -0.00132136 
_atom_sites.fract_transf_vector[1]      0.017098 
_atom_sites.fract_transf_vector[2]      -0.000200 
_atom_sites.fract_transf_vector[3]      0.411412 
# 
loop_
_atom_type.symbol 
C 
N 
O 
S 
# 
loop_
_atom_site.group_PDB 
_atom_site.id 
_atom_site.type_symbol 
_atom_site.label_atom_id 
_atom_site.label_alt_id 
_atom_site.label_comp_id 
_atom_site.label_asym_id 
_atom_site.label_entity_id 
_atom_site.label_seq_id 
_atom_site.pdbx_PDB_ins_code 
_atom_site.Cartn_x 
_atom_site.Cartn_y 
_atom_site.Cartn_z 
_atom_site.occupancy 
_atom_site.B_iso_or_equiv 
_atom_site.pdbx_formal_charge 
_atom_site.auth_seq_id 
_atom_site.auth_comp_id 
_atom_site.auth_asym_id 
_atom_site.auth_atom_id 
_atom_site.pdbx_PDB_model_num 
ATOM   1    N N   . SER A 1 3   ? 16.272  2.683   8.731   1.00 55.08 ? 44  SER A N   1 
ATOM   2    C CA  . SER A 1 3   ? 16.073  1.292   8.208   1.00 54.76 ? 44  SER A CA  1 
ATOM   3    C C   . SER A 1 3   ? 14.588  1.002   7.931   1.00 52.73 ? 44  SER A C   1 
ATOM   4    O O   . SER A 1 3   ? 14.200  -0.161  7.765   1.00 50.01 ? 44  SER A O   1 
ATOM   5    C CB  . SER A 1 3   ? 16.637  0.251   9.189   1.00 59.63 ? 44  SER A CB  1 
ATOM   6    O OG  . SER A 1 3   ? 15.973  0.315   10.432  1.00 65.76 ? 44  SER A OG  1 
ATOM   7    N N   . GLN A 1 4   ? 13.762  2.053   7.889   1.00 45.16 ? 45  GLN A N   1 
ATOM   8    C CA  . GLN A 1 4   ? 12.330  1.895   7.612   1.00 39.25 ? 45  GLN A CA  1 
ATOM   9    C C   . GLN A 1 4   ? 12.081  1.403   6.188   1.00 37.69 ? 45  GLN A C   1 
ATOM   10   O O   . GLN A 1 4   ? 11.021  0.854   5.889   1.00 34.59 ? 45  GLN A O   1 
ATOM   11   C CB  . GLN A 1 4   ? 11.581  3.216   7.819   1.00 35.39 ? 45  GLN A CB  1 
ATOM   12   C CG  . GLN A 1 4   ? 11.514  3.717   9.258   1.00 35.03 ? 45  GLN A CG  1 
ATOM   13   C CD  . GLN A 1 4   ? 12.659  4.641   9.632   1.00 37.63 ? 45  GLN A CD  1 
ATOM   14   O OE1 . GLN A 1 4   ? 13.711  4.643   8.993   1.00 35.25 ? 45  GLN A OE1 1 
ATOM   15   N NE2 . GLN A 1 4   ? 12.449  5.450   10.666  1.00 40.40 ? 45  GLN A NE2 1 
ATOM   16   N N   . PHE A 1 5   ? 13.073  1.579   5.320   1.00 31.75 ? 46  PHE A N   1 
ATOM   17   C CA  . PHE A 1 5   ? 12.930  1.185   3.921   1.00 30.52 ? 46  PHE A CA  1 
ATOM   18   C C   . PHE A 1 5   ? 13.648  -0.105  3.507   1.00 32.36 ? 46  PHE A C   1 
ATOM   19   O O   . PHE A 1 5   ? 13.732  -0.421  2.318   1.00 29.14 ? 46  PHE A O   1 
ATOM   20   C CB  . PHE A 1 5   ? 13.356  2.342   3.011   1.00 32.14 ? 46  PHE A CB  1 
ATOM   21   C CG  . PHE A 1 5   ? 12.572  3.605   3.227   1.00 24.91 ? 46  PHE A CG  1 
ATOM   22   C CD1 . PHE A 1 5   ? 13.170  4.720   3.812   1.00 30.88 ? 46  PHE A CD1 1 
ATOM   23   C CD2 . PHE A 1 5   ? 11.236  3.683   2.842   1.00 32.31 ? 46  PHE A CD2 1 
ATOM   24   C CE1 . PHE A 1 5   ? 12.445  5.900   4.010   1.00 24.28 ? 46  PHE A CE1 1 
ATOM   25   C CE2 . PHE A 1 5   ? 10.500  4.857   3.035   1.00 30.74 ? 46  PHE A CE2 1 
ATOM   26   C CZ  . PHE A 1 5   ? 11.108  5.967   3.620   1.00 23.77 ? 46  PHE A CZ  1 
ATOM   27   N N   . GLN A 1 6   ? 14.159  -0.847  4.483   1.00 33.80 ? 47  GLN A N   1 
ATOM   28   C CA  . GLN A 1 6   ? 14.851  -2.100  4.196   1.00 39.98 ? 47  GLN A CA  1 
ATOM   29   C C   . GLN A 1 6   ? 13.904  -3.167  3.651   1.00 38.44 ? 47  GLN A C   1 
ATOM   30   O O   . GLN A 1 6   ? 14.308  -4.011  2.850   1.00 40.52 ? 47  GLN A O   1 
ATOM   31   C CB  . GLN A 1 6   ? 15.567  -2.620  5.447   1.00 47.43 ? 47  GLN A CB  1 
ATOM   32   C CG  . GLN A 1 6   ? 16.745  -1.769  5.894   1.00 54.40 ? 47  GLN A CG  1 
ATOM   33   C CD  . GLN A 1 6   ? 17.834  -1.678  4.839   1.00 59.85 ? 47  GLN A CD  1 
ATOM   34   O OE1 . GLN A 1 6   ? 18.465  -2.679  4.492   1.00 59.15 ? 47  GLN A OE1 1 
ATOM   35   N NE2 . GLN A 1 6   ? 18.059  -0.474  4.321   1.00 56.50 ? 47  GLN A NE2 1 
ATOM   36   N N   . SER A 1 7   ? 12.642  -3.108  4.070   1.00 32.32 ? 48  SER A N   1 
ATOM   37   C CA  . SER A 1 7   ? 11.637  -4.069  3.626   1.00 31.41 ? 48  SER A CA  1 
ATOM   38   C C   . SER A 1 7   ? 10.230  -3.515  3.777   1.00 34.90 ? 48  SER A C   1 
ATOM   39   O O   . SER A 1 7   ? 10.008  -2.548  4.508   1.00 30.32 ? 48  SER A O   1 
ATOM   40   C CB  . SER A 1 7   ? 11.755  -5.378  4.416   1.00 30.77 ? 48  SER A CB  1 
ATOM   41   O OG  . SER A 1 7   ? 11.457  -5.183  5.787   1.00 41.22 ? 48  SER A OG  1 
ATOM   42   N N   . LEU A 1 8   ? 9.282   -4.153  3.097   1.00 32.02 ? 49  LEU A N   1 
ATOM   43   C CA  . LEU A 1 8   ? 7.883   -3.753  3.142   1.00 32.45 ? 49  LEU A CA  1 
ATOM   44   C C   . LEU A 1 8   ? 7.357   -3.914  4.567   1.00 32.74 ? 49  LEU A C   1 
ATOM   45   O O   . LEU A 1 8   ? 6.609   -3.070  5.059   1.00 28.26 ? 49  LEU A O   1 
ATOM   46   C CB  . LEU A 1 8   ? 7.067   -4.612  2.172   1.00 37.32 ? 49  LEU A CB  1 
ATOM   47   C CG  . LEU A 1 8   ? 5.680   -4.151  1.703   1.00 47.13 ? 49  LEU A CG  1 
ATOM   48   C CD1 . LEU A 1 8   ? 5.227   -5.066  0.588   1.00 56.11 ? 49  LEU A CD1 1 
ATOM   49   C CD2 . LEU A 1 8   ? 4.658   -4.161  2.831   1.00 55.72 ? 49  LEU A CD2 1 
ATOM   50   N N   . GLU A 1 9   ? 7.768   -4.995  5.227   1.21 34.53 ? 50  GLU A N   1 
ATOM   51   C CA  . GLU A 1 9   ? 7.345   -5.274  6.595   1.33 33.90 ? 50  GLU A CA  1 
ATOM   52   C C   . GLU A 1 9   ? 7.693   -4.104  7.520   0.98 30.57 ? 50  GLU A C   1 
ATOM   53   O O   . GLU A 1 9   ? 6.880   -3.686  8.349   0.76 24.57 ? 50  GLU A O   1 
ATOM   54   C CB  . GLU A 1 9   ? 8.018   -6.555  7.095   0.84 34.71 ? 50  GLU A CB  1 
ATOM   55   C CG  . GLU A 1 9   ? 7.346   -7.204  8.298   0.60 35.61 ? 50  GLU A CG  1 
ATOM   56   C CD  . GLU A 1 9   ? 6.040   -7.918  7.956   0.98 38.00 ? 50  GLU A CD  1 
ATOM   57   O OE1 . GLU A 1 9   ? 5.685   -8.025  6.760   1.25 39.30 ? 50  GLU A OE1 1 
ATOM   58   O OE2 . GLU A 1 9   ? 5.368   -8.383  8.900   0.11 38.73 ? 50  GLU A OE2 1 
ATOM   59   N N   . GLN A 1 10  ? 8.889   -3.554  7.346   1.00 26.49 ? 51  GLN A N   1 
ATOM   60   C CA  . GLN A 1 10  ? 9.339   -2.428  8.158   1.00 27.96 ? 51  GLN A CA  1 
ATOM   61   C C   . GLN A 1 10  ? 8.645   -1.107  7.825   1.00 30.87 ? 51  GLN A C   1 
ATOM   62   O O   . GLN A 1 10  ? 8.301   -0.345  8.729   1.00 37.71 ? 51  GLN A O   1 
ATOM   63   C CB  . GLN A 1 10  ? 10.853  -2.262  8.040   1.00 36.98 ? 51  GLN A CB  1 
ATOM   64   C CG  . GLN A 1 10  ? 11.633  -3.451  8.575   1.00 49.02 ? 51  GLN A CG  1 
ATOM   65   C CD  . GLN A 1 10  ? 13.122  -3.323  8.354   1.00 53.38 ? 51  GLN A CD  1 
ATOM   66   O OE1 . GLN A 1 10  ? 13.810  -2.594  9.070   1.00 59.01 ? 51  GLN A OE1 1 
ATOM   67   N NE2 . GLN A 1 10  ? 13.632  -4.036  7.357   1.00 60.59 ? 51  GLN A NE2 1 
ATOM   68   N N   . VAL A 1 11  ? 8.413   -0.846  6.542   1.00 25.03 ? 52  VAL A N   1 
ATOM   69   C CA  . VAL A 1 11  ? 7.769   0.406   6.128   1.00 24.80 ? 52  VAL A CA  1 
ATOM   70   C C   . VAL A 1 11  ? 6.241   0.433   6.272   1.00 28.46 ? 52  VAL A C   1 
ATOM   71   O O   . VAL A 1 11  ? 5.657   1.491   6.512   1.00 21.10 ? 52  VAL A O   1 
ATOM   72   C CB  . VAL A 1 11  ? 8.159   0.789   4.669   1.00 19.09 ? 52  VAL A CB  1 
ATOM   73   C CG1 . VAL A 1 11  ? 7.426   -0.083  3.652   1.00 27.36 ? 52  VAL A CG1 1 
ATOM   74   C CG2 . VAL A 1 11  ? 7.892   2.268   4.422   1.00 21.98 ? 52  VAL A CG2 1 
ATOM   75   N N   . LYS A 1 12  ? 5.604   -0.733  6.185   1.00 23.99 ? 53  LYS A N   1 
ATOM   76   C CA  . LYS A 1 12  ? 4.146   -0.821  6.274   1.00 27.38 ? 53  LYS A CA  1 
ATOM   77   C C   . LYS A 1 12  ? 3.558   -0.258  7.571   1.00 24.67 ? 53  LYS A C   1 
ATOM   78   O O   . LYS A 1 12  ? 2.379   0.079   7.615   1.00 25.24 ? 53  LYS A O   1 
ATOM   79   C CB  . LYS A 1 12  ? 3.688   -2.275  6.094   1.00 29.88 ? 53  LYS A CB  1 
ATOM   80   C CG  . LYS A 1 12  ? 3.992   -3.164  7.289   1.00 34.35 ? 53  LYS A CG  1 
ATOM   81   C CD  . LYS A 1 12  ? 3.450   -4.575  7.118   1.00 39.08 ? 53  LYS A CD  1 
ATOM   82   C CE  . LYS A 1 12  ? 3.583   -5.346  8.425   1.00 46.39 ? 53  LYS A CE  1 
ATOM   83   N NZ  . LYS A 1 12  ? 3.149   -6.763  8.302   1.00 48.53 ? 53  LYS A NZ  1 
ATOM   84   N N   . ARG A 1 13  ? 4.387   -0.153  8.608   1.00 21.49 ? 54  ARG A N   1 
ATOM   85   C CA  . ARG A 1 13  ? 3.963   0.348   9.915   1.00 29.42 ? 54  ARG A CA  1 
ATOM   86   C C   . ARG A 1 13  ? 4.341   1.804   10.185  1.00 26.00 ? 54  ARG A C   1 
ATOM   87   O O   . ARG A 1 13  ? 3.933   2.372   11.197  1.00 26.40 ? 54  ARG A O   1 
ATOM   88   C CB  . ARG A 1 13  ? 4.563   -0.526  11.018  1.00 32.10 ? 54  ARG A CB  1 
ATOM   89   C CG  . ARG A 1 13  ? 4.373   -2.014  10.792  1.00 53.38 ? 54  ARG A CG  1 
ATOM   90   C CD  . ARG A 1 13  ? 5.080   -2.844  11.847  1.00 65.90 ? 54  ARG A CD  1 
ATOM   91   N NE  . ARG A 1 13  ? 4.965   -4.275  11.570  1.00 78.26 ? 54  ARG A NE  1 
ATOM   92   C CZ  . ARG A 1 13  ? 5.703   -5.215  12.154  1.00 81.36 ? 54  ARG A CZ  1 
ATOM   93   N NH1 . ARG A 1 13  ? 6.613   -4.882  13.058  1.00 78.36 ? 54  ARG A NH1 1 
ATOM   94   N NH2 . ARG A 1 13  ? 5.540   -6.489  11.820  1.00 85.23 ? 54  ARG A NH2 1 
ATOM   95   N N   . ARG A 1 14  ? 5.126   2.401   9.291   1.00 25.59 ? 55  ARG A N   1 
ATOM   96   C CA  . ARG A 1 14  ? 5.577   3.787   9.450   1.00 18.89 ? 55  ARG A CA  1 
ATOM   97   C C   . ARG A 1 14  ? 4.863   4.654   8.414   1.00 14.09 ? 55  ARG A C   1 
ATOM   98   O O   . ARG A 1 14  ? 5.327   4.803   7.283   1.00 20.55 ? 55  ARG A O   1 
ATOM   99   C CB  . ARG A 1 14  ? 7.092   3.845   9.260   1.00 16.01 ? 55  ARG A CB  1 
ATOM   100  C CG  . ARG A 1 14  ? 7.841   2.694   9.959   1.00 31.93 ? 55  ARG A CG  1 
ATOM   101  C CD  . ARG A 1 14  ? 8.387   3.056   11.340  1.00 19.57 ? 55  ARG A CD  1 
ATOM   102  N NE  . ARG A 1 14  ? 7.368   3.487   12.297  1.00 30.85 ? 55  ARG A NE  1 
ATOM   103  C CZ  . ARG A 1 14  ? 6.640   2.666   13.049  1.00 32.56 ? 55  ARG A CZ  1 
ATOM   104  N NH1 . ARG A 1 14  ? 6.801   1.352   12.962  1.00 24.55 ? 55  ARG A NH1 1 
ATOM   105  N NH2 . ARG A 1 14  ? 5.769   3.163   13.916  1.00 33.47 ? 55  ARG A NH2 1 
ATOM   106  N N   . PRO A 1 15  ? 3.749   5.286   8.817   1.00 20.05 ? 56  PRO A N   1 
ATOM   107  C CA  . PRO A 1 15  ? 2.922   6.141   7.959   1.00 12.39 ? 56  PRO A CA  1 
ATOM   108  C C   . PRO A 1 15  ? 3.605   7.243   7.157   1.00 11.39 ? 56  PRO A C   1 
ATOM   109  O O   . PRO A 1 15  ? 3.316   7.399   5.973   1.00 12.75 ? 56  PRO A O   1 
ATOM   110  C CB  . PRO A 1 15  ? 1.856   6.674   8.926   1.00 19.62 ? 56  PRO A CB  1 
ATOM   111  C CG  . PRO A 1 15  ? 2.561   6.682   10.243  1.00 21.40 ? 56  PRO A CG  1 
ATOM   112  C CD  . PRO A 1 15  ? 3.332   5.397   10.231  1.00 14.87 ? 56  PRO A CD  1 
ATOM   113  N N   . ALA A 1 16  ? 4.506   7.997   7.782   1.00 15.63 ? 57  ALA A N   1 
ATOM   114  C CA  . ALA A 1 16  ? 5.206   9.076   7.085   1.00 19.12 ? 57  ALA A CA  1 
ATOM   115  C C   . ALA A 1 16  ? 6.189   8.517   6.059   1.00 14.62 ? 57  ALA A C   1 
ATOM   116  O O   . ALA A 1 16  ? 6.237   8.968   4.915   1.00 15.73 ? 57  ALA A O   1 
ATOM   117  C CB  . ALA A 1 16  ? 5.933   9.966   8.080   1.00 17.64 ? 57  ALA A CB  1 
ATOM   118  N N   . HIS A 1 17  ? 6.967   7.527   6.482   1.00 14.89 ? 58  HIS A N   1 
ATOM   119  C CA  . HIS A 1 17  ? 7.944   6.896   5.605   1.00 14.06 ? 58  HIS A CA  1 
ATOM   120  C C   . HIS A 1 17  ? 7.233   6.202   4.453   1.00 16.96 ? 58  HIS A C   1 
ATOM   121  O O   . HIS A 1 17  ? 7.652   6.323   3.303   1.00 13.72 ? 58  HIS A O   1 
ATOM   122  C CB  . HIS A 1 17  ? 8.829   5.939   6.408   1.00 15.53 ? 58  HIS A CB  1 
ATOM   123  C CG  . HIS A 1 17  ? 9.585   6.630   7.499   1.00 14.92 ? 58  HIS A CG  1 
ATOM   124  N ND1 . HIS A 1 17  ? 10.944  6.852   7.440   1.00 13.29 ? 58  HIS A ND1 1 
ATOM   125  C CD2 . HIS A 1 17  ? 9.150   7.253   8.621   1.00 7.39  ? 58  HIS A CD2 1 
ATOM   126  C CE1 . HIS A 1 17  ? 11.311  7.592   8.472   1.00 13.15 ? 58  HIS A CE1 1 
ATOM   127  N NE2 . HIS A 1 17  ? 10.240  7.850   9.203   1.00 15.61 ? 58  HIS A NE2 1 
ATOM   128  N N   . LEU A 1 18  ? 6.092   5.584   4.751   1.00 14.63 ? 59  LEU A N   1 
ATOM   129  C CA  . LEU A 1 18  ? 5.296   4.908   3.735   1.00 13.17 ? 59  LEU A CA  1 
ATOM   130  C C   . LEU A 1 18  ? 4.737   5.905   2.712   1.00 12.98 ? 59  LEU A C   1 
ATOM   131  O O   . LEU A 1 18  ? 4.750   5.631   1.514   1.00 16.31 ? 59  LEU A O   1 
ATOM   132  C CB  . LEU A 1 18  ? 4.171   4.093   4.388   1.00 17.32 ? 59  LEU A CB  1 
ATOM   133  C CG  . LEU A 1 18  ? 3.360   3.203   3.447   1.00 23.09 ? 59  LEU A CG  1 
ATOM   134  C CD1 . LEU A 1 18  ? 4.292   2.241   2.703   1.00 19.47 ? 59  LEU A CD1 1 
ATOM   135  C CD2 . LEU A 1 18  ? 2.324   2.429   4.246   1.00 13.76 ? 59  LEU A CD2 1 
ATOM   136  N N   . MET A 1 19  ? 4.253   7.059   3.178   1.00 17.13 ? 60  MET A N   1 
ATOM   137  C CA  . MET A 1 19  ? 3.737   8.087   2.272   1.00 12.23 ? 60  MET A CA  1 
ATOM   138  C C   . MET A 1 19  ? 4.808   8.557   1.277   1.00 16.34 ? 60  MET A C   1 
ATOM   139  O O   . MET A 1 19  ? 4.504   8.801   0.113   1.00 17.88 ? 60  MET A O   1 
ATOM   140  C CB  . MET A 1 19  ? 3.187   9.298   3.039   1.00 15.36 ? 60  MET A CB  1 
ATOM   141  C CG  . MET A 1 19  ? 1.758   9.133   3.562   1.00 15.76 ? 60  MET A CG  1 
ATOM   142  S SD  . MET A 1 19  ? 0.582   8.655   2.260   1.00 18.31 ? 60  MET A SD  1 
ATOM   143  C CE  . MET A 1 19  ? 0.881   9.915   1.022   1.00 17.25 ? 60  MET A CE  1 
ATOM   144  N N   . ALA A 1 20  ? 6.044   8.722   1.743   1.00 15.23 ? 61  ALA A N   1 
ATOM   145  C CA  . ALA A 1 20  ? 7.135   9.160   0.872   1.00 15.83 ? 61  ALA A CA  1 
ATOM   146  C C   . ALA A 1 20  ? 7.369   8.093   -0.195  1.00 14.13 ? 61  ALA A C   1 
ATOM   147  O O   . ALA A 1 20  ? 7.494   8.401   -1.382  1.00 16.13 ? 61  ALA A O   1 
ATOM   148  C CB  . ALA A 1 20  ? 8.421   9.398   1.692   1.00 12.90 ? 61  ALA A CB  1 
ATOM   149  N N   . LEU A 1 21  ? 7.381   6.835   0.234   1.00 21.09 ? 62  LEU A N   1 
ATOM   150  C CA  . LEU A 1 21  ? 7.580   5.709   -0.674  1.00 21.64 ? 62  LEU A CA  1 
ATOM   151  C C   . LEU A 1 21  ? 6.443   5.657   -1.689  1.00 19.61 ? 62  LEU A C   1 
ATOM   152  O O   . LEU A 1 21  ? 6.681   5.474   -2.882  1.00 17.26 ? 62  LEU A O   1 
ATOM   153  C CB  . LEU A 1 21  ? 7.639   4.396   0.113   1.00 19.38 ? 62  LEU A CB  1 
ATOM   154  C CG  . LEU A 1 21  ? 7.645   3.091   -0.687  1.00 15.27 ? 62  LEU A CG  1 
ATOM   155  C CD1 . LEU A 1 21  ? 8.909   2.996   -1.535  1.00 18.45 ? 62  LEU A CD1 1 
ATOM   156  C CD2 . LEU A 1 21  ? 7.549   1.904   0.268   1.00 18.73 ? 62  LEU A CD2 1 
ATOM   157  N N   . LEU A 1 22  ? 5.212   5.827   -1.207  1.00 14.91 ? 63  LEU A N   1 
ATOM   158  C CA  . LEU A 1 22  ? 4.035   5.801   -2.061  1.00 16.73 ? 63  LEU A CA  1 
ATOM   159  C C   . LEU A 1 22  ? 4.100   6.881   -3.128  1.00 18.90 ? 63  LEU A C   1 
ATOM   160  O O   . LEU A 1 22  ? 3.811   6.613   -4.292  1.00 22.72 ? 63  LEU A O   1 
ATOM   161  C CB  . LEU A 1 22  ? 2.755   5.972   -1.228  1.00 14.38 ? 63  LEU A CB  1 
ATOM   162  C CG  . LEU A 1 22  ? 1.823   4.792   -0.916  1.00 29.02 ? 63  LEU A CG  1 
ATOM   163  C CD1 . LEU A 1 22  ? 2.260   3.501   -1.581  1.00 19.64 ? 63  LEU A CD1 1 
ATOM   164  C CD2 . LEU A 1 22  ? 1.705   4.613   0.577   1.00 16.74 ? 63  LEU A CD2 1 
ATOM   165  N N   . GLN A 1 23  ? 4.458   8.103   -2.735  1.00 14.21 ? 64  GLN A N   1 
ATOM   166  C CA  . GLN A 1 23  ? 4.548   9.191   -3.705  1.00 11.61 ? 64  GLN A CA  1 
ATOM   167  C C   . GLN A 1 23  ? 5.586   8.874   -4.769  1.00 19.40 ? 64  GLN A C   1 
ATOM   168  O O   . GLN A 1 23  ? 5.368   9.135   -5.950  1.00 23.57 ? 64  GLN A O   1 
ATOM   169  C CB  . GLN A 1 23  ? 4.876   10.526  -3.035  1.00 15.19 ? 64  GLN A CB  1 
ATOM   170  C CG  . GLN A 1 23  ? 5.019   11.661  -4.052  1.00 25.97 ? 64  GLN A CG  1 
ATOM   171  C CD  . GLN A 1 23  ? 5.121   13.024  -3.419  1.00 30.72 ? 64  GLN A CD  1 
ATOM   172  O OE1 . GLN A 1 23  ? 5.853   13.895  -3.899  1.00 38.27 ? 64  GLN A OE1 1 
ATOM   173  N NE2 . GLN A 1 23  ? 4.367   13.234  -2.351  1.00 34.02 ? 64  GLN A NE2 1 
ATOM   174  N N   . HIS A 1 24  ? 6.706   8.299   -4.344  1.00 19.31 ? 65  HIS A N   1 
ATOM   175  C CA  . HIS A 1 24  ? 7.776   7.925   -5.263  1.00 21.29 ? 65  HIS A CA  1 
ATOM   176  C C   . HIS A 1 24  ? 7.240   6.905   -6.271  1.00 24.14 ? 65  HIS A C   1 
ATOM   177  O O   . HIS A 1 24  ? 7.253   7.148   -7.474  1.00 24.96 ? 65  HIS A O   1 
ATOM   178  C CB  . HIS A 1 24  ? 8.950   7.327   -4.477  1.00 15.62 ? 65  HIS A CB  1 
ATOM   179  C CG  . HIS A 1 24  ? 10.109  6.912   -5.333  1.00 23.40 ? 65  HIS A CG  1 
ATOM   180  N ND1 . HIS A 1 24  ? 10.930  7.819   -5.967  1.00 22.75 ? 65  HIS A ND1 1 
ATOM   181  C CD2 . HIS A 1 24  ? 10.594  5.686   -5.643  1.00 21.84 ? 65  HIS A CD2 1 
ATOM   182  C CE1 . HIS A 1 24  ? 11.872  7.170   -6.629  1.00 28.77 ? 65  HIS A CE1 1 
ATOM   183  N NE2 . HIS A 1 24  ? 11.692  5.875   -6.448  1.00 27.15 ? 65  HIS A NE2 1 
ATOM   184  N N   . VAL A 1 25  ? 6.737   5.782   -5.761  1.00 20.39 ? 66  VAL A N   1 
ATOM   185  C CA  . VAL A 1 25  ? 6.188   4.710   -6.590  1.00 21.71 ? 66  VAL A CA  1 
ATOM   186  C C   . VAL A 1 25  ? 5.052   5.177   -7.511  1.00 26.57 ? 66  VAL A C   1 
ATOM   187  O O   . VAL A 1 25  ? 5.065   4.892   -8.711  1.00 24.48 ? 66  VAL A O   1 
ATOM   188  C CB  . VAL A 1 25  ? 5.723   3.516   -5.710  1.00 18.40 ? 66  VAL A CB  1 
ATOM   189  C CG1 . VAL A 1 25  ? 4.987   2.482   -6.547  1.00 26.78 ? 66  VAL A CG1 1 
ATOM   190  C CG2 . VAL A 1 25  ? 6.922   2.885   -5.025  1.00 19.66 ? 66  VAL A CG2 1 
ATOM   191  N N   . ALA A 1 26  ? 4.098   5.928   -6.964  1.00 21.62 ? 67  ALA A N   1 
ATOM   192  C CA  . ALA A 1 26  ? 2.971   6.426   -7.751  1.00 21.63 ? 67  ALA A CA  1 
ATOM   193  C C   . ALA A 1 26  ? 3.411   7.278   -8.948  1.00 29.79 ? 67  ALA A C   1 
ATOM   194  O O   . ALA A 1 26  ? 2.711   7.345   -9.958  1.00 31.44 ? 67  ALA A O   1 
ATOM   195  C CB  . ALA A 1 26  ? 2.019   7.223   -6.868  1.00 23.01 ? 67  ALA A CB  1 
ATOM   196  N N   . LEU A 1 27  ? 4.564   7.928   -8.833  1.00 26.35 ? 68  LEU A N   1 
ATOM   197  C CA  . LEU A 1 27  ? 5.077   8.764   -9.911  1.00 28.34 ? 68  LEU A CA  1 
ATOM   198  C C   . LEU A 1 27  ? 6.157   8.110   -10.771 1.00 34.16 ? 68  LEU A C   1 
ATOM   199  O O   . LEU A 1 27  ? 6.423   8.573   -11.875 1.00 36.72 ? 68  LEU A O   1 
ATOM   200  C CB  . LEU A 1 27  ? 5.615   10.086  -9.352  1.00 29.71 ? 68  LEU A CB  1 
ATOM   201  C CG  . LEU A 1 27  ? 4.687   11.298  -9.245  1.00 33.14 ? 68  LEU A CG  1 
ATOM   202  C CD1 . LEU A 1 27  ? 3.467   11.007  -8.387  1.00 23.05 ? 68  LEU A CD1 1 
ATOM   203  C CD2 . LEU A 1 27  ? 5.478   12.459  -8.664  1.00 42.44 ? 68  LEU A CD2 1 
ATOM   204  N N   . GLN A 1 28  ? 6.758   7.027   -10.285 1.00 35.97 ? 69  GLN A N   1 
ATOM   205  C CA  . GLN A 1 28  ? 7.832   6.364   -11.026 1.00 35.82 ? 69  GLN A CA  1 
ATOM   206  C C   . GLN A 1 28  ? 7.557   4.938   -11.518 1.00 38.62 ? 69  GLN A C   1 
ATOM   207  O O   . GLN A 1 28  ? 8.248   4.452   -12.412 1.00 42.58 ? 69  GLN A O   1 
ATOM   208  C CB  . GLN A 1 28  ? 9.111   6.356   -10.181 1.00 44.25 ? 69  GLN A CB  1 
ATOM   209  C CG  . GLN A 1 28  ? 9.592   7.732   -9.727  1.00 48.63 ? 69  GLN A CG  1 
ATOM   210  C CD  . GLN A 1 28  ? 10.138  8.562   -10.866 1.00 50.52 ? 69  GLN A CD  1 
ATOM   211  O OE1 . GLN A 1 28  ? 11.211  8.274   -11.396 1.00 52.81 ? 69  GLN A OE1 1 
ATOM   212  N NE2 . GLN A 1 28  ? 9.404   9.598   -11.250 1.00 53.13 ? 69  GLN A NE2 1 
ATOM   213  N N   . PHE A 1 29  ? 6.571   4.265   -10.927 1.00 29.21 ? 70  PHE A N   1 
ATOM   214  C CA  . PHE A 1 29  ? 6.239   2.887   -11.298 1.00 31.97 ? 70  PHE A CA  1 
ATOM   215  C C   . PHE A 1 29  ? 4.732   2.667   -11.270 1.00 32.50 ? 70  PHE A C   1 
ATOM   216  O O   . PHE A 1 29  ? 3.955   3.610   -11.085 1.00 26.86 ? 70  PHE A O   1 
ATOM   217  C CB  . PHE A 1 29  ? 6.850   1.893   -10.289 1.00 31.44 ? 70  PHE A CB  1 
ATOM   218  C CG  . PHE A 1 29  ? 8.328   2.048   -10.075 1.00 35.67 ? 70  PHE A CG  1 
ATOM   219  C CD1 . PHE A 1 29  ? 8.814   2.836   -9.034  1.00 38.22 ? 70  PHE A CD1 1 
ATOM   220  C CD2 . PHE A 1 29  ? 9.237   1.372   -10.885 1.00 38.89 ? 70  PHE A CD2 1 
ATOM   221  C CE1 . PHE A 1 29  ? 10.184  2.949   -8.803  1.00 34.98 ? 70  PHE A CE1 1 
ATOM   222  C CE2 . PHE A 1 29  ? 10.609  1.479   -10.662 1.00 39.46 ? 70  PHE A CE2 1 
ATOM   223  C CZ  . PHE A 1 29  ? 11.084  2.267   -9.620  1.00 30.01 ? 70  PHE A CZ  1 
ATOM   224  N N   . GLU A 1 30  ? 4.332   1.413   -11.482 1.00 30.50 ? 71  GLU A N   1 
ATOM   225  C CA  . GLU A 1 30  ? 2.927   1.033   -11.420 1.00 24.38 ? 71  GLU A CA  1 
ATOM   226  C C   . GLU A 1 30  ? 2.674   0.802   -9.934  1.00 23.91 ? 71  GLU A C   1 
ATOM   227  O O   . GLU A 1 30  ? 3.332   -0.022  -9.304  1.00 25.32 ? 71  GLU A O   1 
ATOM   228  C CB  . GLU A 1 30  ? 2.658   -0.246  -12.218 1.00 32.12 ? 71  GLU A CB  1 
ATOM   229  C CG  . GLU A 1 30  ? 2.463   -0.023  -13.710 1.00 42.00 ? 71  GLU A CG  1 
ATOM   230  C CD  . GLU A 1 30  ? 1.236   0.822   -14.023 1.00 49.33 ? 71  GLU A CD  1 
ATOM   231  O OE1 . GLU A 1 30  ? 1.378   2.053   -14.198 1.00 49.83 ? 71  GLU A OE1 1 
ATOM   232  O OE2 . GLU A 1 30  ? 0.128   0.252   -14.104 1.00 51.70 ? 71  GLU A OE2 1 
ATOM   233  N N   . PRO A 1 31  ? 1.748   1.575   -9.345  1.00 26.86 ? 72  PRO A N   1 
ATOM   234  C CA  . PRO A 1 31  ? 1.375   1.510   -7.930  1.00 24.32 ? 72  PRO A CA  1 
ATOM   235  C C   . PRO A 1 31  ? 0.641   0.249   -7.478  1.00 21.09 ? 72  PRO A C   1 
ATOM   236  O O   . PRO A 1 31  ? 0.633   -0.065  -6.286  1.00 22.53 ? 72  PRO A O   1 
ATOM   237  C CB  . PRO A 1 31  ? 0.494   2.747   -7.768  1.00 26.81 ? 72  PRO A CB  1 
ATOM   238  C CG  . PRO A 1 31  ? -0.203  2.815   -9.080  1.00 27.70 ? 72  PRO A CG  1 
ATOM   239  C CD  . PRO A 1 31  ? 0.922   2.566   -10.056 1.00 32.42 ? 72  PRO A CD  1 
ATOM   240  N N   . GLY A 1 32  ? 0.032   -0.463  -8.422  1.00 21.42 ? 73  GLY A N   1 
ATOM   241  C CA  . GLY A 1 32  ? -0.723  -1.669  -8.106  1.00 19.05 ? 73  GLY A CA  1 
ATOM   242  C C   . GLY A 1 32  ? -0.103  -2.661  -7.137  1.00 25.17 ? 73  GLY A C   1 
ATOM   243  O O   . GLY A 1 32  ? -0.682  -2.938  -6.084  1.00 20.68 ? 73  GLY A O   1 
ATOM   244  N N   . PRO A 1 33  ? 1.079   -3.212  -7.458  1.00 22.67 ? 74  PRO A N   1 
ATOM   245  C CA  . PRO A 1 33  ? 1.784   -4.188  -6.620  1.00 24.90 ? 74  PRO A CA  1 
ATOM   246  C C   . PRO A 1 33  ? 1.968   -3.800  -5.154  1.00 22.36 ? 74  PRO A C   1 
ATOM   247  O O   . PRO A 1 33  ? 1.662   -4.591  -4.261  1.00 19.21 ? 74  PRO A O   1 
ATOM   248  C CB  . PRO A 1 33  ? 3.121   -4.343  -7.342  1.00 28.71 ? 74  PRO A CB  1 
ATOM   249  C CG  . PRO A 1 33  ? 2.731   -4.175  -8.775  1.00 23.54 ? 74  PRO A CG  1 
ATOM   250  C CD  . PRO A 1 33  ? 1.825   -2.970  -8.706  1.00 26.29 ? 74  PRO A CD  1 
ATOM   251  N N   . LEU A 1 34  ? 2.473   -2.597  -4.904  1.00 21.31 ? 75  LEU A N   1 
ATOM   252  C CA  . LEU A 1 34  ? 2.688   -2.142  -3.535  1.00 18.75 ? 75  LEU A CA  1 
ATOM   253  C C   . LEU A 1 34  ? 1.359   -1.941  -2.812  1.00 15.46 ? 75  LEU A C   1 
ATOM   254  O O   . LEU A 1 34  ? 1.212   -2.365  -1.680  1.00 19.76 ? 75  LEU A O   1 
ATOM   255  C CB  . LEU A 1 34  ? 3.498   -0.837  -3.507  1.00 22.21 ? 75  LEU A CB  1 
ATOM   256  C CG  . LEU A 1 34  ? 3.786   -0.191  -2.139  1.00 21.96 ? 75  LEU A CG  1 
ATOM   257  C CD1 . LEU A 1 34  ? 4.528   -1.156  -1.207  1.00 19.11 ? 75  LEU A CD1 1 
ATOM   258  C CD2 . LEU A 1 34  ? 4.605   1.076   -2.338  1.00 24.14 ? 75  LEU A CD2 1 
ATOM   259  N N   . LEU A 1 35  ? 0.394   -1.321  -3.488  1.00 19.09 ? 76  LEU A N   1 
ATOM   260  C CA  . LEU A 1 35  ? -0.913  -1.072  -2.887  1.00 22.70 ? 76  LEU A CA  1 
ATOM   261  C C   . LEU A 1 35  ? -1.619  -2.379  -2.545  1.00 22.24 ? 76  LEU A C   1 
ATOM   262  O O   . LEU A 1 35  ? -2.296  -2.480  -1.525  1.00 22.45 ? 76  LEU A O   1 
ATOM   263  C CB  . LEU A 1 35  ? -1.779  -0.231  -3.826  1.00 19.16 ? 76  LEU A CB  1 
ATOM   264  C CG  . LEU A 1 35  ? -1.285  1.197   -4.076  1.00 21.99 ? 76  LEU A CG  1 
ATOM   265  C CD1 . LEU A 1 35  ? -2.133  1.853   -5.145  1.00 20.51 ? 76  LEU A CD1 1 
ATOM   266  C CD2 . LEU A 1 35  ? -1.305  1.999   -2.777  1.00 18.09 ? 76  LEU A CD2 1 
ATOM   267  N N   . CYS A 1 36  ? -1.432  -3.376  -3.401  1.00 23.05 ? 77  CYS A N   1 
ATOM   268  C CA  . CYS A 1 36  ? -2.025  -4.693  -3.214  1.00 21.42 ? 77  CYS A CA  1 
ATOM   269  C C   . CYS A 1 36  ? -1.480  -5.346  -1.940  1.00 21.63 ? 77  CYS A C   1 
ATOM   270  O O   . CYS A 1 36  ? -2.240  -5.856  -1.115  1.00 21.26 ? 77  CYS A O   1 
ATOM   271  C CB  . CYS A 1 36  ? -1.733  -5.563  -4.440  1.00 22.85 ? 77  CYS A CB  1 
ATOM   272  S SG  . CYS A 1 36  ? -2.286  -7.269  -4.306  1.00 23.23 ? 77  CYS A SG  1 
ATOM   273  N N   . CYS A 1 37  ? -0.162  -5.288  -1.766  1.00 19.05 ? 78  CYS A N   1 
ATOM   274  C CA  . CYS A 1 37  ? 0.487   -5.862  -0.593  1.00 23.59 ? 78  CYS A CA  1 
ATOM   275  C C   . CYS A 1 37  ? 0.017   -5.193  0.697   1.00 27.04 ? 78  CYS A C   1 
ATOM   276  O O   . CYS A 1 37  ? -0.185  -5.862  1.710   1.00 25.40 ? 78  CYS A O   1 
ATOM   277  C CB  . CYS A 1 37  ? 2.009   -5.740  -0.707  1.00 24.06 ? 78  CYS A CB  1 
ATOM   278  S SG  . CYS A 1 37  ? 2.772   -6.873  -1.896  1.00 26.99 ? 78  CYS A SG  1 
ATOM   279  N N   . LEU A 1 38  ? -0.155  -3.874  0.657   1.00 20.74 ? 79  LEU A N   1 
ATOM   280  C CA  . LEU A 1 38  ? -0.603  -3.133  1.836   1.00 18.43 ? 79  LEU A CA  1 
ATOM   281  C C   . LEU A 1 38  ? -2.037  -3.519  2.207   1.00 21.09 ? 79  LEU A C   1 
ATOM   282  O O   . LEU A 1 38  ? -2.343  -3.739  3.377   1.00 23.03 ? 79  LEU A O   1 
ATOM   283  C CB  . LEU A 1 38  ? -0.499  -1.620  1.595   1.00 20.45 ? 79  LEU A CB  1 
ATOM   284  C CG  . LEU A 1 38  ? 0.887   -1.048  1.278   1.00 26.19 ? 79  LEU A CG  1 
ATOM   285  C CD1 . LEU A 1 38  ? 0.800   0.469   1.033   1.00 23.05 ? 79  LEU A CD1 1 
ATOM   286  C CD2 . LEU A 1 38  ? 1.851   -1.345  2.418   1.00 21.49 ? 79  LEU A CD2 1 
ATOM   287  N N   . HIS A 1 39  ? -2.910  -3.626  1.206   1.00 20.82 ? 80  HIS A N   1 
ATOM   288  C CA  . HIS A 1 39  ? -4.302  -3.987  1.463   1.00 26.30 ? 80  HIS A CA  1 
ATOM   289  C C   . HIS A 1 39  ? -4.439  -5.431  1.933   1.00 25.98 ? 80  HIS A C   1 
ATOM   290  O O   . HIS A 1 39  ? -5.347  -5.760  2.700   1.00 25.29 ? 80  HIS A O   1 
ATOM   291  C CB  . HIS A 1 39  ? -5.162  -3.746  0.227   1.00 21.69 ? 80  HIS A CB  1 
ATOM   292  C CG  . HIS A 1 39  ? -5.468  -2.301  -0.021  1.00 20.34 ? 80  HIS A CG  1 
ATOM   293  N ND1 . HIS A 1 39  ? -6.591  -1.887  -0.700  1.00 26.83 ? 80  HIS A ND1 1 
ATOM   294  C CD2 . HIS A 1 39  ? -4.799  -1.175  0.325   1.00 20.56 ? 80  HIS A CD2 1 
ATOM   295  C CE1 . HIS A 1 39  ? -6.601  -0.567  -0.768  1.00 26.13 ? 80  HIS A CE1 1 
ATOM   296  N NE2 . HIS A 1 39  ? -5.523  -0.112  -0.152  1.00 17.75 ? 80  HIS A NE2 1 
ATOM   297  N N   . ALA A 1 40  ? -3.525  -6.284  1.480   1.00 19.86 ? 81  ALA A N   1 
ATOM   298  C CA  . ALA A 1 40  ? -3.525  -7.696  1.855   1.00 22.87 ? 81  ALA A CA  1 
ATOM   299  C C   . ALA A 1 40  ? -3.159  -7.832  3.327   1.00 26.59 ? 81  ALA A C   1 
ATOM   300  O O   . ALA A 1 40  ? -3.696  -8.683  4.035   1.00 28.38 ? 81  ALA A O   1 
ATOM   301  C CB  . ALA A 1 40  ? -2.539  -8.464  0.998   1.00 25.54 ? 81  ALA A CB  1 
ATOM   302  N N   . ASP A 1 41  ? -2.245  -6.978  3.781   1.00 24.81 ? 82  ASP A N   1 
ATOM   303  C CA  . ASP A 1 41  ? -1.811  -6.987  5.167   1.00 25.35 ? 82  ASP A CA  1 
ATOM   304  C C   . ASP A 1 41  ? -2.957  -6.492  6.045   1.00 27.49 ? 82  ASP A C   1 
ATOM   305  O O   . ASP A 1 41  ? -3.206  -7.019  7.128   1.00 31.08 ? 82  ASP A O   1 
ATOM   306  C CB  . ASP A 1 41  ? -0.594  -6.079  5.340   1.00 32.53 ? 82  ASP A CB  1 
ATOM   307  C CG  . ASP A 1 41  ? 0.033   -6.208  6.711   1.00 36.05 ? 82  ASP A CG  1 
ATOM   308  O OD1 . ASP A 1 41  ? -0.351  -5.441  7.616   1.00 31.25 ? 82  ASP A OD1 1 
ATOM   309  O OD2 . ASP A 1 41  ? 0.900   -7.088  6.880   1.00 37.87 ? 82  ASP A OD2 1 
ATOM   310  N N   . MET A 1 42  ? -3.638  -5.462  5.555   1.00 29.04 ? 83  MET A N   1 
ATOM   311  C CA  . MET A 1 42  ? -4.773  -4.850  6.231   1.00 35.92 ? 83  MET A CA  1 
ATOM   312  C C   . MET A 1 42  ? -5.892  -5.878  6.404   1.00 40.68 ? 83  MET A C   1 
ATOM   313  O O   . MET A 1 42  ? -6.576  -5.900  7.430   1.00 40.83 ? 83  MET A O   1 
ATOM   314  C CB  . MET A 1 42  ? -5.247  -3.649  5.405   1.00 34.16 ? 83  MET A CB  1 
ATOM   315  C CG  . MET A 1 42  ? -6.518  -2.974  5.873   1.00 37.32 ? 83  MET A CG  1 
ATOM   316  S SD  . MET A 1 42  ? -6.745  -1.413  4.982   1.00 40.00 ? 83  MET A SD  1 
ATOM   317  C CE  . MET A 1 42  ? -7.183  -2.020  3.376   1.00 42.25 ? 83  MET A CE  1 
ATOM   318  N N   . LEU A 1 43  ? -6.046  -6.741  5.400   1.00 39.28 ? 84  LEU A N   1 
ATOM   319  C CA  . LEU A 1 43  ? -7.057  -7.798  5.410   1.00 44.41 ? 84  LEU A CA  1 
ATOM   320  C C   . LEU A 1 43  ? -6.776  -8.813  6.511   1.00 44.39 ? 84  LEU A C   1 
ATOM   321  O O   . LEU A 1 43  ? -7.700  -9.331  7.143   1.00 37.41 ? 84  LEU A O   1 
ATOM   322  C CB  . LEU A 1 43  ? -7.081  -8.519  4.060   1.00 39.89 ? 84  LEU A CB  1 
ATOM   323  C CG  . LEU A 1 43  ? -8.195  -8.172  3.073   1.00 50.94 ? 84  LEU A CG  1 
ATOM   324  C CD1 . LEU A 1 43  ? -8.269  -6.672  2.844   1.00 60.05 ? 84  LEU A CD1 1 
ATOM   325  C CD2 . LEU A 1 43  ? -7.947  -8.906  1.767   1.00 55.12 ? 84  LEU A CD2 1 
ATOM   326  N N   . GLY A 1 44  ? -5.489  -9.074  6.739   1.00 46.99 ? 85  GLY A N   1 
ATOM   327  C CA  . GLY A 1 44  ? -5.075  -10.028 7.752   1.00 52.23 ? 85  GLY A CA  1 
ATOM   328  C C   . GLY A 1 44  ? -5.342  -9.622  9.192   1.00 55.07 ? 85  GLY A C   1 
ATOM   329  O O   . GLY A 1 44  ? -5.210  -10.448 10.093  1.00 60.78 ? 85  GLY A O   1 
ATOM   330  N N   . SER A 1 45  ? -5.707  -8.365  9.420   1.00 56.26 ? 86  SER A N   1 
ATOM   331  C CA  . SER A 1 45  ? -5.987  -7.891  10.774  1.00 61.82 ? 86  SER A CA  1 
ATOM   332  C C   . SER A 1 45  ? -7.485  -7.727  11.039  1.00 62.49 ? 86  SER A C   1 
ATOM   333  O O   . SER A 1 45  ? -7.882  -7.177  12.069  1.00 64.77 ? 86  SER A O   1 
ATOM   334  C CB  . SER A 1 45  ? -5.257  -6.569  11.038  1.00 63.56 ? 86  SER A CB  1 
ATOM   335  O OG  . SER A 1 45  ? -5.721  -5.538  10.186  1.00 65.90 ? 86  SER A OG  1 
ATOM   336  N N   . LEU A 1 46  ? -8.308  -8.215  10.113  1.00 62.66 ? 87  LEU A N   1 
ATOM   337  C CA  . LEU A 1 46  ? -9.760  -8.114  10.236  1.00 58.60 ? 87  LEU A CA  1 
ATOM   338  C C   . LEU A 1 46  ? -10.420 -9.446  10.581  1.00 57.37 ? 87  LEU A C   1 
ATOM   339  O O   . LEU A 1 46  ? -9.866  -10.518 10.315  1.00 54.05 ? 87  LEU A O   1 
ATOM   340  C CB  . LEU A 1 46  ? -10.365 -7.573  8.939   1.00 61.79 ? 87  LEU A CB  1 
ATOM   341  C CG  . LEU A 1 46  ? -9.958  -6.173  8.477   1.00 62.04 ? 87  LEU A CG  1 
ATOM   342  C CD1 . LEU A 1 46  ? -10.584 -5.884  7.123   1.00 63.78 ? 87  LEU A CD1 1 
ATOM   343  C CD2 . LEU A 1 46  ? -10.389 -5.133  9.500   1.00 63.32 ? 87  LEU A CD2 1 
ATOM   344  N N   . GLY A 1 47  ? -11.617 -9.366  11.161  1.00 57.88 ? 88  GLY A N   1 
ATOM   345  C CA  . GLY A 1 47  ? -12.356 -10.560 11.530  1.00 54.25 ? 88  GLY A CA  1 
ATOM   346  C C   . GLY A 1 47  ? -12.883 -11.287 10.307  1.00 50.89 ? 88  GLY A C   1 
ATOM   347  O O   . GLY A 1 47  ? -12.930 -10.700 9.226   1.00 46.81 ? 88  GLY A O   1 
ATOM   348  N N   . PRO A 1 48  ? -13.298 -12.559 10.445  1.00 47.48 ? 89  PRO A N   1 
ATOM   349  C CA  . PRO A 1 48  ? -13.828 -13.390 9.357   1.00 44.89 ? 89  PRO A CA  1 
ATOM   350  C C   . PRO A 1 48  ? -14.904 -12.703 8.522   1.00 42.68 ? 89  PRO A C   1 
ATOM   351  O O   . PRO A 1 48  ? -14.907 -12.810 7.296   1.00 43.40 ? 89  PRO A O   1 
ATOM   352  C CB  . PRO A 1 48  ? -14.395 -14.595 10.105  1.00 47.66 ? 89  PRO A CB  1 
ATOM   353  C CG  . PRO A 1 48  ? -13.459 -14.737 11.246  1.00 44.53 ? 89  PRO A CG  1 
ATOM   354  C CD  . PRO A 1 48  ? -13.298 -13.310 11.714  1.00 47.20 ? 89  PRO A CD  1 
ATOM   355  N N   . LYS A 1 49  ? -15.799 -11.985 9.193   1.00 46.96 ? 90  LYS A N   1 
ATOM   356  C CA  . LYS A 1 49  ? -16.891 -11.279 8.528   1.00 50.79 ? 90  LYS A CA  1 
ATOM   357  C C   . LYS A 1 49  ? -16.390 -10.067 7.738   1.00 49.14 ? 90  LYS A C   1 
ATOM   358  O O   . LYS A 1 49  ? -16.680 -9.929  6.547   1.00 46.05 ? 90  LYS A O   1 
ATOM   359  C CB  . LYS A 1 49  ? -17.940 -10.849 9.558   1.00 52.04 ? 90  LYS A CB  1 
ATOM   360  C CG  . LYS A 1 49  ? -19.225 -10.296 8.962   1.00 59.74 ? 90  LYS A CG  1 
ATOM   361  C CD  . LYS A 1 49  ? -20.214 -9.914  10.054  1.00 60.82 ? 90  LYS A CD  1 
ATOM   362  C CE  . LYS A 1 49  ? -21.529 -9.419  9.467   1.00 65.54 ? 90  LYS A CE  1 
ATOM   363  N NZ  . LYS A 1 49  ? -22.239 -10.472 8.687   1.00 63.49 ? 90  LYS A NZ  1 
ATOM   364  N N   . GLU A 1 50  ? -15.637 -9.195  8.405   1.00 49.66 ? 91  GLU A N   1 
ATOM   365  C CA  . GLU A 1 50  ? -15.090 -7.996  7.770   1.00 49.39 ? 91  GLU A CA  1 
ATOM   366  C C   . GLU A 1 50  ? -14.104 -8.346  6.655   1.00 42.27 ? 91  GLU A C   1 
ATOM   367  O O   . GLU A 1 50  ? -14.147 -7.759  5.574   1.00 43.26 ? 91  GLU A O   1 
ATOM   368  C CB  . GLU A 1 50  ? -14.401 -7.109  8.805   1.00 53.55 ? 91  GLU A CB  1 
ATOM   369  C CG  . GLU A 1 50  ? -15.316 -6.600  9.907   1.00 62.60 ? 91  GLU A CG  1 
ATOM   370  C CD  . GLU A 1 50  ? -14.574 -5.765  10.933  1.00 66.34 ? 91  GLU A CD  1 
ATOM   371  O OE1 . GLU A 1 50  ? -14.825 -4.543  11.001  1.00 64.50 ? 91  GLU A OE1 1 
ATOM   372  O OE2 . GLU A 1 50  ? -13.735 -6.331  11.668  1.00 69.91 ? 91  GLU A OE2 1 
ATOM   373  N N   . ALA A 1 51  ? -13.227 -9.310  6.925   1.00 42.26 ? 92  ALA A N   1 
ATOM   374  C CA  . ALA A 1 51  ? -12.223 -9.760  5.964   1.00 40.03 ? 92  ALA A CA  1 
ATOM   375  C C   . ALA A 1 51  ? -12.856 -10.324 4.691   1.00 40.23 ? 92  ALA A C   1 
ATOM   376  O O   . ALA A 1 51  ? -12.257 -10.266 3.615   1.00 31.61 ? 92  ALA A O   1 
ATOM   377  C CB  . ALA A 1 51  ? -11.309 -10.800 6.603   1.00 37.96 ? 92  ALA A CB  1 
ATOM   378  N N   . LYS A 1 52  ? -14.066 -10.866 4.817   1.00 35.79 ? 93  LYS A N   1 
ATOM   379  C CA  . LYS A 1 52  ? -14.769 -11.427 3.670   1.00 32.15 ? 93  LYS A CA  1 
ATOM   380  C C   . LYS A 1 52  ? -15.165 -10.314 2.704   1.00 32.76 ? 93  LYS A C   1 
ATOM   381  O O   . LYS A 1 52  ? -14.970 -10.436 1.492   1.00 27.58 ? 93  LYS A O   1 
ATOM   382  C CB  . LYS A 1 52  ? -16.018 -12.188 4.119   1.00 39.97 ? 93  LYS A CB  1 
ATOM   383  C CG  . LYS A 1 52  ? -16.638 -13.056 3.033   1.00 44.60 ? 93  LYS A CG  1 
ATOM   384  C CD  . LYS A 1 52  ? -15.758 -14.264 2.732   1.00 61.90 ? 93  LYS A CD  1 
ATOM   385  C CE  . LYS A 1 52  ? -16.293 -15.083 1.566   1.00 62.71 ? 93  LYS A CE  1 
ATOM   386  N NZ  . LYS A 1 52  ? -16.171 -14.354 0.272   1.00 61.99 ? 93  LYS A NZ  1 
ATOM   387  N N   . LYS A 1 53  ? -15.736 -9.240  3.247   1.00 30.47 ? 94  LYS A N   1 
ATOM   388  C CA  . LYS A 1 53  ? -16.155 -8.097  2.443   1.00 30.03 ? 94  LYS A CA  1 
ATOM   389  C C   . LYS A 1 53  ? -14.929 -7.371  1.894   1.00 26.53 ? 94  LYS A C   1 
ATOM   390  O O   . LYS A 1 53  ? -14.930 -6.915  0.752   1.00 33.04 ? 94  LYS A O   1 
ATOM   391  C CB  . LYS A 1 53  ? -16.988 -7.124  3.282   1.00 33.60 ? 94  LYS A CB  1 
ATOM   392  C CG  . LYS A 1 53  ? -18.324 -7.672  3.754   1.00 34.71 ? 94  LYS A CG  1 
ATOM   393  C CD  . LYS A 1 53  ? -19.047 -6.659  4.621   1.00 31.44 ? 94  LYS A CD  1 
ATOM   394  C CE  . LYS A 1 53  ? -20.383 -7.197  5.099   1.00 40.85 ? 94  LYS A CE  1 
ATOM   395  N NZ  . LYS A 1 53  ? -21.073 -6.238  6.011   1.00 43.48 ? 94  LYS A NZ  1 
ATOM   396  N N   . ALA A 1 54  ? -13.893 -7.268  2.722   1.00 29.69 ? 95  ALA A N   1 
ATOM   397  C CA  . ALA A 1 54  ? -12.649 -6.606  2.341   1.00 28.45 ? 95  ALA A CA  1 
ATOM   398  C C   . ALA A 1 54  ? -11.942 -7.361  1.214   1.00 33.20 ? 95  ALA A C   1 
ATOM   399  O O   . ALA A 1 54  ? -11.276 -6.757  0.370   1.00 31.07 ? 95  ALA A O   1 
ATOM   400  C CB  . ALA A 1 54  ? -11.739 -6.482  3.547   1.00 29.32 ? 95  ALA A CB  1 
ATOM   401  N N   . PHE A 1 55  ? -12.085 -8.682  1.204   1.00 31.79 ? 96  PHE A N   1 
ATOM   402  C CA  . PHE A 1 55  ? -11.460 -9.494  0.168   1.00 25.07 ? 96  PHE A CA  1 
ATOM   403  C C   . PHE A 1 55  ? -12.125 -9.267  -1.187  1.00 27.62 ? 96  PHE A C   1 
ATOM   404  O O   . PHE A 1 55  ? -11.450 -9.269  -2.215  1.00 28.50 ? 96  PHE A O   1 
ATOM   405  C CB  . PHE A 1 55  ? -11.492 -10.983 0.531   1.00 27.38 ? 96  PHE A CB  1 
ATOM   406  C CG  . PHE A 1 55  ? -10.955 -11.868 -0.551  1.00 23.64 ? 96  PHE A CG  1 
ATOM   407  C CD1 . PHE A 1 55  ? -9.592  -11.896 -0.829  1.00 31.47 ? 96  PHE A CD1 1 
ATOM   408  C CD2 . PHE A 1 55  ? -11.818 -12.619 -1.347  1.00 23.56 ? 96  PHE A CD2 1 
ATOM   409  C CE1 . PHE A 1 55  ? -9.092  -12.649 -1.886  1.00 24.32 ? 96  PHE A CE1 1 
ATOM   410  C CE2 . PHE A 1 55  ? -11.328 -13.379 -2.408  1.00 31.00 ? 96  PHE A CE2 1 
ATOM   411  C CZ  . PHE A 1 55  ? -9.963  -13.392 -2.678  1.00 28.51 ? 96  PHE A CZ  1 
ATOM   412  N N   . LEU A 1 56  ? -13.444 -9.082  -1.189  1.00 24.89 ? 97  LEU A N   1 
ATOM   413  C CA  . LEU A 1 56  ? -14.174 -8.834  -2.426  1.00 24.96 ? 97  LEU A CA  1 
ATOM   414  C C   . LEU A 1 56  ? -13.699 -7.513  -3.032  1.00 25.91 ? 97  LEU A C   1 
ATOM   415  O O   . LEU A 1 56  ? -13.509 -7.416  -4.243  1.00 27.96 ? 97  LEU A O   1 
ATOM   416  C CB  . LEU A 1 56  ? -15.684 -8.786  -2.169  1.00 31.05 ? 97  LEU A CB  1 
ATOM   417  C CG  . LEU A 1 56  ? -16.308 -10.027 -1.516  1.00 40.71 ? 97  LEU A CG  1 
ATOM   418  C CD1 . LEU A 1 56  ? -17.802 -9.805  -1.314  1.00 42.63 ? 97  LEU A CD1 1 
ATOM   419  C CD2 . LEU A 1 56  ? -16.068 -11.257 -2.367  1.00 32.32 ? 97  LEU A CD2 1 
ATOM   420  N N   . ASP A 1 57  ? -13.481 -6.513  -2.178  1.00 19.68 ? 98  ASP A N   1 
ATOM   421  C CA  . ASP A 1 57  ? -13.000 -5.202  -2.627  1.00 23.86 ? 98  ASP A CA  1 
ATOM   422  C C   . ASP A 1 57  ? -11.586 -5.369  -3.181  1.00 17.85 ? 98  ASP A C   1 
ATOM   423  O O   . ASP A 1 57  ? -11.241 -4.805  -4.220  1.00 26.50 ? 98  ASP A O   1 
ATOM   424  C CB  . ASP A 1 57  ? -12.967 -4.204  -1.462  1.00 25.33 ? 98  ASP A CB  1 
ATOM   425  C CG  . ASP A 1 57  ? -14.350 -3.835  -0.951  1.00 34.33 ? 98  ASP A CG  1 
ATOM   426  O OD1 . ASP A 1 57  ? -15.353 -4.047  -1.667  1.00 42.61 ? 98  ASP A OD1 1 
ATOM   427  O OD2 . ASP A 1 57  ? -14.426 -3.309  0.179   1.00 40.62 ? 98  ASP A OD2 1 
ATOM   428  N N   . PHE A 1 58  ? -10.783 -6.144  -2.458  1.00 21.15 ? 99  PHE A N   1 
ATOM   429  C CA  . PHE A 1 58  ? -9.404  -6.437  -2.834  1.00 27.05 ? 99  PHE A CA  1 
ATOM   430  C C   . PHE A 1 58  ? -9.421  -7.112  -4.202  1.00 25.21 ? 99  PHE A C   1 
ATOM   431  O O   . PHE A 1 58  ? -8.594  -6.807  -5.059  1.00 24.03 ? 99  PHE A O   1 
ATOM   432  C CB  . PHE A 1 58  ? -8.774  -7.350  -1.774  1.00 24.41 ? 99  PHE A CB  1 
ATOM   433  C CG  . PHE A 1 58  ? -7.383  -7.822  -2.103  1.00 26.56 ? 99  PHE A CG  1 
ATOM   434  C CD1 . PHE A 1 58  ? -6.272  -7.111  -1.659  1.00 24.04 ? 99  PHE A CD1 1 
ATOM   435  C CD2 . PHE A 1 58  ? -7.182  -9.019  -2.792  1.00 26.35 ? 99  PHE A CD2 1 
ATOM   436  C CE1 . PHE A 1 58  ? -4.979  -7.581  -1.892  1.00 26.77 ? 99  PHE A CE1 1 
ATOM   437  C CE2 . PHE A 1 58  ? -5.891  -9.498  -3.031  1.00 30.94 ? 99  PHE A CE2 1 
ATOM   438  C CZ  . PHE A 1 58  ? -4.787  -8.776  -2.576  1.00 29.58 ? 99  PHE A CZ  1 
ATOM   439  N N   . TYR A 1 59  ? -10.379 -8.019  -4.400  1.00 20.87 ? 100 TYR A N   1 
ATOM   440  C CA  . TYR A 1 59  ? -10.519 -8.711  -5.674  1.00 19.40 ? 100 TYR A CA  1 
ATOM   441  C C   . TYR A 1 59  ? -10.838 -7.721  -6.787  1.00 23.44 ? 100 TYR A C   1 
ATOM   442  O O   . TYR A 1 59  ? -10.157 -7.685  -7.812  1.00 18.35 ? 100 TYR A O   1 
ATOM   443  C CB  . TYR A 1 59  ? -11.622 -9.782  -5.593  1.00 22.17 ? 100 TYR A CB  1 
ATOM   444  C CG  . TYR A 1 59  ? -12.009 -10.363 -6.929  1.00 22.81 ? 100 TYR A CG  1 
ATOM   445  C CD1 . TYR A 1 59  ? -11.252 -11.374 -7.523  1.00 29.13 ? 100 TYR A CD1 1 
ATOM   446  C CD2 . TYR A 1 59  ? -13.118 -9.876  -7.626  1.00 25.82 ? 100 TYR A CD2 1 
ATOM   447  C CE1 . TYR A 1 59  ? -11.589 -11.880 -8.783  1.00 28.39 ? 100 TYR A CE1 1 
ATOM   448  C CE2 . TYR A 1 59  ? -13.459 -10.370 -8.877  1.00 32.86 ? 100 TYR A CE2 1 
ATOM   449  C CZ  . TYR A 1 59  ? -12.694 -11.370 -9.449  1.00 29.36 ? 100 TYR A CZ  1 
ATOM   450  O OH  . TYR A 1 59  ? -13.036 -11.851 -10.691 1.00 36.68 ? 100 TYR A OH  1 
ATOM   451  N N   . HIS A 1 60  ? -11.856 -6.890  -6.568  1.00 16.76 ? 101 HIS A N   1 
ATOM   452  C CA  . HIS A 1 60  ? -12.269 -5.920  -7.572  1.00 24.17 ? 101 HIS A CA  1 
ATOM   453  C C   . HIS A 1 60  ? -11.221 -4.856  -7.895  1.00 21.64 ? 101 HIS A C   1 
ATOM   454  O O   . HIS A 1 60  ? -11.166 -4.358  -9.015  1.00 22.05 ? 101 HIS A O   1 
ATOM   455  C CB  . HIS A 1 60  ? -13.594 -5.269  -7.165  1.00 29.64 ? 101 HIS A CB  1 
ATOM   456  C CG  . HIS A 1 60  ? -14.762 -6.205  -7.221  1.00 37.65 ? 101 HIS A CG  1 
ATOM   457  N ND1 . HIS A 1 60  ? -15.222 -6.749  -8.400  1.00 37.36 ? 101 HIS A ND1 1 
ATOM   458  C CD2 . HIS A 1 60  ? -15.543 -6.716  -6.240  1.00 42.42 ? 101 HIS A CD2 1 
ATOM   459  C CE1 . HIS A 1 60  ? -16.233 -7.561  -8.144  1.00 42.76 ? 101 HIS A CE1 1 
ATOM   460  N NE2 . HIS A 1 60  ? -16.447 -7.559  -6.840  1.00 45.65 ? 101 HIS A NE2 1 
ATOM   461  N N   . SER A 1 61  ? -10.376 -4.540  -6.920  1.00 19.95 ? 102 SER A N   1 
ATOM   462  C CA  . SER A 1 61  ? -9.335  -3.533  -7.093  1.00 22.71 ? 102 SER A CA  1 
ATOM   463  C C   . SER A 1 61  ? -8.029  -4.024  -7.714  1.00 28.40 ? 102 SER A C   1 
ATOM   464  O O   . SER A 1 61  ? -7.415  -3.306  -8.510  1.00 22.65 ? 102 SER A O   1 
ATOM   465  C CB  . SER A 1 61  ? -9.008  -2.871  -5.748  1.00 24.72 ? 102 SER A CB  1 
ATOM   466  O OG  . SER A 1 61  ? -10.081 -2.071  -5.284  1.00 26.55 ? 102 SER A OG  1 
ATOM   467  N N   . PHE A 1 62  ? -7.616  -5.246  -7.376  1.00 24.58 ? 103 PHE A N   1 
ATOM   468  C CA  . PHE A 1 62  ? -6.334  -5.755  -7.858  1.00 21.89 ? 103 PHE A CA  1 
ATOM   469  C C   . PHE A 1 62  ? -6.301  -7.031  -8.680  1.00 27.15 ? 103 PHE A C   1 
ATOM   470  O O   . PHE A 1 62  ? -5.311  -7.280  -9.378  1.00 21.15 ? 103 PHE A O   1 
ATOM   471  C CB  . PHE A 1 62  ? -5.384  -5.956  -6.667  1.00 18.45 ? 103 PHE A CB  1 
ATOM   472  C CG  . PHE A 1 62  ? -5.288  -4.769  -5.757  1.00 21.61 ? 103 PHE A CG  1 
ATOM   473  C CD1 . PHE A 1 62  ? -5.916  -4.778  -4.517  1.00 22.45 ? 103 PHE A CD1 1 
ATOM   474  C CD2 . PHE A 1 62  ? -4.570  -3.640  -6.139  1.00 18.51 ? 103 PHE A CD2 1 
ATOM   475  C CE1 . PHE A 1 62  ? -5.837  -3.675  -3.667  1.00 23.62 ? 103 PHE A CE1 1 
ATOM   476  C CE2 . PHE A 1 62  ? -4.486  -2.534  -5.299  1.00 22.76 ? 103 PHE A CE2 1 
ATOM   477  C CZ  . PHE A 1 62  ? -5.120  -2.552  -4.062  1.00 21.96 ? 103 PHE A CZ  1 
ATOM   478  N N   . LEU A 1 63  ? -7.359  -7.833  -8.613  1.00 24.44 ? 104 LEU A N   1 
ATOM   479  C CA  . LEU A 1 63  ? -7.358  -9.116  -9.317  1.00 22.33 ? 104 LEU A CA  1 
ATOM   480  C C   . LEU A 1 63  ? -8.277  -9.261  -10.530 1.00 27.97 ? 104 LEU A C   1 
ATOM   481  O O   . LEU A 1 63  ? -7.973  -10.019 -11.454 1.00 30.08 ? 104 LEU A O   1 
ATOM   482  C CB  . LEU A 1 63  ? -7.615  -10.246 -8.304  1.00 23.78 ? 104 LEU A CB  1 
ATOM   483  C CG  . LEU A 1 63  ? -6.827  -10.173 -6.982  1.00 20.13 ? 104 LEU A CG  1 
ATOM   484  C CD1 . LEU A 1 63  ? -7.255  -11.279 -6.014  1.00 18.64 ? 104 LEU A CD1 1 
ATOM   485  C CD2 . LEU A 1 63  ? -5.334  -10.249 -7.253  1.00 22.20 ? 104 LEU A CD2 1 
ATOM   486  N N   . GLU A 1 64  ? -9.386  -8.530  -10.545 1.00 27.13 ? 105 GLU A N   1 
ATOM   487  C CA  . GLU A 1 64  ? -10.329 -8.607  -11.658 1.00 30.27 ? 105 GLU A CA  1 
ATOM   488  C C   . GLU A 1 64  ? -9.789  -8.030  -12.970 1.00 33.48 ? 105 GLU A C   1 
ATOM   489  O O   . GLU A 1 64  ? -9.058  -7.041  -12.971 1.00 32.26 ? 105 GLU A O   1 
ATOM   490  C CB  . GLU A 1 64  ? -11.654 -7.939  -11.281 1.00 33.45 ? 105 GLU A CB  1 
ATOM   491  C CG  . GLU A 1 64  ? -12.723 -8.053  -12.351 1.00 42.71 ? 105 GLU A CG  1 
ATOM   492  C CD  . GLU A 1 64  ? -14.099 -7.742  -11.822 1.00 55.10 ? 105 GLU A CD  1 
ATOM   493  O OE1 . GLU A 1 64  ? -14.306 -6.618  -11.312 1.00 60.59 ? 105 GLU A OE1 1 
ATOM   494  O OE2 . GLU A 1 64  ? -14.975 -8.627  -11.916 1.00 59.06 ? 105 GLU A OE2 1 
ATOM   495  N N   . LYS A 1 65  ? -10.186 -8.651  -14.081 1.00 30.26 ? 106 LYS A N   1 
ATOM   496  C CA  . LYS A 1 65  ? -9.768  -8.263  -15.429 1.00 34.43 ? 106 LYS A CA  1 
ATOM   497  C C   . LYS A 1 65  ? -9.766  -6.764  -15.741 1.00 34.21 ? 106 LYS A C   1 
ATOM   498  O O   . LYS A 1 65  ? -8.790  -6.238  -16.278 1.00 38.76 ? 106 LYS A O   1 
ATOM   499  C CB  . LYS A 1 65  ? -10.630 -8.987  -16.469 1.00 41.77 ? 106 LYS A CB  1 
ATOM   500  C CG  . LYS A 1 65  ? -10.252 -8.704  -17.919 1.00 54.42 ? 106 LYS A CG  1 
ATOM   501  C CD  . LYS A 1 65  ? -11.352 -9.146  -18.885 1.00 63.41 ? 106 LYS A CD  1 
ATOM   502  C CE  . LYS A 1 65  ? -11.673 -10.627 -18.742 1.00 71.63 ? 106 LYS A CE  1 
ATOM   503  N NZ  . LYS A 1 65  ? -12.765 -11.058 -19.662 1.00 76.50 ? 106 LYS A NZ  1 
ATOM   504  N N   . THR A 1 66  ? -10.856 -6.078  -15.417 1.00 34.80 ? 107 THR A N   1 
ATOM   505  C CA  . THR A 1 66  ? -10.955 -4.648  -15.707 1.00 36.88 ? 107 THR A CA  1 
ATOM   506  C C   . THR A 1 66  ? -10.397 -3.720  -14.629 1.00 31.23 ? 107 THR A C   1 
ATOM   507  O O   . THR A 1 66  ? -10.440 -2.501  -14.791 1.00 34.48 ? 107 THR A O   1 
ATOM   508  C CB  . THR A 1 66  ? -12.420 -4.227  -15.990 1.00 36.70 ? 107 THR A CB  1 
ATOM   509  O OG1 . THR A 1 66  ? -13.202 -4.368  -14.796 1.00 42.66 ? 107 THR A OG1 1 
ATOM   510  C CG2 . THR A 1 66  ? -13.024 -5.082  -17.095 1.00 35.28 ? 107 THR A CG2 1 
ATOM   511  N N   . ALA A 1 67  ? -9.884  -4.286  -13.535 1.00 31.88 ? 108 ALA A N   1 
ATOM   512  C CA  . ALA A 1 67  ? -9.334  -3.483  -12.439 1.00 23.96 ? 108 ALA A CA  1 
ATOM   513  C C   . ALA A 1 67  ? -8.248  -2.518  -12.893 1.00 27.11 ? 108 ALA A C   1 
ATOM   514  O O   . ALA A 1 67  ? -7.269  -2.917  -13.521 1.00 25.76 ? 108 ALA A O   1 
ATOM   515  C CB  . ALA A 1 67  ? -8.811  -4.379  -11.335 1.00 29.83 ? 108 ALA A CB  1 
ATOM   516  N N   . VAL A 1 68  ? -8.428  -1.245  -12.557 1.00 30.14 ? 109 VAL A N   1 
ATOM   517  C CA  . VAL A 1 68  ? -7.477  -0.204  -12.931 1.00 31.12 ? 109 VAL A CA  1 
ATOM   518  C C   . VAL A 1 68  ? -6.106  -0.461  -12.321 1.00 25.67 ? 109 VAL A C   1 
ATOM   519  O O   . VAL A 1 68  ? -5.081  -0.132  -12.918 1.00 29.08 ? 109 VAL A O   1 
ATOM   520  C CB  . VAL A 1 68  ? -7.947  1.187   -12.463 1.00 38.36 ? 109 VAL A CB  1 
ATOM   521  C CG1 . VAL A 1 68  ? -7.321  2.263   -13.332 1.00 45.48 ? 109 VAL A CG1 1 
ATOM   522  C CG2 . VAL A 1 68  ? -9.464  1.272   -12.479 1.00 50.04 ? 109 VAL A CG2 1 
ATOM   523  N N   . LEU A 1 69  ? -6.097  -1.061  -11.136 1.00 21.28 ? 110 LEU A N   1 
ATOM   524  C CA  . LEU A 1 69  ? -4.857  -1.354  -10.427 1.00 26.11 ? 110 LEU A CA  1 
ATOM   525  C C   . LEU A 1 69  ? -4.529  -2.842  -10.472 1.00 22.41 ? 110 LEU A C   1 
ATOM   526  O O   . LEU A 1 69  ? -3.857  -3.359  -9.581  1.00 20.27 ? 110 LEU A O   1 
ATOM   527  C CB  . LEU A 1 69  ? -4.962  -0.893  -8.969  1.00 20.57 ? 110 LEU A CB  1 
ATOM   528  C CG  . LEU A 1 69  ? -5.239  0.582   -8.664  1.00 30.91 ? 110 LEU A CG  1 
ATOM   529  C CD1 . LEU A 1 69  ? -5.344  0.752   -7.161  1.00 25.21 ? 110 LEU A CD1 1 
ATOM   530  C CD2 . LEU A 1 69  ? -4.143  1.478   -9.226  1.00 27.98 ? 110 LEU A CD2 1 
ATOM   531  N N   . ARG A 1 70  ? -4.966  -3.514  -11.534 1.00 23.57 ? 111 ARG A N   1 
ATOM   532  C CA  . ARG A 1 70  ? -4.727  -4.944  -11.673 1.00 27.11 ? 111 ARG A CA  1 
ATOM   533  C C   . ARG A 1 70  ? -3.253  -5.295  -11.583 1.00 24.18 ? 111 ARG A C   1 
ATOM   534  O O   . ARG A 1 70  ? -2.413  -4.677  -12.243 1.00 26.39 ? 111 ARG A O   1 
ATOM   535  C CB  . ARG A 1 70  ? -5.294  -5.473  -12.992 1.00 22.40 ? 111 ARG A CB  1 
ATOM   536  C CG  . ARG A 1 70  ? -5.319  -6.998  -13.067 1.00 25.98 ? 111 ARG A CG  1 
ATOM   537  C CD  . ARG A 1 70  ? -6.045  -7.486  -14.314 1.00 28.30 ? 111 ARG A CD  1 
ATOM   538  N NE  . ARG A 1 70  ? -6.551  -8.845  -14.138 1.00 43.18 ? 111 ARG A NE  1 
ATOM   539  C CZ  . ARG A 1 70  ? -6.050  -9.922  -14.733 1.00 49.12 ? 111 ARG A CZ  1 
ATOM   540  N NH1 . ARG A 1 70  ? -5.018  -9.815  -15.561 1.00 54.93 ? 111 ARG A NH1 1 
ATOM   541  N NH2 . ARG A 1 70  ? -6.572  -11.116 -14.480 1.00 50.35 ? 111 ARG A NH2 1 
ATOM   542  N N   . VAL A 1 71  ? -2.950  -6.250  -10.711 1.00 22.05 ? 112 VAL A N   1 
ATOM   543  C CA  . VAL A 1 71  ? -1.588  -6.725  -10.521 1.00 24.60 ? 112 VAL A CA  1 
ATOM   544  C C   . VAL A 1 71  ? -1.471  -8.063  -11.251 1.00 24.80 ? 112 VAL A C   1 
ATOM   545  O O   . VAL A 1 71  ? -2.484  -8.705  -11.533 1.00 25.64 ? 112 VAL A O   1 
ATOM   546  C CB  . VAL A 1 71  ? -1.262  -6.943  -9.016  1.00 30.78 ? 112 VAL A CB  1 
ATOM   547  C CG1 . VAL A 1 71  ? -1.428  -5.643  -8.237  1.00 25.52 ? 112 VAL A CG1 1 
ATOM   548  C CG2 . VAL A 1 71  ? -2.149  -8.031  -8.423  1.00 28.90 ? 112 VAL A CG2 1 
ATOM   549  N N   . PRO A 1 72  ? -0.246  -8.463  -11.634 1.00 24.49 ? 113 PRO A N   1 
ATOM   550  C CA  . PRO A 1 72  ? -0.081  -9.747  -12.326 1.00 26.26 ? 113 PRO A CA  1 
ATOM   551  C C   . PRO A 1 72  ? -0.481  -10.883 -11.374 1.00 24.87 ? 113 PRO A C   1 
ATOM   552  O O   . PRO A 1 72  ? 0.160   -11.114 -10.346 1.00 28.61 ? 113 PRO A O   1 
ATOM   553  C CB  . PRO A 1 72  ? 1.412   -9.763  -12.679 1.00 29.40 ? 113 PRO A CB  1 
ATOM   554  C CG  . PRO A 1 72  ? 2.035   -8.848  -11.654 1.00 29.67 ? 113 PRO A CG  1 
ATOM   555  C CD  . PRO A 1 72  ? 1.030   -7.730  -11.564 1.00 27.97 ? 113 PRO A CD  1 
ATOM   556  N N   . VAL A 1 73  ? -1.577  -11.551 -11.715 1.00 26.12 ? 114 VAL A N   1 
ATOM   557  C CA  . VAL A 1 73  ? -2.134  -12.628 -10.902 1.00 26.08 ? 114 VAL A CA  1 
ATOM   558  C C   . VAL A 1 73  ? -1.600  -14.010 -11.269 1.00 30.06 ? 114 VAL A C   1 
ATOM   559  O O   . VAL A 1 73  ? -1.454  -14.331 -12.447 1.00 29.56 ? 114 VAL A O   1 
ATOM   560  C CB  . VAL A 1 73  ? -3.681  -12.661 -11.042 1.00 29.29 ? 114 VAL A CB  1 
ATOM   561  C CG1 . VAL A 1 73  ? -4.299  -13.630 -10.032 1.00 30.89 ? 114 VAL A CG1 1 
ATOM   562  C CG2 . VAL A 1 73  ? -4.265  -11.261 -10.874 1.00 31.03 ? 114 VAL A CG2 1 
ATOM   563  N N   . PRO A 1 74  ? -1.252  -14.827 -10.261 1.00 34.28 ? 115 PRO A N   1 
ATOM   564  C CA  . PRO A 1 74  ? -0.744  -16.175 -10.535 1.00 37.48 ? 115 PRO A CA  1 
ATOM   565  C C   . PRO A 1 74  ? -1.837  -16.943 -11.283 1.00 27.89 ? 115 PRO A C   1 
ATOM   566  O O   . PRO A 1 74  ? -2.977  -17.014 -10.821 1.00 29.37 ? 115 PRO A O   1 
ATOM   567  C CB  . PRO A 1 74  ? -0.533  -16.741 -9.134  1.00 37.54 ? 115 PRO A CB  1 
ATOM   568  C CG  . PRO A 1 74  ? -0.141  -15.536 -8.354  1.00 38.05 ? 115 PRO A CG  1 
ATOM   569  C CD  . PRO A 1 74  ? -1.140  -14.514 -8.824  1.00 36.67 ? 115 PRO A CD  1 
ATOM   570  N N   . PRO A 1 75  ? -1.511  -17.497 -12.460 1.00 32.11 ? 116 PRO A N   1 
ATOM   571  C CA  . PRO A 1 75  ? -2.480  -18.250 -13.265 1.00 31.29 ? 116 PRO A CA  1 
ATOM   572  C C   . PRO A 1 75  ? -3.375  -19.219 -12.489 1.00 27.21 ? 116 PRO A C   1 
ATOM   573  O O   . PRO A 1 75  ? -4.568  -19.314 -12.771 1.00 22.46 ? 116 PRO A O   1 
ATOM   574  C CB  . PRO A 1 75  ? -1.602  -18.951 -14.310 1.00 33.36 ? 116 PRO A CB  1 
ATOM   575  C CG  . PRO A 1 75  ? -0.216  -18.868 -13.755 1.00 38.55 ? 116 PRO A CG  1 
ATOM   576  C CD  . PRO A 1 75  ? -0.178  -17.546 -13.077 1.00 29.65 ? 116 PRO A CD  1 
ATOM   577  N N   . ASN A 1 76  ? -2.814  -19.886 -11.482 1.00 27.44 ? 117 ASN A N   1 
ATOM   578  C CA  . ASN A 1 76  ? -3.574  -20.823 -10.657 1.00 34.28 ? 117 ASN A CA  1 
ATOM   579  C C   . ASN A 1 76  ? -4.684  -20.107 -9.885  1.00 31.63 ? 117 ASN A C   1 
ATOM   580  O O   . ASN A 1 76  ? -5.815  -20.595 -9.811  1.00 30.37 ? 117 ASN A O   1 
ATOM   581  C CB  . ASN A 1 76  ? -2.651  -21.547 -9.669  1.00 42.74 ? 117 ASN A CB  1 
ATOM   582  C CG  . ASN A 1 76  ? -1.558  -22.337 -10.361 1.00 50.60 ? 117 ASN A CG  1 
ATOM   583  O OD1 . ASN A 1 76  ? -0.371  -22.041 -10.210 1.00 61.03 ? 117 ASN A OD1 1 
ATOM   584  N ND2 . ASN A 1 76  ? -1.952  -23.348 -11.127 1.00 53.70 ? 117 ASN A ND2 1 
ATOM   585  N N   . VAL A 1 77  ? -4.353  -18.954 -9.308  1.00 31.38 ? 118 VAL A N   1 
ATOM   586  C CA  . VAL A 1 77  ? -5.317  -18.165 -8.547  1.00 31.16 ? 118 VAL A CA  1 
ATOM   587  C C   . VAL A 1 77  ? -6.438  -17.647 -9.438  1.00 25.47 ? 118 VAL A C   1 
ATOM   588  O O   . VAL A 1 77  ? -7.613  -17.759 -9.088  1.00 30.41 ? 118 VAL A O   1 
ATOM   589  C CB  . VAL A 1 77  ? -4.624  -16.990 -7.825  1.00 34.89 ? 118 VAL A CB  1 
ATOM   590  C CG1 . VAL A 1 77  ? -5.654  -16.012 -7.267  1.00 30.06 ? 118 VAL A CG1 1 
ATOM   591  C CG2 . VAL A 1 77  ? -3.761  -17.524 -6.698  1.00 37.43 ? 118 VAL A CG2 1 
ATOM   592  N N   . ALA A 1 78  ? -6.070  -17.090 -10.591 1.00 27.50 ? 119 ALA A N   1 
ATOM   593  C CA  . ALA A 1 78  ? -7.038  -16.555 -11.547 1.00 20.95 ? 119 ALA A CA  1 
ATOM   594  C C   . ALA A 1 78  ? -7.987  -17.651 -12.032 1.00 26.92 ? 119 ALA A C   1 
ATOM   595  O O   . ALA A 1 78  ? -9.188  -17.424 -12.186 1.00 26.32 ? 119 ALA A O   1 
ATOM   596  C CB  . ALA A 1 78  ? -6.316  -15.925 -12.733 1.00 26.54 ? 119 ALA A CB  1 
ATOM   597  N N   . PHE A 1 79  ? -7.433  -18.838 -12.257 1.00 27.66 ? 120 PHE A N   1 
ATOM   598  C CA  . PHE A 1 79  ? -8.196  -20.002 -12.710 1.00 24.93 ? 120 PHE A CA  1 
ATOM   599  C C   . PHE A 1 79  ? -9.219  -20.405 -11.645 1.00 25.66 ? 120 PHE A C   1 
ATOM   600  O O   . PHE A 1 79  ? -10.397 -20.615 -11.948 1.00 26.02 ? 120 PHE A O   1 
ATOM   601  C CB  . PHE A 1 79  ? -7.220  -21.155 -13.004 1.00 26.68 ? 120 PHE A CB  1 
ATOM   602  C CG  . PHE A 1 79  ? -7.884  -22.470 -13.322 1.00 29.87 ? 120 PHE A CG  1 
ATOM   603  C CD1 . PHE A 1 79  ? -8.137  -22.838 -14.641 1.00 36.52 ? 120 PHE A CD1 1 
ATOM   604  C CD2 . PHE A 1 79  ? -8.238  -23.353 -12.299 1.00 32.57 ? 120 PHE A CD2 1 
ATOM   605  C CE1 . PHE A 1 79  ? -8.732  -24.069 -14.939 1.00 35.34 ? 120 PHE A CE1 1 
ATOM   606  C CE2 . PHE A 1 79  ? -8.833  -24.584 -12.588 1.00 36.17 ? 120 PHE A CE2 1 
ATOM   607  C CZ  . PHE A 1 79  ? -9.081  -24.940 -13.909 1.00 40.09 ? 120 PHE A CZ  1 
ATOM   608  N N   . GLU A 1 80  ? -8.765  -20.483 -10.396 1.00 29.70 ? 121 GLU A N   1 
ATOM   609  C CA  . GLU A 1 80  ? -9.628  -20.860 -9.278  1.00 37.11 ? 121 GLU A CA  1 
ATOM   610  C C   . GLU A 1 80  ? -10.679 -19.802 -8.962  1.00 36.27 ? 121 GLU A C   1 
ATOM   611  O O   . GLU A 1 80  ? -11.818 -20.139 -8.639  1.00 37.93 ? 121 GLU A O   1 
ATOM   612  C CB  . GLU A 1 80  ? -8.792  -21.153 -8.033  1.00 44.47 ? 121 GLU A CB  1 
ATOM   613  C CG  . GLU A 1 80  ? -7.905  -22.381 -8.160  1.00 56.34 ? 121 GLU A CG  1 
ATOM   614  C CD  . GLU A 1 80  ? -7.098  -22.649 -6.905  1.00 63.33 ? 121 GLU A CD  1 
ATOM   615  O OE1 . GLU A 1 80  ? -7.631  -23.295 -5.976  1.00 64.43 ? 121 GLU A OE1 1 
ATOM   616  O OE2 . GLU A 1 80  ? -5.928  -22.212 -6.846  1.00 68.75 ? 121 GLU A OE2 1 
ATOM   617  N N   . LEU A 1 81  ? -10.300 -18.529 -9.053  1.00 33.39 ? 122 LEU A N   1 
ATOM   618  C CA  . LEU A 1 81  ? -11.231 -17.438 -8.791  1.00 31.65 ? 122 LEU A CA  1 
ATOM   619  C C   . LEU A 1 81  ? -12.395 -17.461 -9.774  1.00 36.74 ? 122 LEU A C   1 
ATOM   620  O O   . LEU A 1 81  ? -13.554 -17.296 -9.383  1.00 37.18 ? 122 LEU A O   1 
ATOM   621  C CB  . LEU A 1 81  ? -10.521 -16.083 -8.859  1.00 31.24 ? 122 LEU A CB  1 
ATOM   622  C CG  . LEU A 1 81  ? -9.693  -15.728 -7.623  1.00 32.26 ? 122 LEU A CG  1 
ATOM   623  C CD1 . LEU A 1 81  ? -8.906  -14.453 -7.865  1.00 26.79 ? 122 LEU A CD1 1 
ATOM   624  C CD2 . LEU A 1 81  ? -10.620 -15.575 -6.419  1.00 37.31 ? 122 LEU A CD2 1 
ATOM   625  N N   . ASP A 1 82  ? -12.083 -17.699 -11.045 1.00 30.47 ? 123 ASP A N   1 
ATOM   626  C CA  . ASP A 1 82  ? -13.105 -17.747 -12.084 1.00 34.53 ? 123 ASP A CA  1 
ATOM   627  C C   . ASP A 1 82  ? -14.018 -18.965 -11.957 1.00 37.13 ? 123 ASP A C   1 
ATOM   628  O O   . ASP A 1 82  ? -15.003 -19.091 -12.688 1.00 39.50 ? 123 ASP A O   1 
ATOM   629  C CB  . ASP A 1 82  ? -12.453 -17.724 -13.471 1.00 36.41 ? 123 ASP A CB  1 
ATOM   630  C CG  . ASP A 1 82  ? -11.702 -16.430 -13.747 1.00 41.99 ? 123 ASP A CG  1 
ATOM   631  O OD1 . ASP A 1 82  ? -11.889 -15.446 -12.998 1.00 47.54 ? 123 ASP A OD1 1 
ATOM   632  O OD2 . ASP A 1 82  ? -10.923 -16.395 -14.723 1.00 46.25 ? 123 ASP A OD2 1 
ATOM   633  N N   . ARG A 1 83  ? -13.699 -19.851 -11.019 1.00 37.86 ? 124 ARG A N   1 
ATOM   634  C CA  . ARG A 1 83  ? -14.487 -21.061 -10.805 1.00 42.56 ? 124 ARG A CA  1 
ATOM   635  C C   . ARG A 1 83  ? -15.022 -21.185 -9.382  1.00 46.06 ? 124 ARG A C   1 
ATOM   636  O O   . ARG A 1 83  ? -15.655 -22.183 -9.035  1.00 45.48 ? 124 ARG A O   1 
ATOM   637  C CB  . ARG A 1 83  ? -13.650 -22.289 -11.168 1.00 38.23 ? 124 ARG A CB  1 
ATOM   638  C CG  . ARG A 1 83  ? -13.426 -22.417 -12.657 1.00 42.46 ? 124 ARG A CG  1 
ATOM   639  C CD  . ARG A 1 83  ? -12.179 -23.204 -12.995 1.00 39.44 ? 124 ARG A CD  1 
ATOM   640  N NE  . ARG A 1 83  ? -11.969 -23.240 -14.439 1.00 37.12 ? 124 ARG A NE  1 
ATOM   641  C CZ  . ARG A 1 83  ? -11.629 -22.188 -15.178 1.00 38.89 ? 124 ARG A CZ  1 
ATOM   642  N NH1 . ARG A 1 83  ? -11.437 -21.000 -14.613 1.00 34.58 ? 124 ARG A NH1 1 
ATOM   643  N NH2 . ARG A 1 83  ? -11.544 -22.309 -16.495 1.00 43.65 ? 124 ARG A NH2 1 
ATOM   644  N N   . THR A 1 84  ? -14.778 -20.166 -8.565  1.00 48.40 ? 125 THR A N   1 
ATOM   645  C CA  . THR A 1 84  ? -15.239 -20.184 -7.183  1.00 50.91 ? 125 THR A CA  1 
ATOM   646  C C   . THR A 1 84  ? -16.213 -19.046 -6.903  1.00 54.04 ? 125 THR A C   1 
ATOM   647  O O   . THR A 1 84  ? -15.926 -17.877 -7.170  1.00 51.29 ? 125 THR A O   1 
ATOM   648  C CB  . THR A 1 84  ? -14.060 -20.116 -6.184  1.00 47.60 ? 125 THR A CB  1 
ATOM   649  O OG1 . THR A 1 84  ? -13.114 -21.149 -6.485  1.00 48.41 ? 125 THR A OG1 1 
ATOM   650  C CG2 . THR A 1 84  ? -14.559 -20.322 -4.761  1.00 45.90 ? 125 THR A CG2 1 
ATOM   651  N N   . ARG A 1 85  ? -17.377 -19.415 -6.382  1.00 53.02 ? 126 ARG A N   1 
ATOM   652  C CA  . ARG A 1 85  ? -18.427 -18.465 -6.040  1.00 52.86 ? 126 ARG A CA  1 
ATOM   653  C C   . ARG A 1 85  ? -18.037 -17.746 -4.745  1.00 48.40 ? 126 ARG A C   1 
ATOM   654  O O   . ARG A 1 85  ? -17.412 -18.341 -3.868  1.00 44.17 ? 126 ARG A O   1 
ATOM   655  C CB  . ARG A 1 85  ? -19.744 -19.225 -5.864  1.00 57.00 ? 126 ARG A CB  1 
ATOM   656  C CG  . ARG A 1 85  ? -20.957 -18.350 -5.653  1.00 66.09 ? 126 ARG A CG  1 
ATOM   657  C CD  . ARG A 1 85  ? -22.243 -19.165 -5.589  1.00 72.41 ? 126 ARG A CD  1 
ATOM   658  N NE  . ARG A 1 85  ? -23.409 -18.299 -5.420  1.00 77.32 ? 126 ARG A NE  1 
ATOM   659  C CZ  . ARG A 1 85  ? -24.108 -18.189 -4.294  1.00 80.65 ? 126 ARG A CZ  1 
ATOM   660  N NH1 . ARG A 1 85  ? -23.772 -18.902 -3.225  1.00 80.59 ? 126 ARG A NH1 1 
ATOM   661  N NH2 . ARG A 1 85  ? -25.122 -17.336 -4.225  1.00 78.22 ? 126 ARG A NH2 1 
ATOM   662  N N   . ALA A 1 86  ? -18.407 -16.470 -4.631  1.00 50.52 ? 127 ALA A N   1 
ATOM   663  C CA  . ALA A 1 86  ? -18.092 -15.665 -3.447  1.00 52.78 ? 127 ALA A CA  1 
ATOM   664  C C   . ALA A 1 86  ? -18.441 -16.345 -2.120  1.00 56.94 ? 127 ALA A C   1 
ATOM   665  O O   . ALA A 1 86  ? -17.665 -16.283 -1.166  1.00 53.12 ? 127 ALA A O   1 
ATOM   666  C CB  . ALA A 1 86  ? -18.771 -14.308 -3.537  1.00 54.43 ? 127 ALA A CB  1 
ATOM   667  N N   . ASP A 1 87  ? -19.600 -16.996 -2.067  1.00 60.59 ? 128 ASP A N   1 
ATOM   668  C CA  . ASP A 1 87  ? -20.038 -17.697 -0.860  1.00 64.50 ? 128 ASP A CA  1 
ATOM   669  C C   . ASP A 1 87  ? -19.197 -18.939 -0.578  1.00 66.83 ? 128 ASP A C   1 
ATOM   670  O O   . ASP A 1 87  ? -18.906 -19.247 0.579   1.00 70.99 ? 128 ASP A O   1 
ATOM   671  C CB  . ASP A 1 87  ? -21.512 -18.097 -0.973  1.00 65.32 ? 128 ASP A CB  1 
ATOM   672  C CG  . ASP A 1 87  ? -22.454 -17.020 -0.469  1.00 62.70 ? 128 ASP A CG  1 
ATOM   673  O OD1 . ASP A 1 87  ? -23.423 -17.374 0.228   1.00 54.52 ? 128 ASP A OD1 1 
ATOM   674  O OD2 . ASP A 1 87  ? -22.231 -15.827 -0.765  1.00 65.78 ? 128 ASP A OD2 1 
ATOM   675  N N   . LEU A 1 88  ? -18.820 -19.650 -1.640  1.00 66.53 ? 129 LEU A N   1 
ATOM   676  C CA  . LEU A 1 88  ? -18.013 -20.862 -1.522  1.00 68.56 ? 129 LEU A CA  1 
ATOM   677  C C   . LEU A 1 88  ? -16.622 -20.570 -0.955  1.00 69.43 ? 129 LEU A C   1 
ATOM   678  O O   . LEU A 1 88  ? -15.987 -21.453 -0.375  1.00 70.80 ? 129 LEU A O   1 
ATOM   679  C CB  . LEU A 1 88  ? -17.890 -21.548 -2.887  1.00 72.45 ? 129 LEU A CB  1 
ATOM   680  C CG  . LEU A 1 88  ? -17.117 -22.870 -2.982  1.00 73.12 ? 129 LEU A CG  1 
ATOM   681  C CD1 . LEU A 1 88  ? -17.848 -23.964 -2.218  1.00 74.09 ? 129 LEU A CD1 1 
ATOM   682  C CD2 . LEU A 1 88  ? -16.949 -23.266 -4.441  1.00 72.95 ? 129 LEU A CD2 1 
ATOM   683  N N   . ILE A 1 89  ? -16.160 -19.331 -1.122  1.00 68.53 ? 130 ILE A N   1 
ATOM   684  C CA  . ILE A 1 89  ? -14.848 -18.910 -0.631  1.00 67.66 ? 130 ILE A CA  1 
ATOM   685  C C   . ILE A 1 89  ? -14.714 -19.109 0.876   1.00 65.51 ? 130 ILE A C   1 
ATOM   686  O O   . ILE A 1 89  ? -15.376 -18.432 1.667   1.00 63.64 ? 130 ILE A O   1 
ATOM   687  C CB  . ILE A 1 89  ? -14.563 -17.417 -0.965  1.00 69.99 ? 130 ILE A CB  1 
ATOM   688  C CG1 . ILE A 1 89  ? -14.434 -17.216 -2.477  1.00 70.15 ? 130 ILE A CG1 1 
ATOM   689  C CG2 . ILE A 1 89  ? -13.283 -16.946 -0.273  1.00 69.36 ? 130 ILE A CG2 1 
ATOM   690  C CD1 . ILE A 1 89  ? -13.139 -17.744 -3.060  1.00 73.33 ? 130 ILE A CD1 1 
ATOM   691  N N   . SER A 1 90  ? -13.871 -20.062 1.259   1.00 64.51 ? 131 SER A N   1 
ATOM   692  C CA  . SER A 1 90  ? -13.619 -20.362 2.664   1.00 66.00 ? 131 SER A CA  1 
ATOM   693  C C   . SER A 1 90  ? -12.513 -19.441 3.169   1.00 66.37 ? 131 SER A C   1 
ATOM   694  O O   . SER A 1 90  ? -11.698 -18.956 2.380   1.00 67.91 ? 131 SER A O   1 
ATOM   695  C CB  . SER A 1 90  ? -13.192 -21.823 2.820   1.00 66.70 ? 131 SER A CB  1 
ATOM   696  O OG  . SER A 1 90  ? -12.919 -22.136 4.174   1.00 69.23 ? 131 SER A OG  1 
ATOM   697  N N   . GLU A 1 91  ? -12.487 -19.193 4.477   1.00 64.27 ? 132 GLU A N   1 
ATOM   698  C CA  . GLU A 1 91  ? -11.468 -18.329 5.070   1.00 63.14 ? 132 GLU A CA  1 
ATOM   699  C C   . GLU A 1 91  ? -10.069 -18.859 4.782   1.00 60.32 ? 132 GLU A C   1 
ATOM   700  O O   . GLU A 1 91  ? -9.136  -18.087 4.575   1.00 55.88 ? 132 GLU A O   1 
ATOM   701  C CB  . GLU A 1 91  ? -11.670 -18.192 6.580   1.00 66.75 ? 132 GLU A CB  1 
ATOM   702  C CG  . GLU A 1 91  ? -12.881 -17.360 6.977   1.00 71.16 ? 132 GLU A CG  1 
ATOM   703  C CD  . GLU A 1 91  ? -13.976 -18.183 7.632   1.00 75.26 ? 132 GLU A CD  1 
ATOM   704  O OE1 . GLU A 1 91  ? -13.656 -19.033 8.494   1.00 73.03 ? 132 GLU A OE1 1 
ATOM   705  O OE2 . GLU A 1 91  ? -15.161 -17.969 7.296   1.00 74.60 ? 132 GLU A OE2 1 
ATOM   706  N N   . ASP A 1 92  ? -9.942  -20.181 4.753   1.00 60.37 ? 133 ASP A N   1 
ATOM   707  C CA  . ASP A 1 92  ? -8.671  -20.841 4.475   1.00 60.18 ? 133 ASP A CA  1 
ATOM   708  C C   . ASP A 1 92  ? -8.260  -20.608 3.021   1.00 55.45 ? 133 ASP A C   1 
ATOM   709  O O   . ASP A 1 92  ? -7.111  -20.262 2.741   1.00 53.09 ? 133 ASP A O   1 
ATOM   710  C CB  . ASP A 1 92  ? -8.786  -22.343 4.759   1.00 66.29 ? 133 ASP A CB  1 
ATOM   711  C CG  . ASP A 1 92  ? -7.529  -23.111 4.386   1.00 73.63 ? 133 ASP A CG  1 
ATOM   712  O OD1 . ASP A 1 92  ? -6.447  -22.792 4.924   1.00 80.66 ? 133 ASP A OD1 1 
ATOM   713  O OD2 . ASP A 1 92  ? -7.626  -24.036 3.552   1.00 77.57 ? 133 ASP A OD2 1 
ATOM   714  N N   . VAL A 1 93  ? -9.208  -20.790 2.104   1.00 47.04 ? 134 VAL A N   1 
ATOM   715  C CA  . VAL A 1 93  ? -8.962  -20.601 0.675   1.00 44.44 ? 134 VAL A CA  1 
ATOM   716  C C   . VAL A 1 93  ? -8.676  -19.127 0.380   1.00 40.12 ? 134 VAL A C   1 
ATOM   717  O O   . VAL A 1 93  ? -7.870  -18.802 -0.490  1.00 39.49 ? 134 VAL A O   1 
ATOM   718  C CB  . VAL A 1 93  ? -10.170 -21.065 -0.167  1.00 46.10 ? 134 VAL A CB  1 
ATOM   719  C CG1 . VAL A 1 93  ? -9.856  -20.957 -1.648  1.00 46.33 ? 134 VAL A CG1 1 
ATOM   720  C CG2 . VAL A 1 93  ? -10.552 -22.497 0.198   1.00 52.34 ? 134 VAL A CG2 1 
ATOM   721  N N   . GLN A 1 94  ? -9.347  -18.247 1.116   1.00 31.78 ? 135 GLN A N   1 
ATOM   722  C CA  . GLN A 1 94  ? -9.177  -16.804 0.971   1.00 41.24 ? 135 GLN A CA  1 
ATOM   723  C C   . GLN A 1 94  ? -7.755  -16.398 1.377   1.00 36.62 ? 135 GLN A C   1 
ATOM   724  O O   . GLN A 1 94  ? -7.111  -15.605 0.692   1.00 38.03 ? 135 GLN A O   1 
ATOM   725  C CB  . GLN A 1 94  ? -10.211 -16.075 1.832   1.00 41.36 ? 135 GLN A CB  1 
ATOM   726  C CG  . GLN A 1 94  ? -10.181 -14.565 1.721   1.00 49.61 ? 135 GLN A CG  1 
ATOM   727  C CD  . GLN A 1 94  ? -11.229 -13.902 2.594   1.00 54.20 ? 135 GLN A CD  1 
ATOM   728  O OE1 . GLN A 1 94  ? -12.431 -14.067 2.377   1.00 57.42 ? 135 GLN A OE1 1 
ATOM   729  N NE2 . GLN A 1 94  ? -10.780 -13.145 3.587   1.00 53.31 ? 135 GLN A NE2 1 
ATOM   730  N N   . ARG A 1 95  ? -7.269  -16.950 2.487   1.00 35.79 ? 136 ARG A N   1 
ATOM   731  C CA  . ARG A 1 95  ? -5.917  -16.654 2.955   1.00 34.46 ? 136 ARG A CA  1 
ATOM   732  C C   . ARG A 1 95  ? -4.892  -17.149 1.938   1.00 35.79 ? 136 ARG A C   1 
ATOM   733  O O   . ARG A 1 95  ? -3.879  -16.493 1.712   1.00 31.38 ? 136 ARG A O   1 
ATOM   734  C CB  . ARG A 1 95  ? -5.650  -17.304 4.313   1.00 43.52 ? 136 ARG A CB  1 
ATOM   735  C CG  . ARG A 1 95  ? -6.565  -16.824 5.425   1.00 49.32 ? 136 ARG A CG  1 
ATOM   736  C CD  . ARG A 1 95  ? -6.215  -17.473 6.756   1.00 56.25 ? 136 ARG A CD  1 
ATOM   737  N NE  . ARG A 1 95  ? -7.341  -17.435 7.688   1.00 63.48 ? 136 ARG A NE  1 
ATOM   738  C CZ  . ARG A 1 95  ? -7.819  -16.331 8.256   1.00 65.51 ? 136 ARG A CZ  1 
ATOM   739  N NH1 . ARG A 1 95  ? -7.268  -15.151 8.002   1.00 66.49 ? 136 ARG A NH1 1 
ATOM   740  N NH2 . ARG A 1 95  ? -8.874  -16.404 9.056   1.00 69.01 ? 136 ARG A NH2 1 
ATOM   741  N N   . ARG A 1 96  ? -5.161  -18.302 1.323   1.00 33.07 ? 137 ARG A N   1 
ATOM   742  C CA  . ARG A 1 96  ? -4.257  -18.867 0.320   1.00 39.91 ? 137 ARG A CA  1 
ATOM   743  C C   . ARG A 1 96  ? -4.158  -17.954 -0.895  1.00 34.23 ? 137 ARG A C   1 
ATOM   744  O O   . ARG A 1 96  ? -3.060  -17.685 -1.381  1.00 33.96 ? 137 ARG A O   1 
ATOM   745  C CB  . ARG A 1 96  ? -4.718  -20.259 -0.127  1.00 47.55 ? 137 ARG A CB  1 
ATOM   746  C CG  . ARG A 1 96  ? -4.702  -21.314 0.965   1.00 63.14 ? 137 ARG A CG  1 
ATOM   747  C CD  . ARG A 1 96  ? -5.015  -22.689 0.397   1.00 70.21 ? 137 ARG A CD  1 
ATOM   748  N NE  . ARG A 1 96  ? -5.203  -23.686 1.450   1.00 78.78 ? 137 ARG A NE  1 
ATOM   749  C CZ  . ARG A 1 96  ? -5.003  -24.993 1.293   1.00 84.67 ? 137 ARG A CZ  1 
ATOM   750  N NH1 . ARG A 1 96  ? -4.600  -25.476 0.124   1.00 88.05 ? 137 ARG A NH1 1 
ATOM   751  N NH2 . ARG A 1 96  ? -5.225  -25.822 2.304   1.00 87.26 ? 137 ARG A NH2 1 
ATOM   752  N N   . PHE A 1 97  ? -5.309  -17.501 -1.393  1.00 34.60 ? 138 PHE A N   1 
ATOM   753  C CA  . PHE A 1 97  ? -5.352  -16.602 -2.547  1.00 33.25 ? 138 PHE A CA  1 
ATOM   754  C C   . PHE A 1 97  ? -4.573  -15.322 -2.253  1.00 28.38 ? 138 PHE A C   1 
ATOM   755  O O   . PHE A 1 97  ? -3.781  -14.867 -3.076  1.00 28.87 ? 138 PHE A O   1 
ATOM   756  C CB  . PHE A 1 97  ? -6.796  -16.245 -2.913  1.00 31.06 ? 138 PHE A CB  1 
ATOM   757  C CG  . PHE A 1 97  ? -7.543  -17.347 -3.619  1.00 36.33 ? 138 PHE A CG  1 
ATOM   758  C CD1 . PHE A 1 97  ? -6.862  -18.355 -4.291  1.00 39.08 ? 138 PHE A CD1 1 
ATOM   759  C CD2 . PHE A 1 97  ? -8.934  -17.368 -3.616  1.00 38.72 ? 138 PHE A CD2 1 
ATOM   760  C CE1 . PHE A 1 97  ? -7.554  -19.368 -4.949  1.00 46.88 ? 138 PHE A CE1 1 
ATOM   761  C CE2 . PHE A 1 97  ? -9.633  -18.375 -4.271  1.00 44.17 ? 138 PHE A CE2 1 
ATOM   762  C CZ  . PHE A 1 97  ? -8.942  -19.376 -4.940  1.00 44.05 ? 138 PHE A CZ  1 
ATOM   763  N N   . VAL A 1 98  ? -4.797  -14.754 -1.072  1.00 31.91 ? 139 VAL A N   1 
ATOM   764  C CA  . VAL A 1 98  ? -4.105  -13.535 -0.666  1.00 27.63 ? 139 VAL A CA  1 
ATOM   765  C C   . VAL A 1 98  ? -2.593  -13.753 -0.579  1.00 32.95 ? 139 VAL A C   1 
ATOM   766  O O   . VAL A 1 98  ? -1.825  -12.983 -1.154  1.00 29.43 ? 139 VAL A O   1 
ATOM   767  C CB  . VAL A 1 98  ? -4.641  -13.004 0.690   1.00 32.92 ? 139 VAL A CB  1 
ATOM   768  C CG1 . VAL A 1 98  ? -3.798  -11.832 1.177   1.00 27.19 ? 139 VAL A CG1 1 
ATOM   769  C CG2 . VAL A 1 98  ? -6.078  -12.567 0.540   1.00 23.98 ? 139 VAL A CG2 1 
ATOM   770  N N   . GLN A 1 99  ? -2.169  -14.809 0.115   1.00 29.27 ? 140 GLN A N   1 
ATOM   771  C CA  . GLN A 1 99  ? -0.741  -15.102 0.254   1.00 30.73 ? 140 GLN A CA  1 
ATOM   772  C C   . GLN A 1 99  ? -0.051  -15.376 -1.085  1.00 31.55 ? 140 GLN A C   1 
ATOM   773  O O   . GLN A 1 99  ? 1.083   -14.945 -1.298  1.00 30.17 ? 140 GLN A O   1 
ATOM   774  C CB  . GLN A 1 99  ? -0.512  -16.274 1.218   1.00 35.88 ? 140 GLN A CB  1 
ATOM   775  C CG  . GLN A 1 99  ? -1.064  -16.067 2.630   1.00 49.64 ? 140 GLN A CG  1 
ATOM   776  C CD  . GLN A 1 99  ? -0.412  -14.916 3.396   1.00 58.04 ? 140 GLN A CD  1 
ATOM   777  O OE1 . GLN A 1 99  ? 0.064   -13.939 2.812   1.00 60.41 ? 140 GLN A OE1 1 
ATOM   778  N NE2 . GLN A 1 99  ? -0.405  -15.028 4.720   1.00 63.24 ? 140 GLN A NE2 1 
ATOM   779  N N   . GLU A 1 100 ? -0.732  -16.088 -1.982  1.00 33.72 ? 141 GLU A N   1 
ATOM   780  C CA  . GLU A 1 100 ? -0.175  -16.398 -3.299  1.00 32.58 ? 141 GLU A CA  1 
ATOM   781  C C   . GLU A 1 100 ? -0.070  -15.139 -4.152  1.00 31.78 ? 141 GLU A C   1 
ATOM   782  O O   . GLU A 1 100 ? 0.877   -14.978 -4.924  1.00 31.91 ? 141 GLU A O   1 
ATOM   783  C CB  . GLU A 1 100 ? -1.024  -17.440 -4.029  1.00 36.39 ? 141 GLU A CB  1 
ATOM   784  C CG  . GLU A 1 100 ? -0.878  -18.857 -3.498  1.00 45.15 ? 141 GLU A CG  1 
ATOM   785  C CD  . GLU A 1 100 ? -1.592  -19.882 -4.369  1.00 53.82 ? 141 GLU A CD  1 
ATOM   786  O OE1 . GLU A 1 100 ? -1.126  -20.127 -5.505  1.00 52.03 ? 141 GLU A OE1 1 
ATOM   787  O OE2 . GLU A 1 100 ? -2.618  -20.437 -3.921  1.00 56.86 ? 141 GLU A OE2 1 
ATOM   788  N N   . VAL A 1 101 ? -1.062  -14.264 -4.031  1.00 27.94 ? 142 VAL A N   1 
ATOM   789  C CA  . VAL A 1 101 ? -1.060  -13.013 -4.777  1.00 27.52 ? 142 VAL A CA  1 
ATOM   790  C C   . VAL A 1 101 ? 0.062   -12.114 -4.254  1.00 24.52 ? 142 VAL A C   1 
ATOM   791  O O   . VAL A 1 101 ? 0.805   -11.523 -5.035  1.00 31.58 ? 142 VAL A O   1 
ATOM   792  C CB  . VAL A 1 101 ? -2.408  -12.271 -4.653  1.00 27.41 ? 142 VAL A CB  1 
ATOM   793  C CG1 . VAL A 1 101 ? -2.256  -10.820 -5.110  1.00 30.19 ? 142 VAL A CG1 1 
ATOM   794  C CG2 . VAL A 1 101 ? -3.477  -12.973 -5.494  1.00 20.99 ? 142 VAL A CG2 1 
ATOM   795  N N   . VAL A 1 102 ? 0.188   -12.034 -2.932  1.00 22.84 ? 143 VAL A N   1 
ATOM   796  C CA  . VAL A 1 102 ? 1.215   -11.213 -2.291  1.00 21.90 ? 143 VAL A CA  1 
ATOM   797  C C   . VAL A 1 102 ? 2.609   -11.730 -2.631  1.00 28.00 ? 143 VAL A C   1 
ATOM   798  O O   . VAL A 1 102 ? 3.514   -10.949 -2.908  1.00 23.22 ? 143 VAL A O   1 
ATOM   799  C CB  . VAL A 1 102 ? 1.045   -11.180 -0.755  1.00 19.68 ? 143 VAL A CB  1 
ATOM   800  C CG1 . VAL A 1 102 ? 2.240   -10.488 -0.089  1.00 21.85 ? 143 VAL A CG1 1 
ATOM   801  C CG2 . VAL A 1 102 ? -0.233  -10.452 -0.387  1.00 19.40 ? 143 VAL A CG2 1 
ATOM   802  N N   . GLN A 1 103 ? 2.764   -13.051 -2.655  1.00 25.97 ? 144 GLN A N   1 
ATOM   803  C CA  . GLN A 1 103 ? 4.054   -13.660 -2.965  1.00 28.05 ? 144 GLN A CA  1 
ATOM   804  C C   . GLN A 1 103 ? 4.519   -13.258 -4.365  1.00 25.07 ? 144 GLN A C   1 
ATOM   805  O O   . GLN A 1 103 ? 5.689   -12.922 -4.563  1.00 29.18 ? 144 GLN A O   1 
ATOM   806  C CB  . GLN A 1 103 ? 3.959   -15.187 -2.841  1.00 37.03 ? 144 GLN A CB  1 
ATOM   807  C CG  . GLN A 1 103 ? 5.294   -15.891 -2.649  1.00 48.83 ? 144 GLN A CG  1 
ATOM   808  C CD  . GLN A 1 103 ? 6.085   -16.035 -3.938  1.00 57.67 ? 144 GLN A CD  1 
ATOM   809  O OE1 . GLN A 1 103 ? 7.275   -15.725 -3.986  1.00 65.06 ? 144 GLN A OE1 1 
ATOM   810  N NE2 . GLN A 1 103 ? 5.426   -16.519 -4.986  1.00 60.37 ? 144 GLN A NE2 1 
ATOM   811  N N   . SER A 1 104 ? 3.588   -13.243 -5.316  1.00 31.70 ? 145 SER A N   1 
ATOM   812  C CA  . SER A 1 104 ? 3.889   -12.880 -6.700  1.00 33.79 ? 145 SER A CA  1 
ATOM   813  C C   . SER A 1 104 ? 4.194   -11.396 -6.938  1.00 35.73 ? 145 SER A C   1 
ATOM   814  O O   . SER A 1 104 ? 4.534   -11.004 -8.058  1.00 36.43 ? 145 SER A O   1 
ATOM   815  C CB  . SER A 1 104 ? 2.752   -13.327 -7.624  1.00 37.30 ? 145 SER A CB  1 
ATOM   816  O OG  . SER A 1 104 ? 1.516   -12.755 -7.229  1.00 42.98 ? 145 SER A OG  1 
ATOM   817  N N   . GLN A 1 105 ? 4.048   -10.568 -5.905  1.00 31.68 ? 146 GLN A N   1 
ATOM   818  C CA  . GLN A 1 105 ? 4.323   -9.135  -6.029  1.00 28.81 ? 146 GLN A CA  1 
ATOM   819  C C   . GLN A 1 105 ? 5.661   -8.770  -5.383  1.00 30.67 ? 146 GLN A C   1 
ATOM   820  O O   . GLN A 1 105 ? 6.182   -7.676  -5.600  1.00 26.52 ? 146 GLN A O   1 
ATOM   821  C CB  . GLN A 1 105 ? 3.219   -8.299  -5.359  1.00 27.04 ? 146 GLN A CB  1 
ATOM   822  C CG  . GLN A 1 105 ? 1.793   -8.659  -5.733  1.00 26.93 ? 146 GLN A CG  1 
ATOM   823  C CD  . GLN A 1 105 ? 1.509   -8.530  -7.213  1.00 28.87 ? 146 GLN A CD  1 
ATOM   824  O OE1 . GLN A 1 105 ? 1.784   -7.497  -7.826  1.00 28.33 ? 146 GLN A OE1 1 
ATOM   825  N NE2 . GLN A 1 105 ? 0.940   -9.580  -7.797  1.00 29.16 ? 146 GLN A NE2 1 
ATOM   826  N N   . GLN A 1 106 ? 6.209   -9.687  -4.587  1.00 33.77 ? 147 GLN A N   1 
ATOM   827  C CA  . GLN A 1 106 ? 7.473   -9.458  -3.885  1.00 32.61 ? 147 GLN A CA  1 
ATOM   828  C C   . GLN A 1 106 ? 8.632   -8.953  -4.740  1.00 36.17 ? 147 GLN A C   1 
ATOM   829  O O   . GLN A 1 106 ? 9.370   -8.067  -4.312  1.00 36.35 ? 147 GLN A O   1 
ATOM   830  C CB  . GLN A 1 106 ? 7.897   -10.711 -3.109  1.00 39.95 ? 147 GLN A CB  1 
ATOM   831  C CG  . GLN A 1 106 ? 6.992   -11.049 -1.928  1.00 44.60 ? 147 GLN A CG  1 
ATOM   832  C CD  . GLN A 1 106 ? 6.871   -9.905  -0.931  1.00 53.96 ? 147 GLN A CD  1 
ATOM   833  O OE1 . GLN A 1 106 ? 5.769   -9.448  -0.624  1.00 52.55 ? 147 GLN A OE1 1 
ATOM   834  N NE2 . GLN A 1 106 ? 8.008   -9.439  -0.419  1.00 55.23 ? 147 GLN A NE2 1 
ATOM   835  N N   . VAL A 1 107 ? 8.793   -9.503  -5.943  1.00 39.82 ? 148 VAL A N   1 
ATOM   836  C CA  . VAL A 1 107 ? 9.875   -9.076  -6.830  1.00 36.30 ? 148 VAL A CA  1 
ATOM   837  C C   . VAL A 1 107 ? 9.754   -7.600  -7.230  1.00 32.03 ? 148 VAL A C   1 
ATOM   838  O O   . VAL A 1 107 ? 10.702  -6.834  -7.065  1.00 34.16 ? 148 VAL A O   1 
ATOM   839  C CB  . VAL A 1 107 ? 9.963   -9.960  -8.103  1.00 35.85 ? 148 VAL A CB  1 
ATOM   840  C CG1 . VAL A 1 107 ? 10.935  -9.350  -9.116  1.00 37.44 ? 148 VAL A CG1 1 
ATOM   841  C CG2 . VAL A 1 107 ? 10.428  -11.362 -7.732  1.00 34.98 ? 148 VAL A CG2 1 
ATOM   842  N N   . ALA A 1 108 ? 8.589   -7.209  -7.742  1.00 31.81 ? 149 ALA A N   1 
ATOM   843  C CA  . ALA A 1 108 ? 8.353   -5.830  -8.168  1.00 30.73 ? 149 ALA A CA  1 
ATOM   844  C C   . ALA A 1 108 ? 8.490   -4.842  -7.013  1.00 27.36 ? 149 ALA A C   1 
ATOM   845  O O   . ALA A 1 108 ? 9.176   -3.825  -7.142  1.00 32.53 ? 149 ALA A O   1 
ATOM   846  C CB  . ALA A 1 108 ? 6.980   -5.698  -8.806  1.00 24.60 ? 149 ALA A CB  1 
ATOM   847  N N   . VAL A 1 109 ? 7.833   -5.144  -5.894  1.00 25.90 ? 150 VAL A N   1 
ATOM   848  C CA  . VAL A 1 109 ? 7.880   -4.288  -4.708  1.00 28.76 ? 150 VAL A CA  1 
ATOM   849  C C   . VAL A 1 109 ? 9.307   -4.225  -4.176  1.00 30.93 ? 150 VAL A C   1 
ATOM   850  O O   . VAL A 1 109 ? 9.769   -3.169  -3.733  1.00 28.12 ? 150 VAL A O   1 
ATOM   851  C CB  . VAL A 1 109 ? 6.927   -4.801  -3.601  1.00 23.55 ? 150 VAL A CB  1 
ATOM   852  C CG1 . VAL A 1 109 ? 7.111   -3.992  -2.315  1.00 26.33 ? 150 VAL A CG1 1 
ATOM   853  C CG2 . VAL A 1 109 ? 5.480   -4.727  -4.079  1.00 22.33 ? 150 VAL A CG2 1 
ATOM   854  N N   . GLY A 1 110 ? 10.003  -5.359  -4.239  1.00 30.39 ? 151 GLY A N   1 
ATOM   855  C CA  . GLY A 1 110 ? 11.380  -5.410  -3.783  1.00 26.66 ? 151 GLY A CA  1 
ATOM   856  C C   . GLY A 1 110 ? 12.255  -4.484  -4.610  1.00 27.47 ? 151 GLY A C   1 
ATOM   857  O O   . GLY A 1 110 ? 13.099  -3.766  -4.065  1.00 26.12 ? 151 GLY A O   1 
ATOM   858  N N   . ARG A 1 111 ? 12.043  -4.489  -5.924  1.00 25.26 ? 152 ARG A N   1 
ATOM   859  C CA  . ARG A 1 111 ? 12.812  -3.639  -6.837  1.00 28.63 ? 152 ARG A CA  1 
ATOM   860  C C   . ARG A 1 111 ? 12.486  -2.165  -6.633  1.00 28.43 ? 152 ARG A C   1 
ATOM   861  O O   . ARG A 1 111 ? 13.356  -1.306  -6.763  1.00 22.82 ? 152 ARG A O   1 
ATOM   862  C CB  . ARG A 1 111 ? 12.565  -4.033  -8.293  1.00 33.48 ? 152 ARG A CB  1 
ATOM   863  C CG  . ARG A 1 111 ? 13.296  -5.302  -8.722  1.00 47.83 ? 152 ARG A CG  1 
ATOM   864  C CD  . ARG A 1 111 ? 13.027  -5.635  -10.184 1.00 54.97 ? 152 ARG A CD  1 
ATOM   865  N NE  . ARG A 1 111 ? 11.622  -5.960  -10.425 1.00 62.88 ? 152 ARG A NE  1 
ATOM   866  C CZ  . ARG A 1 111 ? 10.971  -5.703  -11.556 1.00 61.06 ? 152 ARG A CZ  1 
ATOM   867  N NH1 . ARG A 1 111 ? 11.592  -5.110  -12.567 1.00 63.58 ? 152 ARG A NH1 1 
ATOM   868  N NH2 . ARG A 1 111 ? 9.692   -6.034  -11.675 1.00 58.44 ? 152 ARG A NH2 1 
ATOM   869  N N   . GLN A 1 112 ? 11.226  -1.881  -6.319  1.00 23.88 ? 153 GLN A N   1 
ATOM   870  C CA  . GLN A 1 112 ? 10.795  -0.516  -6.074  1.00 24.75 ? 153 GLN A CA  1 
ATOM   871  C C   . GLN A 1 112 ? 11.383  0.021   -4.768  1.00 19.65 ? 153 GLN A C   1 
ATOM   872  O O   . GLN A 1 112 ? 11.760  1.187   -4.690  1.00 23.31 ? 153 GLN A O   1 
ATOM   873  C CB  . GLN A 1 112 ? 9.270   -0.445  -6.074  1.00 27.30 ? 153 GLN A CB  1 
ATOM   874  C CG  . GLN A 1 112 ? 8.670   -0.744  -7.441  1.00 27.25 ? 153 GLN A CG  1 
ATOM   875  C CD  . GLN A 1 112 ? 7.177   -0.994  -7.389  1.00 25.63 ? 153 GLN A CD  1 
ATOM   876  O OE1 . GLN A 1 112 ? 6.494   -0.598  -6.442  1.00 22.80 ? 153 GLN A OE1 1 
ATOM   877  N NE2 . GLN A 1 112 ? 6.659   -1.669  -8.410  1.00 22.13 ? 153 GLN A NE2 1 
ATOM   878  N N   . LEU A 1 113 ? 11.469  -0.828  -3.746  1.00 18.93 ? 154 LEU A N   1 
ATOM   879  C CA  . LEU A 1 113 ? 12.056  -0.416  -2.466  1.00 21.21 ? 154 LEU A CA  1 
ATOM   880  C C   . LEU A 1 113 ? 13.544  -0.152  -2.679  1.00 27.62 ? 154 LEU A C   1 
ATOM   881  O O   . LEU A 1 113 ? 14.099  0.816   -2.158  1.00 25.79 ? 154 LEU A O   1 
ATOM   882  C CB  . LEU A 1 113 ? 11.875  -1.498  -1.407  1.00 20.22 ? 154 LEU A CB  1 
ATOM   883  C CG  . LEU A 1 113 ? 10.537  -1.522  -0.668  1.00 34.16 ? 154 LEU A CG  1 
ATOM   884  C CD1 . LEU A 1 113 ? 10.433  -2.782  0.177   1.00 36.20 ? 154 LEU A CD1 1 
ATOM   885  C CD2 . LEU A 1 113 ? 10.421  -0.278  0.197   1.00 35.98 ? 154 LEU A CD2 1 
ATOM   886  N N   . GLU A 1 114 ? 14.174  -1.018  -3.470  1.00 22.17 ? 155 GLU A N   1 
ATOM   887  C CA  . GLU A 1 114 ? 15.591  -0.886  -3.796  1.00 27.28 ? 155 GLU A CA  1 
ATOM   888  C C   . GLU A 1 114 ? 15.820  0.457   -4.480  1.00 22.14 ? 155 GLU A C   1 
ATOM   889  O O   . GLU A 1 114 ? 16.704  1.215   -4.085  1.00 23.35 ? 155 GLU A O   1 
ATOM   890  C CB  . GLU A 1 114 ? 16.018  -2.026  -4.726  1.00 32.59 ? 155 GLU A CB  1 
ATOM   891  C CG  . GLU A 1 114 ? 17.459  -1.964  -5.217  1.00 36.67 ? 155 GLU A CG  1 
ATOM   892  C CD  . GLU A 1 114 ? 17.803  -3.099  -6.180  1.00 54.18 ? 155 GLU A CD  1 
ATOM   893  O OE1 . GLU A 1 114 ? 16.960  -4.003  -6.388  1.00 54.19 ? 155 GLU A OE1 1 
ATOM   894  O OE2 . GLU A 1 114 ? 18.925  -3.088  -6.734  1.00 60.15 ? 155 GLU A OE2 1 
ATOM   895  N N   . ASP A 1 115 ? 14.995  0.755   -5.485  1.00 24.03 ? 156 ASP A N   1 
ATOM   896  C CA  . ASP A 1 115 ? 15.106  2.007   -6.223  1.00 23.09 ? 156 ASP A CA  1 
ATOM   897  C C   . ASP A 1 115 ? 14.915  3.207   -5.303  1.00 24.07 ? 156 ASP A C   1 
ATOM   898  O O   . ASP A 1 115 ? 15.630  4.198   -5.416  1.00 22.30 ? 156 ASP A O   1 
ATOM   899  C CB  . ASP A 1 115 ? 14.093  2.067   -7.368  1.00 24.30 ? 156 ASP A CB  1 
ATOM   900  C CG  . ASP A 1 115 ? 14.268  3.306   -8.231  1.00 32.03 ? 156 ASP A CG  1 
ATOM   901  O OD1 . ASP A 1 115 ? 13.434  4.235   -8.133  1.00 27.63 ? 156 ASP A OD1 1 
ATOM   902  O OD2 . ASP A 1 115 ? 15.260  3.365   -8.992  1.00 28.12 ? 156 ASP A OD2 1 
ATOM   903  N N   . PHE A 1 116 ? 13.950  3.116   -4.394  1.00 20.57 ? 157 PHE A N   1 
ATOM   904  C CA  . PHE A 1 116 ? 13.705  4.201   -3.457  1.00 22.25 ? 157 PHE A CA  1 
ATOM   905  C C   . PHE A 1 116 ? 14.947  4.449   -2.593  1.00 20.08 ? 157 PHE A C   1 
ATOM   906  O O   . PHE A 1 116 ? 15.376  5.590   -2.427  1.00 21.52 ? 157 PHE A O   1 
ATOM   907  C CB  . PHE A 1 116 ? 12.502  3.897   -2.550  1.00 17.68 ? 157 PHE A CB  1 
ATOM   908  C CG  . PHE A 1 116 ? 12.167  5.026   -1.606  1.00 21.97 ? 157 PHE A CG  1 
ATOM   909  C CD1 . PHE A 1 116 ? 11.240  6.000   -1.969  1.00 17.91 ? 157 PHE A CD1 1 
ATOM   910  C CD2 . PHE A 1 116 ? 12.832  5.153   -0.386  1.00 20.66 ? 157 PHE A CD2 1 
ATOM   911  C CE1 . PHE A 1 116 ? 10.976  7.100   -1.129  1.00 17.07 ? 157 PHE A CE1 1 
ATOM   912  C CE2 . PHE A 1 116 ? 12.580  6.243   0.461   1.00 25.08 ? 157 PHE A CE2 1 
ATOM   913  C CZ  . PHE A 1 116 ? 11.649  7.220   0.084   1.00 15.66 ? 157 PHE A CZ  1 
ATOM   914  N N   . ARG A 1 117 ? 15.523  3.380   -2.051  1.00 20.55 ? 158 ARG A N   1 
ATOM   915  C CA  . ARG A 1 117 ? 16.711  3.513   -1.204  1.00 22.17 ? 158 ARG A CA  1 
ATOM   916  C C   . ARG A 1 117 ? 17.891  4.164   -1.925  1.00 25.25 ? 158 ARG A C   1 
ATOM   917  O O   . ARG A 1 117 ? 18.584  5.006   -1.352  1.00 21.23 ? 158 ARG A O   1 
ATOM   918  C CB  . ARG A 1 117 ? 17.128  2.159   -0.635  1.00 23.44 ? 158 ARG A CB  1 
ATOM   919  C CG  . ARG A 1 117 ? 16.122  1.562   0.322   1.00 24.31 ? 158 ARG A CG  1 
ATOM   920  C CD  . ARG A 1 117 ? 16.723  0.407   1.107   1.00 36.22 ? 158 ARG A CD  1 
ATOM   921  N NE  . ARG A 1 117 ? 17.180  -0.681  0.246   1.00 35.29 ? 158 ARG A NE  1 
ATOM   922  C CZ  . ARG A 1 117 ? 16.448  -1.742  -0.081  1.00 33.76 ? 158 ARG A CZ  1 
ATOM   923  N NH1 . ARG A 1 117 ? 15.207  -1.874  0.375   1.00 24.26 ? 158 ARG A NH1 1 
ATOM   924  N NH2 . ARG A 1 117 ? 16.961  -2.678  -0.867  1.00 30.03 ? 158 ARG A NH2 1 
ATOM   925  N N   . SER A 1 118 ? 18.106  3.782   -3.184  1.00 23.62 ? 159 SER A N   1 
ATOM   926  C CA  . SER A 1 118 ? 19.201  4.345   -3.972  1.00 28.16 ? 159 SER A CA  1 
ATOM   927  C C   . SER A 1 118 ? 18.965  5.821   -4.275  1.00 23.62 ? 159 SER A C   1 
ATOM   928  O O   . SER A 1 118 ? 19.852  6.649   -4.080  1.00 26.70 ? 159 SER A O   1 
ATOM   929  C CB  . SER A 1 118 ? 19.384  3.570   -5.277  1.00 33.11 ? 159 SER A CB  1 
ATOM   930  O OG  . SER A 1 118 ? 19.851  2.262   -5.019  1.00 45.44 ? 159 SER A OG  1 
ATOM   931  N N   . LYS A 1 119 ? 17.755  6.144   -4.726  1.00 22.67 ? 160 LYS A N   1 
ATOM   932  C CA  . LYS A 1 119 ? 17.401  7.522   -5.055  1.00 26.21 ? 160 LYS A CA  1 
ATOM   933  C C   . LYS A 1 119 ? 17.455  8.409   -3.811  1.00 21.98 ? 160 LYS A C   1 
ATOM   934  O O   . LYS A 1 119 ? 17.863  9.567   -3.885  1.00 26.69 ? 160 LYS A O   1 
ATOM   935  C CB  . LYS A 1 119 ? 16.005  7.582   -5.679  1.00 28.18 ? 160 LYS A CB  1 
ATOM   936  C CG  . LYS A 1 119 ? 15.855  6.823   -6.991  1.00 33.73 ? 160 LYS A CG  1 
ATOM   937  C CD  . LYS A 1 119 ? 16.540  7.531   -8.153  1.00 37.81 ? 160 LYS A CD  1 
ATOM   938  C CE  . LYS A 1 119 ? 16.311  6.791   -9.468  1.00 35.16 ? 160 LYS A CE  1 
ATOM   939  N NZ  . LYS A 1 119 ? 14.861  6.656   -9.798  1.00 51.58 ? 160 LYS A NZ  1 
ATOM   940  N N   . ARG A 1 120 ? 17.089  7.841   -2.664  1.00 20.09 ? 161 ARG A N   1 
ATOM   941  C CA  . ARG A 1 120 ? 17.086  8.584   -1.398  1.00 24.27 ? 161 ARG A CA  1 
ATOM   942  C C   . ARG A 1 120 ? 18.488  9.044   -1.006  1.00 30.12 ? 161 ARG A C   1 
ATOM   943  O O   . ARG A 1 120 ? 18.671  10.154  -0.490  1.00 31.16 ? 161 ARG A O   1 
ATOM   944  C CB  . ARG A 1 120 ? 16.496  7.729   -0.275  1.00 21.07 ? 161 ARG A CB  1 
ATOM   945  C CG  . ARG A 1 120 ? 16.308  8.492   1.022   1.00 21.47 ? 161 ARG A CG  1 
ATOM   946  C CD  . ARG A 1 120 ? 15.834  7.590   2.151   1.00 20.47 ? 161 ARG A CD  1 
ATOM   947  N NE  . ARG A 1 120 ? 15.536  8.391   3.334   1.00 19.46 ? 161 ARG A NE  1 
ATOM   948  C CZ  . ARG A 1 120 ? 15.592  7.953   4.586   1.00 20.32 ? 161 ARG A CZ  1 
ATOM   949  N NH1 . ARG A 1 120 ? 15.936  6.698   4.846   1.00 23.51 ? 161 ARG A NH1 1 
ATOM   950  N NH2 . ARG A 1 120 ? 15.316  8.785   5.580   1.00 28.82 ? 161 ARG A NH2 1 
ATOM   951  N N   . LEU A 1 121 ? 19.472  8.181   -1.243  1.00 28.86 ? 162 LEU A N   1 
ATOM   952  C CA  . LEU A 1 121 ? 20.863  8.497   -0.931  1.00 35.57 ? 162 LEU A CA  1 
ATOM   953  C C   . LEU A 1 121 ? 21.348  9.671   -1.777  1.00 35.09 ? 162 LEU A C   1 
ATOM   954  O O   . LEU A 1 121 ? 22.195  10.450  -1.345  1.00 35.04 ? 162 LEU A O   1 
ATOM   955  C CB  . LEU A 1 121 ? 21.753  7.278   -1.181  1.00 39.70 ? 162 LEU A CB  1 
ATOM   956  C CG  . LEU A 1 121 ? 21.481  6.061   -0.296  1.00 42.07 ? 162 LEU A CG  1 
ATOM   957  C CD1 . LEU A 1 121 ? 22.328  4.883   -0.761  1.00 41.47 ? 162 LEU A CD1 1 
ATOM   958  C CD2 . LEU A 1 121 ? 21.771  6.404   1.160   1.00 41.13 ? 162 LEU A CD2 1 
ATOM   959  N N   . MET A 1 122 ? 20.779  9.802   -2.971  1.00 32.67 ? 163 MET A N   1 
ATOM   960  C CA  . MET A 1 122 ? 21.136  10.869  -3.897  1.00 37.27 ? 163 MET A CA  1 
ATOM   961  C C   . MET A 1 122 ? 20.259  12.110  -3.730  1.00 31.85 ? 163 MET A C   1 
ATOM   962  O O   . MET A 1 122 ? 20.415  13.085  -4.467  1.00 33.36 ? 163 MET A O   1 
ATOM   963  C CB  . MET A 1 122 ? 21.028  10.366  -5.340  1.00 39.31 ? 163 MET A CB  1 
ATOM   964  C CG  . MET A 1 122 ? 21.904  9.168   -5.662  1.00 50.98 ? 163 MET A CG  1 
ATOM   965  S SD  . MET A 1 122 ? 21.812  8.708   -7.407  1.00 61.15 ? 163 MET A SD  1 
ATOM   966  C CE  . MET A 1 122 ? 20.485  7.519   -7.383  1.00 55.35 ? 163 MET A CE  1 
ATOM   967  N N   . GLY A 1 123 ? 19.332  12.063  -2.775  1.00 31.34 ? 164 GLY A N   1 
ATOM   968  C CA  . GLY A 1 123 ? 18.435  13.184  -2.538  1.00 29.60 ? 164 GLY A CA  1 
ATOM   969  C C   . GLY A 1 123 ? 17.360  13.278  -3.606  1.00 34.71 ? 164 GLY A C   1 
ATOM   970  O O   . GLY A 1 123 ? 16.807  14.349  -3.862  1.00 32.06 ? 164 GLY A O   1 
ATOM   971  N N   . MET A 1 124 ? 17.051  12.143  -4.224  1.00 26.71 ? 165 MET A N   1 
ATOM   972  C CA  . MET A 1 124 ? 16.052  12.099  -5.283  1.00 27.81 ? 165 MET A CA  1 
ATOM   973  C C   . MET A 1 124 ? 14.702  11.516  -4.868  1.00 22.46 ? 165 MET A C   1 
ATOM   974  O O   . MET A 1 124 ? 13.958  11.006  -5.700  1.00 19.68 ? 165 MET A O   1 
ATOM   975  C CB  . MET A 1 124 ? 16.621  11.372  -6.507  1.00 23.30 ? 165 MET A CB  1 
ATOM   976  C CG  . MET A 1 124 ? 17.749  12.136  -7.185  1.00 41.18 ? 165 MET A CG  1 
ATOM   977  S SD  . MET A 1 124 ? 18.634  11.172  -8.425  1.00 52.80 ? 165 MET A SD  1 
ATOM   978  C CE  . MET A 1 124 ? 17.569  11.402  -9.854  1.00 52.80 ? 165 MET A CE  1 
ATOM   979  N N   . THR A 1 125 ? 14.386  11.600  -3.576  1.00 21.20 ? 166 THR A N   1 
ATOM   980  C CA  . THR A 1 125 ? 13.104  11.114  -3.075  1.00 17.04 ? 166 THR A CA  1 
ATOM   981  C C   . THR A 1 125 ? 12.390  12.238  -2.335  1.00 19.52 ? 166 THR A C   1 
ATOM   982  O O   . THR A 1 125 ? 13.027  13.080  -1.693  1.00 18.90 ? 166 THR A O   1 
ATOM   983  C CB  . THR A 1 125 ? 13.247  9.881   -2.155  1.00 17.39 ? 166 THR A CB  1 
ATOM   984  O OG1 . THR A 1 125 ? 14.164  10.167  -1.093  1.00 21.98 ? 166 THR A OG1 1 
ATOM   985  C CG2 . THR A 1 125 ? 13.736  8.679   -2.961  1.00 17.72 ? 166 THR A CG2 1 
ATOM   986  N N   . PRO A 1 126 ? 11.056  12.277  -2.439  1.00 15.32 ? 167 PRO A N   1 
ATOM   987  C CA  . PRO A 1 126 ? 10.235  13.304  -1.793  1.00 17.12 ? 167 PRO A CA  1 
ATOM   988  C C   . PRO A 1 126 ? 10.147  13.238  -0.279  1.00 17.53 ? 167 PRO A C   1 
ATOM   989  O O   . PRO A 1 126 ? 10.325  12.180  0.331   1.00 16.98 ? 167 PRO A O   1 
ATOM   990  C CB  . PRO A 1 126 ? 8.862   13.081  -2.429  1.00 16.54 ? 167 PRO A CB  1 
ATOM   991  C CG  . PRO A 1 126 ? 8.841   11.591  -2.657  1.00 16.58 ? 167 PRO A CG  1 
ATOM   992  C CD  . PRO A 1 126 ? 10.214  11.362  -3.237  1.00 13.59 ? 167 PRO A CD  1 
ATOM   993  N N   . TRP A 1 127 ? 9.884   14.396  0.315   1.00 17.73 ? 168 TRP A N   1 
ATOM   994  C CA  . TRP A 1 127 ? 9.698   14.525  1.754   1.00 18.49 ? 168 TRP A CA  1 
ATOM   995  C C   . TRP A 1 127 ? 10.858  14.124  2.663   1.00 17.20 ? 168 TRP A C   1 
ATOM   996  O O   . TRP A 1 127 ? 10.636  13.765  3.815   1.00 19.33 ? 168 TRP A O   1 
ATOM   997  C CB  . TRP A 1 127 ? 8.438   13.754  2.158   1.00 13.35 ? 168 TRP A CB  1 
ATOM   998  C CG  . TRP A 1 127 ? 7.233   14.183  1.383   1.00 23.10 ? 168 TRP A CG  1 
ATOM   999  C CD1 . TRP A 1 127 ? 6.514   13.432  0.498   1.00 25.20 ? 168 TRP A CD1 1 
ATOM   1000 C CD2 . TRP A 1 127 ? 6.607   15.469  1.422   1.00 23.31 ? 168 TRP A CD2 1 
ATOM   1001 N NE1 . TRP A 1 127 ? 5.477   14.171  -0.017  1.00 21.40 ? 168 TRP A NE1 1 
ATOM   1002 C CE2 . TRP A 1 127 ? 5.510   15.425  0.533   1.00 26.08 ? 168 TRP A CE2 1 
ATOM   1003 C CE3 . TRP A 1 127 ? 6.866   16.656  2.122   1.00 22.54 ? 168 TRP A CE3 1 
ATOM   1004 C CZ2 . TRP A 1 127 ? 4.668   16.521  0.331   1.00 28.59 ? 168 TRP A CZ2 1 
ATOM   1005 C CZ3 . TRP A 1 127 ? 6.027   17.747  1.920   1.00 21.96 ? 168 TRP A CZ3 1 
ATOM   1006 C CH2 . TRP A 1 127 ? 4.942   17.672  1.030   1.00 24.87 ? 168 TRP A CH2 1 
ATOM   1007 N N   . GLU A 1 128 ? 12.085  14.198  2.158   1.00 16.48 ? 169 GLU A N   1 
ATOM   1008 C CA  . GLU A 1 128 ? 13.247  13.838  2.960   1.00 20.33 ? 169 GLU A CA  1 
ATOM   1009 C C   . GLU A 1 128 ? 13.411  14.772  4.160   1.00 17.97 ? 169 GLU A C   1 
ATOM   1010 O O   . GLU A 1 128 ? 13.851  14.347  5.223   1.00 25.27 ? 169 GLU A O   1 
ATOM   1011 C CB  . GLU A 1 128 ? 14.513  13.812  2.093   1.00 20.01 ? 169 GLU A CB  1 
ATOM   1012 C CG  . GLU A 1 128 ? 15.747  13.205  2.773   1.00 25.26 ? 169 GLU A CG  1 
ATOM   1013 C CD  . GLU A 1 128 ? 15.514  11.805  3.348   1.00 27.02 ? 169 GLU A CD  1 
ATOM   1014 O OE1 . GLU A 1 128 ? 14.775  11.002  2.742   1.00 26.01 ? 169 GLU A OE1 1 
ATOM   1015 O OE2 . GLU A 1 128 ? 16.075  11.507  4.422   1.00 25.72 ? 169 GLU A OE2 1 
ATOM   1016 N N   . GLN A 1 129 ? 13.035  16.037  3.997   1.00 17.83 ? 170 GLN A N   1 
ATOM   1017 C CA  . GLN A 1 129 ? 13.126  16.996  5.090   1.00 16.50 ? 170 GLN A CA  1 
ATOM   1018 C C   . GLN A 1 129 ? 12.235  16.557  6.258   1.00 11.74 ? 170 GLN A C   1 
ATOM   1019 O O   . GLN A 1 129 ? 12.647  16.620  7.417   1.00 12.55 ? 170 GLN A O   1 
ATOM   1020 C CB  . GLN A 1 129 ? 12.707  18.400  4.630   1.00 17.64 ? 170 GLN A CB  1 
ATOM   1021 C CG  . GLN A 1 129 ? 12.600  19.392  5.781   1.00 26.65 ? 170 GLN A CG  1 
ATOM   1022 C CD  . GLN A 1 129 ? 11.910  20.687  5.407   1.00 33.20 ? 170 GLN A CD  1 
ATOM   1023 O OE1 . GLN A 1 129 ? 12.368  21.763  5.779   1.00 33.87 ? 170 GLN A OE1 1 
ATOM   1024 N NE2 . GLN A 1 129 ? 10.793  20.593  4.688   1.00 32.12 ? 170 GLN A NE2 1 
ATOM   1025 N N   . GLU A 1 130 ? 11.024  16.101  5.950   1.00 16.16 ? 171 GLU A N   1 
ATOM   1026 C CA  . GLU A 1 130 ? 10.083  15.659  6.981   1.00 15.29 ? 171 GLU A CA  1 
ATOM   1027 C C   . GLU A 1 130 ? 10.595  14.414  7.694   1.00 19.33 ? 171 GLU A C   1 
ATOM   1028 O O   . GLU A 1 130 ? 10.529  14.314  8.924   1.00 12.27 ? 171 GLU A O   1 
ATOM   1029 C CB  . GLU A 1 130 ? 8.694   15.405  6.377   1.00 16.34 ? 171 GLU A CB  1 
ATOM   1030 C CG  . GLU A 1 130 ? 7.883   16.675  6.080   1.00 23.71 ? 171 GLU A CG  1 
ATOM   1031 C CD  . GLU A 1 130 ? 8.539   17.602  5.064   1.00 30.07 ? 171 GLU A CD  1 
ATOM   1032 O OE1 . GLU A 1 130 ? 9.306   17.125  4.199   1.00 28.87 ? 171 GLU A OE1 1 
ATOM   1033 O OE2 . GLU A 1 130 ? 8.284   18.821  5.129   1.00 31.56 ? 171 GLU A OE2 1 
ATOM   1034 N N   . LEU A 1 131 ? 11.112  13.470  6.915   1.00 13.60 ? 172 LEU A N   1 
ATOM   1035 C CA  . LEU A 1 131 ? 11.665  12.228  7.457   1.00 16.16 ? 172 LEU A CA  1 
ATOM   1036 C C   . LEU A 1 131 ? 12.882  12.524  8.330   1.00 13.96 ? 172 LEU A C   1 
ATOM   1037 O O   . LEU A 1 131 ? 13.099  11.866  9.348   1.00 14.84 ? 172 LEU A O   1 
ATOM   1038 C CB  . LEU A 1 131 ? 12.067  11.295  6.312   1.00 12.04 ? 172 LEU A CB  1 
ATOM   1039 C CG  . LEU A 1 131 ? 11.055  10.246  5.843   1.00 26.04 ? 172 LEU A CG  1 
ATOM   1040 C CD1 . LEU A 1 131 ? 9.616   10.705  6.035   1.00 15.38 ? 172 LEU A CD1 1 
ATOM   1041 C CD2 . LEU A 1 131 ? 11.358  9.858   4.401   1.00 16.60 ? 172 LEU A CD2 1 
ATOM   1042 N N   . ALA A 1 132 ? 13.681  13.501  7.912   1.00 14.70 ? 173 ALA A N   1 
ATOM   1043 C CA  . ALA A 1 132 ? 14.868  13.906  8.668   1.00 15.27 ? 173 ALA A CA  1 
ATOM   1044 C C   . ALA A 1 132 ? 14.441  14.497  9.999   1.00 13.12 ? 173 ALA A C   1 
ATOM   1045 O O   . ALA A 1 132 ? 15.006  14.182  11.039  1.00 18.94 ? 173 ALA A O   1 
ATOM   1046 C CB  . ALA A 1 132 ? 15.670  14.942  7.887   1.00 20.84 ? 173 ALA A CB  1 
ATOM   1047 N N   . GLN A 1 133 ? 13.450  15.384  9.959   1.00 15.93 ? 174 GLN A N   1 
ATOM   1048 C CA  . GLN A 1 133 ? 12.964  16.019  11.177  1.00 17.92 ? 174 GLN A CA  1 
ATOM   1049 C C   . GLN A 1 133 ? 12.399  15.022  12.181  1.00 14.14 ? 174 GLN A C   1 
ATOM   1050 O O   . GLN A 1 133 ? 12.528  15.217  13.391  1.00 19.05 ? 174 GLN A O   1 
ATOM   1051 C CB  . GLN A 1 133 ? 11.946  17.107  10.845  1.00 22.58 ? 174 GLN A CB  1 
ATOM   1052 C CG  . GLN A 1 133 ? 12.592  18.343  10.223  1.00 29.71 ? 174 GLN A CG  1 
ATOM   1053 C CD  . GLN A 1 133 ? 11.580  19.320  9.679   1.00 37.16 ? 174 GLN A CD  1 
ATOM   1054 O OE1 . GLN A 1 133 ? 11.726  20.532  9.834   1.00 42.16 ? 174 GLN A OE1 1 
ATOM   1055 N NE2 . GLN A 1 133 ? 10.547  18.799  9.022   1.00 37.26 ? 174 GLN A NE2 1 
ATOM   1056 N N   . LEU A 1 134 ? 11.792  13.944  11.686  1.00 16.87 ? 175 LEU A N   1 
ATOM   1057 C CA  . LEU A 1 134 ? 11.243  12.918  12.569  1.00 18.11 ? 175 LEU A CA  1 
ATOM   1058 C C   . LEU A 1 134 ? 12.351  12.197  13.341  1.00 21.80 ? 175 LEU A C   1 
ATOM   1059 O O   . LEU A 1 134 ? 12.131  11.729  14.460  1.00 21.15 ? 175 LEU A O   1 
ATOM   1060 C CB  . LEU A 1 134 ? 10.419  11.894  11.773  1.00 18.60 ? 175 LEU A CB  1 
ATOM   1061 C CG  . LEU A 1 134 ? 8.970   12.266  11.441  1.00 14.85 ? 175 LEU A CG  1 
ATOM   1062 C CD1 . LEU A 1 134 ? 8.367   11.315  10.396  1.00 14.62 ? 175 LEU A CD1 1 
ATOM   1063 C CD2 . LEU A 1 134 ? 8.160   12.246  12.722  1.00 15.90 ? 175 LEU A CD2 1 
ATOM   1064 N N   . GLU A 1 135 ? 13.533  12.100  12.734  1.00 21.74 ? 176 GLU A N   1 
ATOM   1065 C CA  . GLU A 1 135 ? 14.675  11.431  13.355  1.00 21.03 ? 176 GLU A CA  1 
ATOM   1066 C C   . GLU A 1 135 ? 15.026  12.024  14.709  1.00 15.91 ? 176 GLU A C   1 
ATOM   1067 O O   . GLU A 1 135 ? 15.520  11.330  15.589  1.00 15.97 ? 176 GLU A O   1 
ATOM   1068 C CB  . GLU A 1 135 ? 15.920  11.520  12.464  1.00 24.46 ? 176 GLU A CB  1 
ATOM   1069 C CG  . GLU A 1 135 ? 15.803  10.852  11.107  1.00 29.10 ? 176 GLU A CG  1 
ATOM   1070 C CD  . GLU A 1 135 ? 17.110  10.886  10.317  1.00 35.44 ? 176 GLU A CD  1 
ATOM   1071 O OE1 . GLU A 1 135 ? 17.194  10.208  9.272   1.00 30.16 ? 176 GLU A OE1 1 
ATOM   1072 O OE2 . GLU A 1 135 ? 18.058  11.583  10.734  1.00 38.47 ? 176 GLU A OE2 1 
ATOM   1073 N N   . ALA A 1 136 ? 14.773  13.315  14.872  1.00 15.04 ? 177 ALA A N   1 
ATOM   1074 C CA  . ALA A 1 136 ? 15.104  13.993  16.113  1.00 17.92 ? 177 ALA A CA  1 
ATOM   1075 C C   . ALA A 1 136 ? 14.034  13.865  17.186  1.00 17.91 ? 177 ALA A C   1 
ATOM   1076 O O   . ALA A 1 136 ? 14.236  14.323  18.307  1.00 15.70 ? 177 ALA A O   1 
ATOM   1077 C CB  . ALA A 1 136 ? 15.394  15.475  15.829  1.00 19.49 ? 177 ALA A CB  1 
ATOM   1078 N N   . TRP A 1 137 ? 12.926  13.200  16.869  1.00 18.89 ? 178 TRP A N   1 
ATOM   1079 C CA  . TRP A 1 137 ? 11.830  13.086  17.831  1.00 16.29 ? 178 TRP A CA  1 
ATOM   1080 C C   . TRP A 1 137 ? 11.371  11.699  18.264  1.00 20.68 ? 178 TRP A C   1 
ATOM   1081 O O   . TRP A 1 137 ? 10.278  11.567  18.818  1.00 20.78 ? 178 TRP A O   1 
ATOM   1082 C CB  . TRP A 1 137 ? 10.621  13.895  17.331  1.00 21.14 ? 178 TRP A CB  1 
ATOM   1083 C CG  . TRP A 1 137 ? 10.903  15.357  17.286  1.00 21.42 ? 178 TRP A CG  1 
ATOM   1084 C CD1 . TRP A 1 137 ? 11.327  16.084  16.205  1.00 19.54 ? 178 TRP A CD1 1 
ATOM   1085 C CD2 . TRP A 1 137 ? 10.881  16.262  18.394  1.00 19.08 ? 178 TRP A CD2 1 
ATOM   1086 N NE1 . TRP A 1 137 ? 11.585  17.380  16.578  1.00 20.21 ? 178 TRP A NE1 1 
ATOM   1087 C CE2 . TRP A 1 137 ? 11.319  17.519  17.917  1.00 26.05 ? 178 TRP A CE2 1 
ATOM   1088 C CE3 . TRP A 1 137 ? 10.538  16.131  19.748  1.00 24.22 ? 178 TRP A CE3 1 
ATOM   1089 C CZ2 . TRP A 1 137 ? 11.421  18.641  18.745  1.00 20.77 ? 178 TRP A CZ2 1 
ATOM   1090 C CZ3 . TRP A 1 137 ? 10.639  17.246  20.573  1.00 16.58 ? 178 TRP A CZ3 1 
ATOM   1091 C CH2 . TRP A 1 137 ? 11.080  18.486  20.065  1.00 18.79 ? 178 TRP A CH2 1 
ATOM   1092 N N   . VAL A 1 138 ? 12.189  10.673  18.027  1.00 17.49 ? 179 VAL A N   1 
ATOM   1093 C CA  . VAL A 1 138 ? 11.834  9.306   18.428  1.00 19.13 ? 179 VAL A CA  1 
ATOM   1094 C C   . VAL A 1 138 ? 11.465  9.255   19.923  1.00 20.66 ? 179 VAL A C   1 
ATOM   1095 O O   . VAL A 1 138 ? 10.483  8.618   20.308  1.00 18.15 ? 179 VAL A O   1 
ATOM   1096 C CB  . VAL A 1 138 ? 12.986  8.315   18.137  1.00 17.97 ? 179 VAL A CB  1 
ATOM   1097 C CG1 . VAL A 1 138 ? 12.620  6.912   18.624  1.00 17.12 ? 179 VAL A CG1 1 
ATOM   1098 C CG2 . VAL A 1 138 ? 13.273  8.282   16.642  1.00 14.02 ? 179 VAL A CG2 1 
ATOM   1099 N N   . GLY A 1 139 ? 12.268  9.929   20.743  1.00 21.29 ? 180 GLY A N   1 
ATOM   1100 C CA  . GLY A 1 139 ? 12.024  10.006  22.173  1.00 20.24 ? 180 GLY A CA  1 
ATOM   1101 C C   . GLY A 1 139 ? 11.994  8.711   22.963  1.00 20.14 ? 180 GLY A C   1 
ATOM   1102 O O   . GLY A 1 139 ? 12.486  7.674   22.517  1.00 18.91 ? 180 GLY A O   1 
ATOM   1103 N N   . ARG A 1 140 ? 11.407  8.793   24.153  1.00 19.88 ? 181 ARG A N   1 
ATOM   1104 C CA  . ARG A 1 140 ? 11.286  7.663   25.072  1.00 17.72 ? 181 ARG A CA  1 
ATOM   1105 C C   . ARG A 1 140 ? 9.873   7.091   25.112  1.00 24.94 ? 181 ARG A C   1 
ATOM   1106 O O   . ARG A 1 140 ? 9.647   6.045   25.723  1.00 22.84 ? 181 ARG A O   1 
ATOM   1107 C CB  . ARG A 1 140 ? 11.633  8.097   26.493  1.00 20.04 ? 181 ARG A CB  1 
ATOM   1108 C CG  . ARG A 1 140 ? 13.039  8.573   26.698  1.00 19.68 ? 181 ARG A CG  1 
ATOM   1109 C CD  . ARG A 1 140 ? 13.193  9.037   28.137  1.00 22.65 ? 181 ARG A CD  1 
ATOM   1110 N NE  . ARG A 1 140 ? 14.484  9.657   28.392  1.00 25.94 ? 181 ARG A NE  1 
ATOM   1111 C CZ  . ARG A 1 140 ? 15.434  9.132   29.160  1.00 21.07 ? 181 ARG A CZ  1 
ATOM   1112 N NH1 . ARG A 1 140 ? 15.255  7.956   29.755  1.00 22.83 ? 181 ARG A NH1 1 
ATOM   1113 N NH2 . ARG A 1 140 ? 16.550  9.812   29.371  1.00 27.13 ? 181 ARG A NH2 1 
ATOM   1114 N N   . ASP A 1 141 ? 8.924   7.813   24.519  1.00 26.74 ? 182 ASP A N   1 
ATOM   1115 C CA  . ASP A 1 141 ? 7.528   7.395   24.490  1.00 25.54 ? 182 ASP A CA  1 
ATOM   1116 C C   . ASP A 1 141 ? 7.118   7.052   23.062  1.00 19.50 ? 182 ASP A C   1 
ATOM   1117 O O   . ASP A 1 141 ? 6.958   7.939   22.225  1.00 24.94 ? 182 ASP A O   1 
ATOM   1118 C CB  . ASP A 1 141 ? 6.638   8.516   25.049  1.00 34.42 ? 182 ASP A CB  1 
ATOM   1119 C CG  . ASP A 1 141 ? 5.152   8.153   25.068  1.00 42.09 ? 182 ASP A CG  1 
ATOM   1120 O OD1 . ASP A 1 141 ? 4.337   9.047   25.376  1.00 51.41 ? 182 ASP A OD1 1 
ATOM   1121 O OD2 . ASP A 1 141 ? 4.790   6.992   24.784  1.00 52.66 ? 182 ASP A OD2 1 
ATOM   1122 N N   . ARG A 1 142 ? 6.904   5.766   22.811  1.00 17.90 ? 183 ARG A N   1 
ATOM   1123 C CA  . ARG A 1 142 ? 6.522   5.291   21.490  1.00 18.83 ? 183 ARG A CA  1 
ATOM   1124 C C   . ARG A 1 142 ? 5.194   5.863   20.994  1.00 24.94 ? 183 ARG A C   1 
ATOM   1125 O O   . ARG A 1 142 ? 5.078   6.215   19.823  1.00 25.62 ? 183 ARG A O   1 
ATOM   1126 C CB  . ARG A 1 142 ? 6.469   3.765   21.472  1.00 29.11 ? 183 ARG A CB  1 
ATOM   1127 C CG  . ARG A 1 142 ? 6.486   3.173   20.075  1.00 34.96 ? 183 ARG A CG  1 
ATOM   1128 C CD  . ARG A 1 142 ? 7.772   3.548   19.362  1.00 34.43 ? 183 ARG A CD  1 
ATOM   1129 N NE  . ARG A 1 142 ? 7.822   3.063   17.986  1.00 35.34 ? 183 ARG A NE  1 
ATOM   1130 C CZ  . ARG A 1 142 ? 8.761   3.405   17.112  1.00 31.52 ? 183 ARG A CZ  1 
ATOM   1131 N NH1 . ARG A 1 142 ? 9.732   4.241   17.465  1.00 29.44 ? 183 ARG A NH1 1 
ATOM   1132 N NH2 . ARG A 1 142 ? 8.736   2.905   15.887  1.00 36.78 ? 183 ARG A NH2 1 
ATOM   1133 N N   . ALA A 1 143 ? 4.207   5.977   21.884  1.00 23.45 ? 184 ALA A N   1 
ATOM   1134 C CA  . ALA A 1 143 ? 2.885   6.506   21.518  1.00 24.33 ? 184 ALA A CA  1 
ATOM   1135 C C   . ALA A 1 143 ? 2.934   7.959   21.046  1.00 26.16 ? 184 ALA A C   1 
ATOM   1136 O O   . ALA A 1 143 ? 2.244   8.339   20.094  1.00 24.56 ? 184 ALA A O   1 
ATOM   1137 C CB  . ALA A 1 143 ? 1.914   6.360   22.685  1.00 28.51 ? 184 ALA A CB  1 
ATOM   1138 N N   . SER A 1 144 ? 3.747   8.773   21.713  1.00 22.86 ? 185 SER A N   1 
ATOM   1139 C CA  . SER A 1 144 ? 3.883   10.170  21.339  1.00 19.83 ? 185 SER A CA  1 
ATOM   1140 C C   . SER A 1 144 ? 4.620   10.269  20.009  1.00 24.01 ? 185 SER A C   1 
ATOM   1141 O O   . SER A 1 144 ? 4.339   11.155  19.206  1.00 23.68 ? 185 SER A O   1 
ATOM   1142 C CB  . SER A 1 144 ? 4.630   10.959  22.421  1.00 33.45 ? 185 SER A CB  1 
ATOM   1143 O OG  . SER A 1 144 ? 5.993   10.575  22.497  1.00 46.18 ? 185 SER A OG  1 
ATOM   1144 N N   . TYR A 1 145 ? 5.578   9.370   19.785  1.00 20.55 ? 186 TYR A N   1 
ATOM   1145 C CA  . TYR A 1 145 ? 6.320   9.376   18.531  1.00 16.55 ? 186 TYR A CA  1 
ATOM   1146 C C   . TYR A 1 145 ? 5.395   8.944   17.405  1.00 20.33 ? 186 TYR A C   1 
ATOM   1147 O O   . TYR A 1 145 ? 5.401   9.535   16.327  1.00 17.61 ? 186 TYR A O   1 
ATOM   1148 C CB  . TYR A 1 145 ? 7.530   8.437   18.573  1.00 19.27 ? 186 TYR A CB  1 
ATOM   1149 C CG  . TYR A 1 145 ? 8.256   8.394   17.242  1.00 13.64 ? 186 TYR A CG  1 
ATOM   1150 C CD1 . TYR A 1 145 ? 8.402   7.203   16.539  1.00 20.76 ? 186 TYR A CD1 1 
ATOM   1151 C CD2 . TYR A 1 145 ? 8.771   9.563   16.673  1.00 25.09 ? 186 TYR A CD2 1 
ATOM   1152 C CE1 . TYR A 1 145 ? 9.044   7.175   15.289  1.00 15.33 ? 186 TYR A CE1 1 
ATOM   1153 C CE2 . TYR A 1 145 ? 9.418   9.545   15.429  1.00 19.79 ? 186 TYR A CE2 1 
ATOM   1154 C CZ  . TYR A 1 145 ? 9.546   8.349   14.745  1.00 19.08 ? 186 TYR A CZ  1 
ATOM   1155 O OH  . TYR A 1 145 ? 10.168  8.333   13.514  1.00 20.74 ? 186 TYR A OH  1 
ATOM   1156 N N   . GLU A 1 146 ? 4.619   7.893   17.658  1.00 18.54 ? 187 GLU A N   1 
ATOM   1157 C CA  . GLU A 1 146 ? 3.682   7.394   16.664  1.00 23.68 ? 187 GLU A CA  1 
ATOM   1158 C C   . GLU A 1 146 ? 2.700   8.484   16.274  1.00 20.93 ? 187 GLU A C   1 
ATOM   1159 O O   . GLU A 1 146 ? 2.335   8.596   15.107  1.00 23.78 ? 187 GLU A O   1 
ATOM   1160 C CB  . GLU A 1 146 ? 2.938   6.164   17.188  1.00 21.18 ? 187 GLU A CB  1 
ATOM   1161 C CG  . GLU A 1 146 ? 3.811   4.923   17.288  1.00 33.38 ? 187 GLU A CG  1 
ATOM   1162 C CD  . GLU A 1 146 ? 3.090   3.736   17.902  1.00 37.51 ? 187 GLU A CD  1 
ATOM   1163 O OE1 . GLU A 1 146 ? 2.038   3.933   18.551  1.00 45.43 ? 187 GLU A OE1 1 
ATOM   1164 O OE2 . GLU A 1 146 ? 3.587   2.601   17.744  1.00 38.44 ? 187 GLU A OE2 1 
ATOM   1165 N N   . ALA A 1 147 ? 2.303   9.313   17.242  1.00 24.07 ? 188 ALA A N   1 
ATOM   1166 C CA  . ALA A 1 147 ? 1.372   10.411  16.976  1.00 24.01 ? 188 ALA A CA  1 
ATOM   1167 C C   . ALA A 1 147 ? 2.010   11.424  16.020  1.00 27.34 ? 188 ALA A C   1 
ATOM   1168 O O   . ALA A 1 147 ? 1.342   11.946  15.129  1.00 20.00 ? 188 ALA A O   1 
ATOM   1169 C CB  . ALA A 1 147 ? 0.948   11.092  18.272  1.00 24.55 ? 188 ALA A CB  1 
ATOM   1170 N N   . ARG A 1 148 ? 3.300   11.699  16.216  1.00 20.82 ? 189 ARG A N   1 
ATOM   1171 C CA  . ARG A 1 148 ? 4.033   12.626  15.351  1.00 18.27 ? 189 ARG A CA  1 
ATOM   1172 C C   . ARG A 1 148 ? 4.098   12.097  13.921  1.00 17.12 ? 189 ARG A C   1 
ATOM   1173 O O   . ARG A 1 148 ? 3.963   12.865  12.964  1.00 14.86 ? 189 ARG A O   1 
ATOM   1174 C CB  . ARG A 1 148 ? 5.457   12.865  15.873  1.00 17.11 ? 189 ARG A CB  1 
ATOM   1175 C CG  . ARG A 1 148 ? 5.549   13.831  17.043  1.00 33.17 ? 189 ARG A CG  1 
ATOM   1176 C CD  . ARG A 1 148 ? 7.001   14.100  17.416  1.00 39.01 ? 189 ARG A CD  1 
ATOM   1177 N NE  . ARG A 1 148 ? 7.144   15.171  18.405  1.00 47.67 ? 189 ARG A NE  1 
ATOM   1178 C CZ  . ARG A 1 148 ? 6.927   15.032  19.711  1.00 56.59 ? 189 ARG A CZ  1 
ATOM   1179 N NH1 . ARG A 1 148 ? 6.551   13.860  20.208  1.00 60.98 ? 189 ARG A NH1 1 
ATOM   1180 N NH2 . ARG A 1 148 ? 7.106   16.063  20.527  1.00 56.10 ? 189 ARG A NH2 1 
ATOM   1181 N N   . GLU A 1 149 ? 4.291   10.784  13.788  1.00 16.73 ? 190 GLU A N   1 
ATOM   1182 C CA  . GLU A 1 149 ? 4.364   10.138  12.480  1.00 14.84 ? 190 GLU A CA  1 
ATOM   1183 C C   . GLU A 1 149 ? 3.047   10.319  11.734  1.00 17.51 ? 190 GLU A C   1 
ATOM   1184 O O   . GLU A 1 149 ? 3.043   10.698  10.566  1.00 17.40 ? 190 GLU A O   1 
ATOM   1185 C CB  . GLU A 1 149 ? 4.628   8.641   12.616  1.00 17.69 ? 190 GLU A CB  1 
ATOM   1186 C CG  . GLU A 1 149 ? 5.964   8.238   13.183  1.00 23.84 ? 190 GLU A CG  1 
ATOM   1187 C CD  . GLU A 1 149 ? 6.160   6.737   13.106  1.00 24.89 ? 190 GLU A CD  1 
ATOM   1188 O OE1 . GLU A 1 149 ? 5.531   6.015   13.897  1.00 23.54 ? 190 GLU A OE1 1 
ATOM   1189 O OE2 . GLU A 1 149 ? 6.921   6.274   12.234  1.00 26.84 ? 190 GLU A OE2 1 
ATOM   1190 N N   . ARG A 1 150 ? 1.934   10.060  12.422  1.00 20.59 ? 191 ARG A N   1 
ATOM   1191 C CA  . ARG A 1 150 ? 0.610   10.201  11.818  1.00 26.02 ? 191 ARG A CA  1 
ATOM   1192 C C   . ARG A 1 150 ? 0.329   11.640  11.392  1.00 19.52 ? 191 ARG A C   1 
ATOM   1193 O O   . ARG A 1 150 ? -0.341  11.872  10.394  1.00 19.23 ? 191 ARG A O   1 
ATOM   1194 C CB  . ARG A 1 150 ? -0.493  9.735   12.779  1.00 20.35 ? 191 ARG A CB  1 
ATOM   1195 C CG  . ARG A 1 150 ? -0.377  8.298   13.218  1.00 23.57 ? 191 ARG A CG  1 
ATOM   1196 C CD  . ARG A 1 150 ? -1.598  7.880   14.022  1.00 26.71 ? 191 ARG A CD  1 
ATOM   1197 N NE  . ARG A 1 150 ? -1.386  6.602   14.693  1.00 41.04 ? 191 ARG A NE  1 
ATOM   1198 C CZ  . ARG A 1 150 ? -1.094  6.476   15.985  1.00 38.39 ? 191 ARG A CZ  1 
ATOM   1199 N NH1 . ARG A 1 150 ? -0.986  7.556   16.749  1.00 29.66 ? 191 ARG A NH1 1 
ATOM   1200 N NH2 . ARG A 1 150 ? -0.892  5.273   16.508  1.00 44.51 ? 191 ARG A NH2 1 
ATOM   1201 N N   . HIS A 1 151 ? 0.833   12.605  12.156  1.00 20.54 ? 192 HIS A N   1 
ATOM   1202 C CA  . HIS A 1 151 ? 0.627   14.016  11.835  1.00 23.44 ? 192 HIS A CA  1 
ATOM   1203 C C   . HIS A 1 151 ? 1.299   14.357  10.512  1.00 26.38 ? 192 HIS A C   1 
ATOM   1204 O O   . HIS A 1 151 ? 0.694   14.980  9.635   1.00 20.59 ? 192 HIS A O   1 
ATOM   1205 C CB  . HIS A 1 151 ? 1.189   14.911  12.948  1.00 30.60 ? 192 HIS A CB  1 
ATOM   1206 C CG  . HIS A 1 151 ? 0.922   16.371  12.745  1.00 37.27 ? 192 HIS A CG  1 
ATOM   1207 N ND1 . HIS A 1 151 ? 1.884   17.249  12.294  1.00 47.62 ? 192 HIS A ND1 1 
ATOM   1208 C CD2 . HIS A 1 151 ? -0.198  17.109  12.939  1.00 47.48 ? 192 HIS A CD2 1 
ATOM   1209 C CE1 . HIS A 1 151 ? 1.369   18.463  12.216  1.00 45.52 ? 192 HIS A CE1 1 
ATOM   1210 N NE2 . HIS A 1 151 ? 0.108   18.406  12.601  1.00 46.01 ? 192 HIS A NE2 1 
ATOM   1211 N N   . VAL A 1 152 ? 2.557   13.944  10.381  1.00 16.61 ? 193 VAL A N   1 
ATOM   1212 C CA  . VAL A 1 152 ? 3.341   14.187  9.173   1.00 16.75 ? 193 VAL A CA  1 
ATOM   1213 C C   . VAL A 1 152 ? 2.710   13.489  7.973   1.00 16.04 ? 193 VAL A C   1 
ATOM   1214 O O   . VAL A 1 152 ? 2.564   14.081  6.902   1.00 22.74 ? 193 VAL A O   1 
ATOM   1215 C CB  . VAL A 1 152 ? 4.800   13.692  9.368   1.00 17.04 ? 193 VAL A CB  1 
ATOM   1216 C CG1 . VAL A 1 152 ? 5.567   13.676  8.035   1.00 14.49 ? 193 VAL A CG1 1 
ATOM   1217 C CG2 . VAL A 1 152 ? 5.508   14.580  10.378  1.00 14.97 ? 193 VAL A CG2 1 
ATOM   1218 N N   . ALA A 1 153 ? 2.345   12.224  8.154   1.00 13.58 ? 194 ALA A N   1 
ATOM   1219 C CA  . ALA A 1 153 ? 1.727   11.446  7.087   1.00 13.21 ? 194 ALA A CA  1 
ATOM   1220 C C   . ALA A 1 153 ? 0.456   12.114  6.577   1.00 17.30 ? 194 ALA A C   1 
ATOM   1221 O O   . ALA A 1 153 ? 0.192   12.115  5.381   1.00 14.86 ? 194 ALA A O   1 
ATOM   1222 C CB  . ALA A 1 153 ? 1.424   10.031  7.570   1.00 14.42 ? 194 ALA A CB  1 
ATOM   1223 N N   . GLU A 1 154 ? -0.328  12.690  7.483   1.00 22.43 ? 195 GLU A N   1 
ATOM   1224 C CA  . GLU A 1 154 ? -1.561  13.368  7.092   1.00 20.94 ? 195 GLU A CA  1 
ATOM   1225 C C   . GLU A 1 154 ? -1.270  14.513  6.124   1.00 19.15 ? 195 GLU A C   1 
ATOM   1226 O O   . GLU A 1 154 ? -1.932  14.657  5.091   1.00 20.36 ? 195 GLU A O   1 
ATOM   1227 C CB  . GLU A 1 154 ? -2.305  13.883  8.325   1.00 25.38 ? 195 GLU A CB  1 
ATOM   1228 C CG  . GLU A 1 154 ? -2.946  12.769  9.134   1.00 37.67 ? 195 GLU A CG  1 
ATOM   1229 C CD  . GLU A 1 154 ? -3.486  13.210  10.484  1.00 51.17 ? 195 GLU A CD  1 
ATOM   1230 O OE1 . GLU A 1 154 ? -3.482  14.427  10.782  1.00 47.65 ? 195 GLU A OE1 1 
ATOM   1231 O OE2 . GLU A 1 154 ? -3.917  12.321  11.251  1.00 47.40 ? 195 GLU A OE2 1 
ATOM   1232 N N   . ARG A 1 155 ? -0.244  15.296  6.434   1.00 21.36 ? 196 ARG A N   1 
ATOM   1233 C CA  . ARG A 1 155 ? 0.128   16.401  5.573   1.00 21.56 ? 196 ARG A CA  1 
ATOM   1234 C C   . ARG A 1 155 ? 0.611   15.890  4.218   1.00 19.26 ? 196 ARG A C   1 
ATOM   1235 O O   . ARG A 1 155 ? 0.304   16.487  3.183   1.00 16.31 ? 196 ARG A O   1 
ATOM   1236 C CB  . ARG A 1 155 ? 1.212   17.265  6.227   1.00 22.76 ? 196 ARG A CB  1 
ATOM   1237 C CG  . ARG A 1 155 ? 1.671   18.404  5.332   1.00 33.74 ? 196 ARG A CG  1 
ATOM   1238 C CD  . ARG A 1 155 ? 2.570   19.385  6.056   1.00 42.33 ? 196 ARG A CD  1 
ATOM   1239 N NE  . ARG A 1 155 ? 3.193   20.322  5.125   1.00 53.18 ? 196 ARG A NE  1 
ATOM   1240 C CZ  . ARG A 1 155 ? 4.462   20.259  4.736   1.00 52.59 ? 196 ARG A CZ  1 
ATOM   1241 N NH1 . ARG A 1 155 ? 5.252   19.299  5.200   1.00 51.13 ? 196 ARG A NH1 1 
ATOM   1242 N NH2 . ARG A 1 155 ? 4.943   21.155  3.883   1.00 52.48 ? 196 ARG A NH2 1 
ATOM   1243 N N   . LEU A 1 156 ? 1.366   14.792  4.225   1.00 18.89 ? 197 LEU A N   1 
ATOM   1244 C CA  . LEU A 1 156 ? 1.877   14.232  2.978   1.00 16.39 ? 197 LEU A CA  1 
ATOM   1245 C C   . LEU A 1 156 ? 0.728   13.677  2.146   1.00 19.11 ? 197 LEU A C   1 
ATOM   1246 O O   . LEU A 1 156 ? 0.727   13.815  0.933   1.00 14.69 ? 197 LEU A O   1 
ATOM   1247 C CB  . LEU A 1 156 ? 2.918   13.143  3.235   1.00 18.98 ? 197 LEU A CB  1 
ATOM   1248 C CG  . LEU A 1 156 ? 4.088   13.434  4.184   1.00 30.78 ? 197 LEU A CG  1 
ATOM   1249 C CD1 . LEU A 1 156 ? 5.226   12.471  3.891   1.00 21.21 ? 197 LEU A CD1 1 
ATOM   1250 C CD2 . LEU A 1 156 ? 4.558   14.866  4.058   1.00 21.04 ? 197 LEU A CD2 1 
ATOM   1251 N N   . LEU A 1 157 ? -0.263  13.079  2.808   1.00 15.51 ? 198 LEU A N   1 
ATOM   1252 C CA  . LEU A 1 157 ? -1.426  12.532  2.102   1.00 20.20 ? 198 LEU A CA  1 
ATOM   1253 C C   . LEU A 1 157 ? -2.230  13.661  1.455   1.00 17.83 ? 198 LEU A C   1 
ATOM   1254 O O   . LEU A 1 157 ? -2.675  13.551  0.310   1.00 20.54 ? 198 LEU A O   1 
ATOM   1255 C CB  . LEU A 1 157 ? -2.322  11.743  3.068   1.00 18.68 ? 198 LEU A CB  1 
ATOM   1256 C CG  . LEU A 1 157 ? -3.555  11.053  2.454   1.00 18.86 ? 198 LEU A CG  1 
ATOM   1257 C CD1 . LEU A 1 157 ? -3.149  10.219  1.252   1.00 18.44 ? 198 LEU A CD1 1 
ATOM   1258 C CD2 . LEU A 1 157 ? -4.231  10.178  3.503   1.00 26.57 ? 198 LEU A CD2 1 
ATOM   1259 N N   . MET A 1 158 ? -2.412  14.749  2.197   1.00 23.23 ? 199 MET A N   1 
ATOM   1260 C CA  . MET A 1 158 ? -3.153  15.895  1.691   1.00 23.11 ? 199 MET A CA  1 
ATOM   1261 C C   . MET A 1 158 ? -2.456  16.431  0.448   1.00 20.71 ? 199 MET A C   1 
ATOM   1262 O O   . MET A 1 158 ? -3.101  16.745  -0.556  1.00 23.95 ? 199 MET A O   1 
ATOM   1263 C CB  . MET A 1 158 ? -3.243  16.983  2.763   1.00 24.82 ? 199 MET A CB  1 
ATOM   1264 C CG  . MET A 1 158 ? -3.954  18.251  2.308   1.00 42.24 ? 199 MET A CG  1 
ATOM   1265 S SD  . MET A 1 158 ? -4.054  19.490  3.613   1.00 56.43 ? 199 MET A SD  1 
ATOM   1266 C CE  . MET A 1 158 ? -5.539  18.941  4.472   1.00 55.57 ? 199 MET A CE  1 
ATOM   1267 N N   . HIS A 1 159 ? -1.130  16.485  0.507   1.00 18.13 ? 200 HIS A N   1 
ATOM   1268 C CA  . HIS A 1 159 ? -0.337  16.973  -0.608  1.00 18.00 ? 200 HIS A CA  1 
ATOM   1269 C C   . HIS A 1 159 ? -0.435  16.067  -1.833  1.00 22.34 ? 200 HIS A C   1 
ATOM   1270 O O   . HIS A 1 159 ? -0.518  16.555  -2.959  1.00 25.47 ? 200 HIS A O   1 
ATOM   1271 C CB  . HIS A 1 159 ? 1.124   17.132  -0.193  1.00 22.32 ? 200 HIS A CB  1 
ATOM   1272 C CG  . HIS A 1 159 ? 1.947   17.907  -1.173  1.00 25.01 ? 200 HIS A CG  1 
ATOM   1273 N ND1 . HIS A 1 159 ? 2.526   17.329  -2.281  1.00 35.83 ? 200 HIS A ND1 1 
ATOM   1274 C CD2 . HIS A 1 159 ? 2.294   19.214  -1.204  1.00 30.72 ? 200 HIS A CD2 1 
ATOM   1275 C CE1 . HIS A 1 159 ? 3.196   18.246  -2.954  1.00 28.51 ? 200 HIS A CE1 1 
ATOM   1276 N NE2 . HIS A 1 159 ? 3.071   19.400  -2.322  1.00 36.95 ? 200 HIS A NE2 1 
ATOM   1277 N N   . LEU A 1 160 ? -0.439  14.754  -1.616  1.00 20.85 ? 201 LEU A N   1 
ATOM   1278 C CA  . LEU A 1 160 ? -0.529  13.815  -2.724  1.00 20.57 ? 201 LEU A CA  1 
ATOM   1279 C C   . LEU A 1 160 ? -1.876  13.943  -3.425  1.00 19.76 ? 201 LEU A C   1 
ATOM   1280 O O   . LEU A 1 160 ? -1.948  13.889  -4.653  1.00 18.06 ? 201 LEU A O   1 
ATOM   1281 C CB  . LEU A 1 160 ? -0.301  12.380  -2.239  1.00 22.15 ? 201 LEU A CB  1 
ATOM   1282 C CG  . LEU A 1 160 ? -0.316  11.286  -3.317  1.00 22.53 ? 201 LEU A CG  1 
ATOM   1283 C CD1 . LEU A 1 160 ? 0.564   11.677  -4.505  1.00 32.77 ? 201 LEU A CD1 1 
ATOM   1284 C CD2 . LEU A 1 160 ? 0.151   9.979   -2.727  1.00 19.20 ? 201 LEU A CD2 1 
ATOM   1285 N N   . GLU A 1 161 ? -2.935  14.150  -2.642  1.00 16.98 ? 202 GLU A N   1 
ATOM   1286 C CA  . GLU A 1 161 ? -4.274  14.301  -3.201  1.00 23.36 ? 202 GLU A CA  1 
ATOM   1287 C C   . GLU A 1 161 ? -4.365  15.564  -4.055  1.00 27.07 ? 202 GLU A C   1 
ATOM   1288 O O   . GLU A 1 161 ? -5.000  15.572  -5.120  1.00 21.03 ? 202 GLU A O   1 
ATOM   1289 C CB  . GLU A 1 161 ? -5.326  14.347  -2.093  1.00 25.43 ? 202 GLU A CB  1 
ATOM   1290 C CG  . GLU A 1 161 ? -6.749  14.365  -2.635  1.00 41.00 ? 202 GLU A CG  1 
ATOM   1291 C CD  . GLU A 1 161 ? -7.803  14.361  -1.548  1.00 43.87 ? 202 GLU A CD  1 
ATOM   1292 O OE1 . GLU A 1 161 ? -7.638  13.619  -0.556  1.00 46.58 ? 202 GLU A OE1 1 
ATOM   1293 O OE2 . GLU A 1 161 ? -8.806  15.094  -1.697  1.00 42.12 ? 202 GLU A OE2 1 
ATOM   1294 N N   . GLU A 1 162 ? -3.725  16.631  -3.583  1.00 28.57 ? 203 GLU A N   1 
ATOM   1295 C CA  . GLU A 1 162 ? -3.718  17.895  -4.306  1.00 24.47 ? 203 GLU A CA  1 
ATOM   1296 C C   . GLU A 1 162 ? -3.022  17.707  -5.649  1.00 28.31 ? 203 GLU A C   1 
ATOM   1297 O O   . GLU A 1 162 ? -3.491  18.212  -6.668  1.00 35.01 ? 203 GLU A O   1 
ATOM   1298 C CB  . GLU A 1 162 ? -3.020  18.985  -3.488  1.00 25.28 ? 203 GLU A CB  1 
ATOM   1299 C CG  . GLU A 1 162 ? -3.777  19.362  -2.222  1.00 27.39 ? 203 GLU A CG  1 
ATOM   1300 C CD  . GLU A 1 162 ? -3.119  20.475  -1.421  1.00 32.43 ? 203 GLU A CD  1 
ATOM   1301 O OE1 . GLU A 1 162 ? -1.878  20.640  -1.493  1.00 30.02 ? 203 GLU A OE1 1 
ATOM   1302 O OE2 . GLU A 1 162 ? -3.857  21.181  -0.703  1.00 27.59 ? 203 GLU A OE2 1 
ATOM   1303 N N   . MET A 1 163 ? -1.920  16.958  -5.647  1.00 18.27 ? 204 MET A N   1 
ATOM   1304 C CA  . MET A 1 163 ? -1.159  16.692  -6.867  1.00 22.61 ? 204 MET A CA  1 
ATOM   1305 C C   . MET A 1 163 ? -1.609  15.397  -7.547  1.00 22.44 ? 204 MET A C   1 
ATOM   1306 O O   . MET A 1 163 ? -0.846  14.775  -8.296  1.00 17.69 ? 204 MET A O   1 
ATOM   1307 C CB  . MET A 1 163 ? 0.337   16.611  -6.553  1.00 27.26 ? 204 MET A CB  1 
ATOM   1308 C CG  . MET A 1 163 ? 0.921   17.883  -5.959  1.00 37.43 ? 204 MET A CG  1 
ATOM   1309 S SD  . MET A 1 163 ? 0.738   19.319  -7.044  1.00 39.30 ? 204 MET A SD  1 
ATOM   1310 C CE  . MET A 1 163 ? -0.663  20.169  -6.277  1.00 33.81 ? 204 MET A CE  1 
ATOM   1311 N N   . GLN A 1 164 ? -2.854  15.005  -7.288  1.00 22.17 ? 205 GLN A N   1 
ATOM   1312 C CA  . GLN A 1 164 ? -3.427  13.778  -7.842  1.00 27.98 ? 205 GLN A CA  1 
ATOM   1313 C C   . GLN A 1 164 ? -3.184  13.583  -9.337  1.00 26.05 ? 205 GLN A C   1 
ATOM   1314 O O   . GLN A 1 164 ? -2.848  12.484  -9.775  1.00 20.69 ? 205 GLN A O   1 
ATOM   1315 C CB  . GLN A 1 164 ? -4.931  13.731  -7.568  1.00 29.69 ? 205 GLN A CB  1 
ATOM   1316 C CG  . GLN A 1 164 ? -5.601  12.461  -8.048  1.00 27.39 ? 205 GLN A CG  1 
ATOM   1317 C CD  . GLN A 1 164 ? -7.106  12.499  -7.919  1.00 36.48 ? 205 GLN A CD  1 
ATOM   1318 O OE1 . GLN A 1 164 ? -7.648  13.089  -6.985  1.00 41.80 ? 205 GLN A OE1 1 
ATOM   1319 N NE2 . GLN A 1 164 ? -7.794  11.860  -8.856  1.00 33.00 ? 205 GLN A NE2 1 
ATOM   1320 N N   . HIS A 1 165 ? -3.355  14.651  -10.112 1.00 28.28 ? 206 HIS A N   1 
ATOM   1321 C CA  . HIS A 1 165 ? -3.183  14.590  -11.564 1.00 31.85 ? 206 HIS A CA  1 
ATOM   1322 C C   . HIS A 1 165 ? -1.802  14.147  -12.031 1.00 30.95 ? 206 HIS A C   1 
ATOM   1323 O O   . HIS A 1 165 ? -1.663  13.612  -13.132 1.00 31.47 ? 206 HIS A O   1 
ATOM   1324 C CB  . HIS A 1 165 ? -3.551  15.931  -12.213 1.00 33.13 ? 206 HIS A CB  1 
ATOM   1325 C CG  . HIS A 1 165 ? -2.826  17.104  -11.632 1.00 37.11 ? 206 HIS A CG  1 
ATOM   1326 N ND1 . HIS A 1 165 ? -3.157  17.654  -10.414 1.00 40.61 ? 206 HIS A ND1 1 
ATOM   1327 C CD2 . HIS A 1 165 ? -1.789  17.834  -12.106 1.00 42.00 ? 206 HIS A CD2 1 
ATOM   1328 C CE1 . HIS A 1 165 ? -2.355  18.672  -10.160 1.00 45.86 ? 206 HIS A CE1 1 
ATOM   1329 N NE2 . HIS A 1 165 ? -1.515  18.802  -11.171 1.00 43.80 ? 206 HIS A NE2 1 
ATOM   1330 N N   . THR A 1 166 ? -0.791  14.352  -11.191 1.00 24.55 ? 207 THR A N   1 
ATOM   1331 C CA  . THR A 1 166 ? 0.575   13.972  -11.535 1.00 24.94 ? 207 THR A CA  1 
ATOM   1332 C C   . THR A 1 166 ? 0.806   12.468  -11.406 1.00 31.28 ? 207 THR A C   1 
ATOM   1333 O O   . THR A 1 166 ? 1.809   11.946  -11.895 1.00 30.63 ? 207 THR A O   1 
ATOM   1334 C CB  . THR A 1 166 ? 1.610   14.712  -10.659 1.00 31.48 ? 207 THR A CB  1 
ATOM   1335 O OG1 . THR A 1 166 ? 1.525   14.241  -9.305  1.00 28.29 ? 207 THR A OG1 1 
ATOM   1336 C CG2 . THR A 1 166 ? 1.363   16.216  -10.697 1.00 29.96 ? 207 THR A CG2 1 
ATOM   1337 N N   . ILE A 1 167 ? -0.113  11.778  -10.734 1.00 28.58 ? 208 ILE A N   1 
ATOM   1338 C CA  . ILE A 1 167 ? -0.004  10.332  -10.549 1.00 26.69 ? 208 ILE A CA  1 
ATOM   1339 C C   . ILE A 1 167 ? -0.197  9.654   -11.897 1.00 32.04 ? 208 ILE A C   1 
ATOM   1340 O O   . ILE A 1 167 ? 0.513   8.708   -12.241 1.00 32.13 ? 208 ILE A O   1 
ATOM   1341 C CB  . ILE A 1 167 ? -1.079  9.803   -9.572  1.00 29.47 ? 208 ILE A CB  1 
ATOM   1342 C CG1 . ILE A 1 167 ? -0.887  10.438  -8.191  1.00 31.31 ? 208 ILE A CG1 1 
ATOM   1343 C CG2 . ILE A 1 167 ? -1.024  8.273   -9.494  1.00 21.11 ? 208 ILE A CG2 1 
ATOM   1344 C CD1 . ILE A 1 167 ? -1.965  10.075  -7.173  1.00 25.71 ? 208 ILE A CD1 1 
ATOM   1345 N N   . SER A 1 168 ? -1.158  10.170  -12.657 1.00 25.40 ? 209 SER A N   1 
ATOM   1346 C CA  . SER A 1 168 ? -1.494  9.658   -13.975 1.00 30.45 ? 209 SER A CA  1 
ATOM   1347 C C   . SER A 1 168 ? -2.450  10.615  -14.674 1.00 33.66 ? 209 SER A C   1 
ATOM   1348 O O   . SER A 1 168 ? -3.194  11.359  -14.025 1.00 30.33 ? 209 SER A O   1 
ATOM   1349 C CB  . SER A 1 168 ? -2.172  8.292   -13.851 1.00 25.26 ? 209 SER A CB  1 
ATOM   1350 O OG  . SER A 1 168 ? -2.624  7.837   -15.113 1.00 35.42 ? 209 SER A OG  1 
ATOM   1351 N N   . THR A 1 169 ? -2.432  10.586  -16.003 1.00 39.84 ? 210 THR A N   1 
ATOM   1352 C CA  . THR A 1 169 ? -3.324  11.424  -16.794 1.00 47.02 ? 210 THR A CA  1 
ATOM   1353 C C   . THR A 1 169 ? -4.727  10.816  -16.750 1.00 44.42 ? 210 THR A C   1 
ATOM   1354 O O   . THR A 1 169 ? -5.724  11.513  -16.948 1.00 44.86 ? 210 THR A O   1 
ATOM   1355 C CB  . THR A 1 169 ? -2.851  11.533  -18.257 1.00 50.86 ? 210 THR A CB  1 
ATOM   1356 O OG1 . THR A 1 169 ? -3.837  12.232  -19.026 1.00 60.23 ? 210 THR A OG1 1 
ATOM   1357 C CG2 . THR A 1 169 ? -2.611  10.151  -18.857 1.00 46.21 ? 210 THR A CG2 1 
ATOM   1358 N N   . ASP A 1 170 ? -4.783  9.512   -16.486 1.00 42.59 ? 211 ASP A N   1 
ATOM   1359 C CA  . ASP A 1 170 ? -6.039  8.773   -16.380 1.00 33.02 ? 211 ASP A CA  1 
ATOM   1360 C C   . ASP A 1 170 ? -6.657  9.105   -15.022 1.00 31.84 ? 211 ASP A C   1 
ATOM   1361 O O   . ASP A 1 170 ? -6.135  8.702   -13.985 1.00 26.89 ? 211 ASP A O   1 
ATOM   1362 C CB  . ASP A 1 170 ? -5.762  7.263   -16.487 1.00 34.52 ? 211 ASP A CB  1 
ATOM   1363 C CG  . ASP A 1 170 ? -7.021  6.407   -16.350 1.00 34.12 ? 211 ASP A CG  1 
ATOM   1364 O OD1 . ASP A 1 170 ? -8.144  6.953   -16.288 1.00 40.95 ? 211 ASP A OD1 1 
ATOM   1365 O OD2 . ASP A 1 170 ? -6.884  5.169   -16.312 1.00 44.40 ? 211 ASP A OD2 1 
ATOM   1366 N N   . GLU A 1 171 ? -7.767  9.840   -15.040 1.00 25.93 ? 212 GLU A N   1 
ATOM   1367 C CA  . GLU A 1 171 ? -8.456  10.237  -13.817 1.00 26.81 ? 212 GLU A CA  1 
ATOM   1368 C C   . GLU A 1 171 ? -8.929  9.047   -12.991 1.00 29.29 ? 212 GLU A C   1 
ATOM   1369 O O   . GLU A 1 171 ? -8.947  9.107   -11.764 1.00 28.40 ? 212 GLU A O   1 
ATOM   1370 C CB  . GLU A 1 171 ? -9.629  11.157  -14.149 1.00 36.53 ? 212 GLU A CB  1 
ATOM   1371 C CG  . GLU A 1 171 ? -9.195  12.503  -14.735 1.00 50.51 ? 212 GLU A CG  1 
ATOM   1372 C CD  . GLU A 1 171 ? -10.340 13.291  -15.361 1.00 57.75 ? 212 GLU A CD  1 
ATOM   1373 O OE1 . GLU A 1 171 ? -10.051 14.213  -16.151 1.00 55.59 ? 212 GLU A OE1 1 
ATOM   1374 O OE2 . GLU A 1 171 ? -11.522 12.992  -15.072 1.00 59.51 ? 212 GLU A OE2 1 
ATOM   1375 N N   . GLU A 1 172 ? -9.323  7.973   -13.672 1.00 23.40 ? 213 GLU A N   1 
ATOM   1376 C CA  . GLU A 1 172 ? -9.783  6.759   -13.010 1.00 23.62 ? 213 GLU A CA  1 
ATOM   1377 C C   . GLU A 1 172 ? -8.615  6.125   -12.260 1.00 20.81 ? 213 GLU A C   1 
ATOM   1378 O O   . GLU A 1 172 ? -8.762  5.684   -11.125 1.00 19.28 ? 213 GLU A O   1 
ATOM   1379 C CB  . GLU A 1 172 ? -10.347 5.786   -14.052 1.00 30.31 ? 213 GLU A CB  1 
ATOM   1380 C CG  . GLU A 1 172 ? -10.775 4.432   -13.517 1.00 41.69 ? 213 GLU A CG  1 
ATOM   1381 C CD  . GLU A 1 172 ? -11.334 3.517   -14.602 1.00 53.50 ? 213 GLU A CD  1 
ATOM   1382 O OE1 . GLU A 1 172 ? -12.573 3.409   -14.712 1.00 58.07 ? 213 GLU A OE1 1 
ATOM   1383 O OE2 . GLU A 1 172 ? -10.535 2.897   -15.341 1.00 57.15 ? 213 GLU A OE2 1 
ATOM   1384 N N   . LYS A 1 173 ? -7.441  6.132   -12.884 1.00 21.47 ? 214 LYS A N   1 
ATOM   1385 C CA  . LYS A 1 173 ? -6.249  5.562   -12.276 1.00 23.06 ? 214 LYS A CA  1 
ATOM   1386 C C   . LYS A 1 173 ? -5.766  6.363   -11.065 1.00 22.88 ? 214 LYS A C   1 
ATOM   1387 O O   . LYS A 1 173 ? -5.541  5.806   -10.000 1.00 18.64 ? 214 LYS A O   1 
ATOM   1388 C CB  . LYS A 1 173 ? -5.130  5.443   -13.316 1.00 26.68 ? 214 LYS A CB  1 
ATOM   1389 C CG  . LYS A 1 173 ? -3.831  4.851   -12.787 1.00 29.64 ? 214 LYS A CG  1 
ATOM   1390 C CD  . LYS A 1 173 ? -2.869  4.550   -13.926 1.00 45.04 ? 214 LYS A CD  1 
ATOM   1391 C CE  . LYS A 1 173 ? -1.509  4.084   -13.420 1.00 48.70 ? 214 LYS A CE  1 
ATOM   1392 N NZ  . LYS A 1 173 ? -0.781  5.161   -12.687 1.00 58.70 ? 214 LYS A NZ  1 
ATOM   1393 N N   . SER A 1 174 ? -5.630  7.673   -11.221 1.00 19.75 ? 215 SER A N   1 
ATOM   1394 C CA  . SER A 1 174 ? -5.161  8.498   -10.116 1.00 20.49 ? 215 SER A CA  1 
ATOM   1395 C C   . SER A 1 174 ? -6.147  8.462   -8.944  1.00 12.09 ? 215 SER A C   1 
ATOM   1396 O O   . SER A 1 174 ? -5.735  8.452   -7.783  1.00 18.15 ? 215 SER A O   1 
ATOM   1397 C CB  . SER A 1 174 ? -4.907  9.932   -10.581 1.00 17.69 ? 215 SER A CB  1 
ATOM   1398 O OG  . SER A 1 174 ? -6.103  10.556  -10.989 1.00 21.34 ? 215 SER A OG  1 
ATOM   1399 N N   . ALA A 1 175 ? -7.438  8.394   -9.252  1.00 17.98 ? 216 ALA A N   1 
ATOM   1400 C CA  . ALA A 1 175 ? -8.463  8.337   -8.209  1.00 16.19 ? 216 ALA A CA  1 
ATOM   1401 C C   . ALA A 1 175 ? -8.366  7.015   -7.451  1.00 19.93 ? 216 ALA A C   1 
ATOM   1402 O O   . ALA A 1 175 ? -8.475  6.986   -6.224  1.00 20.26 ? 216 ALA A O   1 
ATOM   1403 C CB  . ALA A 1 175 ? -9.844  8.496   -8.815  1.00 20.67 ? 216 ALA A CB  1 
ATOM   1404 N N   . ALA A 1 176 ? -8.116  5.932   -8.184  1.00 15.73 ? 217 ALA A N   1 
ATOM   1405 C CA  . ALA A 1 176 ? -7.981  4.602   -7.590  1.00 15.85 ? 217 ALA A CA  1 
ATOM   1406 C C   . ALA A 1 176 ? -6.783  4.550   -6.645  1.00 14.00 ? 217 ALA A C   1 
ATOM   1407 O O   . ALA A 1 176 ? -6.841  3.925   -5.586  1.00 17.73 ? 217 ALA A O   1 
ATOM   1408 C CB  . ALA A 1 176 ? -7.834  3.550   -8.684  1.00 18.63 ? 217 ALA A CB  1 
ATOM   1409 N N   . VAL A 1 177 ? -5.701  5.213   -7.034  1.00 15.48 ? 218 VAL A N   1 
ATOM   1410 C CA  . VAL A 1 177 ? -4.484  5.262   -6.222  1.00 19.80 ? 218 VAL A CA  1 
ATOM   1411 C C   . VAL A 1 177 ? -4.728  6.062   -4.944  1.00 12.23 ? 218 VAL A C   1 
ATOM   1412 O O   . VAL A 1 177 ? -4.373  5.624   -3.856  1.00 17.77 ? 218 VAL A O   1 
ATOM   1413 C CB  . VAL A 1 177 ? -3.313  5.885   -7.014  1.00 18.30 ? 218 VAL A CB  1 
ATOM   1414 C CG1 . VAL A 1 177 ? -2.132  6.178   -6.102  1.00 16.35 ? 218 VAL A CG1 1 
ATOM   1415 C CG2 . VAL A 1 177 ? -2.891  4.941   -8.128  1.00 17.96 ? 218 VAL A CG2 1 
ATOM   1416 N N   . VAL A 1 178 ? -5.344  7.232   -5.077  1.00 19.12 ? 219 VAL A N   1 
ATOM   1417 C CA  . VAL A 1 178 ? -5.630  8.058   -3.907  1.00 21.93 ? 219 VAL A CA  1 
ATOM   1418 C C   . VAL A 1 178 ? -6.555  7.323   -2.928  1.00 17.20 ? 219 VAL A C   1 
ATOM   1419 O O   . VAL A 1 178 ? -6.297  7.305   -1.722  1.00 17.82 ? 219 VAL A O   1 
ATOM   1420 C CB  . VAL A 1 178 ? -6.216  9.426   -4.315  1.00 24.27 ? 219 VAL A CB  1 
ATOM   1421 C CG1 . VAL A 1 178 ? -6.779  10.156  -3.096  1.00 21.00 ? 219 VAL A CG1 1 
ATOM   1422 C CG2 . VAL A 1 178 ? -5.130  10.265  -4.962  1.00 25.01 ? 219 VAL A CG2 1 
ATOM   1423 N N   . ASN A 1 179 ? -7.601  6.686   -3.454  1.00 21.45 ? 220 ASN A N   1 
ATOM   1424 C CA  . ASN A 1 179 ? -8.540  5.926   -2.622  1.00 19.69 ? 220 ASN A CA  1 
ATOM   1425 C C   . ASN A 1 179 ? -7.810  4.796   -1.906  1.00 16.18 ? 220 ASN A C   1 
ATOM   1426 O O   . ASN A 1 179 ? -7.989  4.575   -0.706  1.00 20.02 ? 220 ASN A O   1 
ATOM   1427 C CB  . ASN A 1 179 ? -9.655  5.318   -3.484  1.00 27.59 ? 220 ASN A CB  1 
ATOM   1428 C CG  . ASN A 1 179 ? -10.602 6.359   -4.035  1.00 21.38 ? 220 ASN A CG  1 
ATOM   1429 O OD1 . ASN A 1 179 ? -10.639 7.486   -3.556  1.00 24.60 ? 220 ASN A OD1 1 
ATOM   1430 N ND2 . ASN A 1 179 ? -11.380 5.983   -5.043  1.00 29.61 ? 220 ASN A ND2 1 
ATOM   1431 N N   . ALA A 1 180 ? -6.988  4.076   -2.659  1.00 20.03 ? 221 ALA A N   1 
ATOM   1432 C CA  . ALA A 1 180 ? -6.230  2.955   -2.120  1.00 12.60 ? 221 ALA A CA  1 
ATOM   1433 C C   . ALA A 1 180 ? -5.298  3.384   -0.996  1.00 22.57 ? 221 ALA A C   1 
ATOM   1434 O O   . ALA A 1 180 ? -5.232  2.728   0.050   1.00 19.55 ? 221 ALA A O   1 
ATOM   1435 C CB  . ALA A 1 180 ? -5.441  2.272   -3.233  1.00 19.05 ? 221 ALA A CB  1 
ATOM   1436 N N   . ILE A 1 181 ? -4.566  4.476   -1.210  1.00 12.35 ? 222 ILE A N   1 
ATOM   1437 C CA  . ILE A 1 181 ? -3.655  4.971   -0.179  1.00 14.67 ? 222 ILE A CA  1 
ATOM   1438 C C   . ILE A 1 181 ? -4.485  5.460   1.009   1.00 19.24 ? 222 ILE A C   1 
ATOM   1439 O O   . ILE A 1 181 ? -4.174  5.152   2.157   1.00 18.86 ? 222 ILE A O   1 
ATOM   1440 C CB  . ILE A 1 181 ? -2.744  6.105   -0.724  1.00 16.90 ? 222 ILE A CB  1 
ATOM   1441 C CG1 . ILE A 1 181 ? -1.762  5.521   -1.746  1.00 22.39 ? 222 ILE A CG1 1 
ATOM   1442 C CG2 . ILE A 1 181 ? -1.971  6.765   0.407   1.00 17.50 ? 222 ILE A CG2 1 
ATOM   1443 C CD1 . ILE A 1 181 ? -1.033  6.559   -2.581  1.00 21.61 ? 222 ILE A CD1 1 
ATOM   1444 N N   . GLY A 1 182 ? -5.580  6.153   0.716   1.00 16.16 ? 223 GLY A N   1 
ATOM   1445 C CA  . GLY A 1 182 ? -6.445  6.654   1.771   1.00 21.33 ? 223 GLY A CA  1 
ATOM   1446 C C   . GLY A 1 182 ? -6.948  5.542   2.671   1.00 25.01 ? 223 GLY A C   1 
ATOM   1447 O O   . GLY A 1 182 ? -6.908  5.653   3.900   1.00 25.37 ? 223 GLY A O   1 
ATOM   1448 N N   . LEU A 1 183 ? -7.366  4.439   2.056   1.00 23.47 ? 224 LEU A N   1 
ATOM   1449 C CA  . LEU A 1 183 ? -7.884  3.295   2.792   1.00 22.32 ? 224 LEU A CA  1 
ATOM   1450 C C   . LEU A 1 183 ? -6.863  2.725   3.768   1.00 24.75 ? 224 LEU A C   1 
ATOM   1451 O O   . LEU A 1 183 ? -7.167  2.508   4.942   1.00 20.23 ? 224 LEU A O   1 
ATOM   1452 C CB  . LEU A 1 183 ? -8.353  2.204   1.821   1.00 25.42 ? 224 LEU A CB  1 
ATOM   1453 C CG  . LEU A 1 183 ? -9.090  1.003   2.424   1.00 26.16 ? 224 LEU A CG  1 
ATOM   1454 C CD1 . LEU A 1 183 ? -10.392 1.471   3.062   1.00 29.56 ? 224 LEU A CD1 1 
ATOM   1455 C CD2 . LEU A 1 183 ? -9.376  -0.021  1.339   1.00 29.41 ? 224 LEU A CD2 1 
ATOM   1456 N N   . TYR A 1 184 ? -5.640  2.521   3.295   1.00 18.14 ? 225 TYR A N   1 
ATOM   1457 C CA  . TYR A 1 184 ? -4.599  1.962   4.140   1.00 17.45 ? 225 TYR A CA  1 
ATOM   1458 C C   . TYR A 1 184 ? -4.115  2.930   5.223   1.00 17.72 ? 225 TYR A C   1 
ATOM   1459 O O   . TYR A 1 184 ? -3.807  2.510   6.340   1.00 21.20 ? 225 TYR A O   1 
ATOM   1460 C CB  . TYR A 1 184 ? -3.415  1.472   3.297   1.00 16.98 ? 225 TYR A CB  1 
ATOM   1461 C CG  . TYR A 1 184 ? -2.406  0.708   4.119   1.00 19.43 ? 225 TYR A CG  1 
ATOM   1462 C CD1 . TYR A 1 184 ? -2.634  -0.622  4.472   1.00 17.94 ? 225 TYR A CD1 1 
ATOM   1463 C CD2 . TYR A 1 184 ? -1.251  1.323   4.588   1.00 21.96 ? 225 TYR A CD2 1 
ATOM   1464 C CE1 . TYR A 1 184 ? -1.737  -1.319  5.282   1.00 22.77 ? 225 TYR A CE1 1 
ATOM   1465 C CE2 . TYR A 1 184 ? -0.347  0.633   5.397   1.00 20.56 ? 225 TYR A CE2 1 
ATOM   1466 C CZ  . TYR A 1 184 ? -0.598  -0.683  5.736   1.00 23.67 ? 225 TYR A CZ  1 
ATOM   1467 O OH  . TYR A 1 184 ? 0.292   -1.366  6.526   1.00 24.42 ? 225 TYR A OH  1 
ATOM   1468 N N   . MET A 1 185 ? -4.020  4.213   4.887   1.00 17.24 ? 226 MET A N   1 
ATOM   1469 C CA  . MET A 1 185 ? -3.573  5.215   5.857   1.00 15.74 ? 226 MET A CA  1 
ATOM   1470 C C   . MET A 1 185 ? -4.559  5.295   7.024   1.00 20.52 ? 226 MET A C   1 
ATOM   1471 O O   . MET A 1 185 ? -4.163  5.436   8.176   1.00 15.82 ? 226 MET A O   1 
ATOM   1472 C CB  . MET A 1 185 ? -3.418  6.585   5.187   1.00 22.18 ? 226 MET A CB  1 
ATOM   1473 C CG  . MET A 1 185 ? -2.117  6.750   4.397   1.00 13.78 ? 226 MET A CG  1 
ATOM   1474 S SD  . MET A 1 185 ? -0.637  6.659   5.483   1.00 24.38 ? 226 MET A SD  1 
ATOM   1475 C CE  . MET A 1 185 ? 0.468   5.641   4.461   1.00 17.62 ? 226 MET A CE  1 
ATOM   1476 N N   . ARG A 1 186 ? -5.843  5.174   6.712   1.00 19.86 ? 227 ARG A N   1 
ATOM   1477 C CA  . ARG A 1 186 ? -6.901  5.207   7.720   1.00 24.72 ? 227 ARG A CA  1 
ATOM   1478 C C   . ARG A 1 186 ? -6.690  4.032   8.682   1.00 30.68 ? 227 ARG A C   1 
ATOM   1479 O O   . ARG A 1 186 ? -6.937  4.143   9.881   1.00 28.63 ? 227 ARG A O   1 
ATOM   1480 C CB  . ARG A 1 186 ? -8.248  5.090   7.017   1.00 27.71 ? 227 ARG A CB  1 
ATOM   1481 C CG  . ARG A 1 186 ? -9.453  5.504   7.823   1.00 43.16 ? 227 ARG A CG  1 
ATOM   1482 C CD  . ARG A 1 186 ? -10.651 5.609   6.893   1.00 50.47 ? 227 ARG A CD  1 
ATOM   1483 N NE  . ARG A 1 186 ? -10.376 6.531   5.791   1.00 50.33 ? 227 ARG A NE  1 
ATOM   1484 C CZ  . ARG A 1 186 ? -10.614 6.277   4.506   1.00 51.21 ? 227 ARG A CZ  1 
ATOM   1485 N NH1 . ARG A 1 186 ? -11.142 5.118   4.132   1.00 52.23 ? 227 ARG A NH1 1 
ATOM   1486 N NH2 . ARG A 1 186 ? -10.305 7.185   3.590   1.00 51.71 ? 227 ARG A NH2 1 
ATOM   1487 N N   . HIS A 1 187 ? -6.170  2.930   8.142   1.00 28.98 ? 228 HIS A N   1 
ATOM   1488 C CA  . HIS A 1 187 ? -5.879  1.724   8.912   1.00 31.97 ? 228 HIS A CA  1 
ATOM   1489 C C   . HIS A 1 187 ? -4.729  1.979   9.893   1.00 32.41 ? 228 HIS A C   1 
ATOM   1490 O O   . HIS A 1 187 ? -4.632  1.332   10.935  1.00 28.31 ? 228 HIS A O   1 
ATOM   1491 C CB  . HIS A 1 187 ? -5.519  0.581   7.958   1.00 29.29 ? 228 HIS A CB  1 
ATOM   1492 C CG  . HIS A 1 187 ? -5.174  -0.702  8.644   1.00 29.10 ? 228 HIS A CG  1 
ATOM   1493 N ND1 . HIS A 1 187 ? -3.876  -1.136  8.801   1.00 32.36 ? 228 HIS A ND1 1 
ATOM   1494 C CD2 . HIS A 1 187 ? -5.959  -1.654  9.202   1.00 31.30 ? 228 HIS A CD2 1 
ATOM   1495 C CE1 . HIS A 1 187 ? -3.876  -2.300  9.424   1.00 36.00 ? 228 HIS A CE1 1 
ATOM   1496 N NE2 . HIS A 1 187 ? -5.127  -2.636  9.679   1.00 34.00 ? 228 HIS A NE2 1 
ATOM   1497 N N   . LEU A 1 188 ? -3.852  2.919   9.548   1.00 30.04 ? 229 LEU A N   1 
ATOM   1498 C CA  . LEU A 1 188 ? -2.725  3.263   10.409  1.00 29.96 ? 229 LEU A CA  1 
ATOM   1499 C C   . LEU A 1 188 ? -3.082  4.405   11.361  1.00 25.37 ? 229 LEU A C   1 
ATOM   1500 O O   . LEU A 1 188 ? -2.223  4.905   12.082  1.00 27.72 ? 229 LEU A O   1 
ATOM   1501 C CB  . LEU A 1 188 ? -1.502  3.652   9.572   1.00 25.50 ? 229 LEU A CB  1 
ATOM   1502 C CG  . LEU A 1 188 ? -0.934  2.600   8.617   1.00 27.09 ? 229 LEU A CG  1 
ATOM   1503 C CD1 . LEU A 1 188 ? 0.266   3.183   7.877   1.00 23.45 ? 229 LEU A CD1 1 
ATOM   1504 C CD2 . LEU A 1 188 ? -0.537  1.341   9.389   1.00 34.08 ? 229 LEU A CD2 1 
ATOM   1505 N N   . GLY A 1 189 ? -4.348  4.817   11.352  1.00 30.31 ? 230 GLY A N   1 
ATOM   1506 C CA  . GLY A 1 189 ? -4.787  5.896   12.223  1.00 30.27 ? 230 GLY A CA  1 
ATOM   1507 C C   . GLY A 1 189 ? -4.578  7.278   11.629  1.00 34.58 ? 230 GLY A C   1 
ATOM   1508 O O   . GLY A 1 189 ? -4.782  8.291   12.303  1.00 30.65 ? 230 GLY A O   1 
ATOM   1509 N N   . VAL A 1 190 ? -4.175  7.321   10.361  1.00 27.82 ? 231 VAL A N   1 
ATOM   1510 C CA  . VAL A 1 190 ? -3.932  8.583   9.676   1.00 34.46 ? 231 VAL A CA  1 
ATOM   1511 C C   . VAL A 1 190 ? -5.243  9.130   9.131   1.00 42.58 ? 231 VAL A C   1 
ATOM   1512 O O   . VAL A 1 190 ? -5.860  8.539   8.241   1.00 44.51 ? 231 VAL A O   1 
ATOM   1513 C CB  . VAL A 1 190 ? -2.895  8.411   8.540   1.00 25.11 ? 231 VAL A CB  1 
ATOM   1514 C CG1 . VAL A 1 190 ? -2.717  9.710   7.757   1.00 25.73 ? 231 VAL A CG1 1 
ATOM   1515 C CG2 . VAL A 1 190 ? -1.563  7.965   9.123   1.00 28.95 ? 231 VAL A CG2 1 
ATOM   1516 N N   . ARG A 1 191 ? -5.664  10.261  9.686   1.00 48.79 ? 232 ARG A N   1 
ATOM   1517 C CA  . ARG A 1 191 ? -6.905  10.910  9.287   1.00 55.30 ? 232 ARG A CA  1 
ATOM   1518 C C   . ARG A 1 191 ? -6.837  11.477  7.877   1.00 51.34 ? 232 ARG A C   1 
ATOM   1519 O O   . ARG A 1 191 ? -5.864  12.129  7.500   1.00 52.34 ? 232 ARG A O   1 
ATOM   1520 C CB  . ARG A 1 191 ? -7.267  12.014  10.283  1.00 61.46 ? 232 ARG A CB  1 
ATOM   1521 C CG  . ARG A 1 191 ? -7.353  11.525  11.717  1.00 66.96 ? 232 ARG A CG  1 
ATOM   1522 C CD  . ARG A 1 191 ? -7.667  12.652  12.680  1.00 73.32 ? 232 ARG A CD  1 
ATOM   1523 N NE  . ARG A 1 191 ? -7.508  12.225  14.068  1.00 77.50 ? 232 ARG A NE  1 
ATOM   1524 C CZ  . ARG A 1 191 ? -6.424  12.454  14.805  1.00 78.23 ? 232 ARG A CZ  1 
ATOM   1525 N NH1 . ARG A 1 191 ? -5.393  13.112  14.293  1.00 75.12 ? 232 ARG A NH1 1 
ATOM   1526 N NH2 . ARG A 1 191 ? -6.369  12.018  16.057  1.00 79.79 ? 232 ARG A NH2 1 
ATOM   1527 N N   . THR A 1 192 ? -7.878  11.201  7.101   1.00 54.55 ? 233 THR A N   1 
ATOM   1528 C CA  . THR A 1 192 ? -7.974  11.671  5.724   1.00 57.35 ? 233 THR A CA  1 
ATOM   1529 C C   . THR A 1 192 ? -8.733  12.998  5.653   1.00 59.67 ? 233 THR A C   1 
ATOM   1530 O O   . THR A 1 192 ? -9.882  13.054  6.148   1.00 55.59 ? 233 THR A O   1 
ATOM   1531 C CB  . THR A 1 192 ? -8.669  10.613  4.834   1.00 57.71 ? 233 THR A CB  1 
ATOM   1532 O OG1 . THR A 1 192 ? -7.872  9.421   4.809   1.00 57.66 ? 233 THR A OG1 1 
ATOM   1533 C CG2 . THR A 1 192 ? -8.859  11.131  3.409   1.00 59.07 ? 233 THR A CG2 1 
HETATM 1534 O O   . HOH B 2 .   ? 7.185   17.881  9.595   1.00 42.52 ? 301 HOH A O   1 
HETATM 1535 O O   . HOH B 2 .   ? 8.422   20.387  10.495  1.00 67.62 ? 302 HOH A O   1 
HETATM 1536 O O   . HOH B 2 .   ? 8.798   15.623  10.394  1.00 26.03 ? 303 HOH A O   1 
HETATM 1537 O O   . HOH B 2 .   ? 4.527   18.425  8.578   1.00 57.69 ? 304 HOH A O   1 
HETATM 1538 O O   . HOH B 2 .   ? 2.246   19.758  2.433   1.00 50.16 ? 305 HOH A O   1 
HETATM 1539 O O   . HOH B 2 .   ? -6.277  17.035  0.309   1.00 43.64 ? 306 HOH A O   1 
HETATM 1540 O O   . HOH B 2 .   ? -6.779  11.129  1.170   1.00 48.88 ? 307 HOH A O   1 
HETATM 1541 O O   . HOH B 2 .   ? -8.500  8.861   0.132   1.00 40.81 ? 308 HOH A O   1 
HETATM 1542 O O   . HOH B 2 .   ? -4.727  13.806  5.059   1.00 32.59 ? 309 HOH A O   1 
HETATM 1543 O O   . HOH B 2 .   ? -9.321  1.641   6.489   1.00 42.37 ? 310 HOH A O   1 
HETATM 1544 O O   . HOH B 2 .   ? -9.441  0.872   11.461  1.00 61.34 ? 311 HOH A O   1 
HETATM 1545 O O   . HOH B 2 .   ? -7.124  -1.145  13.156  1.00 53.46 ? 312 HOH A O   1 
HETATM 1546 O O   . HOH B 2 .   ? -4.257  -1.820  13.299  1.00 65.75 ? 313 HOH A O   1 
HETATM 1547 O O   . HOH B 2 .   ? 0.619   -0.647  13.140  1.00 54.01 ? 314 HOH A O   1 
HETATM 1548 O O   . HOH B 2 .   ? 1.386   -2.141  10.792  1.00 43.73 ? 315 HOH A O   1 
HETATM 1549 O O   . HOH B 2 .   ? 2.916   1.012   15.101  1.00 48.20 ? 316 HOH A O   1 
HETATM 1550 O O   . HOH B 2 .   ? 2.343   5.932   13.904  1.00 38.79 ? 317 HOH A O   1 
HETATM 1551 O O   . HOH B 2 .   ? 6.635   7.204   9.787   1.00 13.94 ? 318 HOH A O   1 
HETATM 1552 O O   . HOH B 2 .   ? 9.792   5.961   11.972  1.00 34.95 ? 319 HOH A O   1 
HETATM 1553 O O   . HOH B 2 .   ? 10.454  3.880   13.894  1.00 42.33 ? 320 HOH A O   1 
HETATM 1554 O O   . HOH B 2 .   ? 12.736  8.676   12.658  1.00 23.23 ? 321 HOH A O   1 
HETATM 1555 O O   . HOH B 2 .   ? 12.865  9.358   10.023  1.00 22.32 ? 322 HOH A O   1 
HETATM 1556 O O   . HOH B 2 .   ? 15.080  8.784   8.478   1.00 31.08 ? 323 HOH A O   1 
HETATM 1557 O O   . HOH B 2 .   ? 15.070  7.024   13.175  1.00 40.49 ? 324 HOH A O   1 
HETATM 1558 O O   . HOH B 2 .   ? 16.797  9.075   15.257  1.00 32.53 ? 325 HOH A O   1 
HETATM 1559 O O   . HOH B 2 .   ? 15.834  11.042  18.227  1.00 16.77 ? 326 HOH A O   1 
HETATM 1560 O O   . HOH B 2 .   ? 14.428  11.618  20.375  1.00 15.25 ? 327 HOH A O   1 
HETATM 1561 O O   . HOH B 2 .   ? 8.552   12.244  20.602  1.00 35.24 ? 328 HOH A O   1 
HETATM 1562 O O   . HOH B 2 .   ? 8.724   9.704   22.035  1.00 20.95 ? 329 HOH A O   1 
HETATM 1563 O O   . HOH B 2 .   ? 10.386  11.333  25.293  1.00 25.79 ? 330 HOH A O   1 
HETATM 1564 O O   . HOH B 2 .   ? 10.954  5.397   22.650  1.00 30.63 ? 331 HOH A O   1 
HETATM 1565 O O   . HOH B 2 .   ? 9.780   5.951   20.190  1.00 19.09 ? 332 HOH A O   1 
HETATM 1566 O O   . HOH B 2 .   ? 8.054   3.930   24.643  1.00 27.16 ? 333 HOH A O   1 
HETATM 1567 O O   . HOH B 2 .   ? 2.447   2.580   20.929  1.00 41.87 ? 334 HOH A O   1 
HETATM 1568 O O   . HOH B 2 .   ? 4.449   -7.542  14.053  1.00 50.20 ? 335 HOH A O   1 
HETATM 1569 O O   . HOH B 2 .   ? -0.778  -2.931  8.784   1.00 54.07 ? 336 HOH A O   1 
HETATM 1570 O O   . HOH B 2 .   ? -9.870  -4.539  0.764   1.00 29.64 ? 337 HOH A O   1 
HETATM 1571 O O   . HOH B 2 .   ? -8.702  -3.399  -1.509  1.00 26.19 ? 338 HOH A O   1 
HETATM 1572 O O   . HOH B 2 .   ? -10.233 -1.433  -2.637  1.00 30.48 ? 339 HOH A O   1 
HETATM 1573 O O   . HOH B 2 .   ? -12.063 -2.156  1.534   1.00 40.12 ? 340 HOH A O   1 
HETATM 1574 O O   . HOH B 2 .   ? -12.918 -0.392  -2.232  1.00 40.48 ? 341 HOH A O   1 
HETATM 1575 O O   . HOH B 2 .   ? -11.288 2.369   -0.794  1.00 48.17 ? 342 HOH A O   1 
HETATM 1576 O O   . HOH B 2 .   ? -9.077  1.040   -2.465  1.00 26.32 ? 343 HOH A O   1 
HETATM 1577 O O   . HOH B 2 .   ? -8.760  2.056   -5.090  1.00 22.30 ? 344 HOH A O   1 
HETATM 1578 O O   . HOH B 2 .   ? -9.315  0.102   -6.905  1.00 27.23 ? 345 HOH A O   1 
HETATM 1579 O O   . HOH B 2 .   ? -2.492  0.751   -13.045 1.00 50.77 ? 346 HOH A O   1 
HETATM 1580 O O   . HOH B 2 .   ? -8.333  -0.799  -9.449  1.00 29.06 ? 347 HOH A O   1 
HETATM 1581 O O   . HOH B 2 .   ? -13.066 -4.085  -11.044 1.00 58.27 ? 348 HOH A O   1 
HETATM 1582 O O   . HOH B 2 .   ? -11.422 -11.339 -13.798 1.00 35.46 ? 349 HOH A O   1 
HETATM 1583 O O   . HOH B 2 .   ? -2.079  -11.337 -17.878 1.00 58.89 ? 350 HOH A O   1 
HETATM 1584 O O   . HOH B 2 .   ? -2.985  -14.643 -14.554 1.00 35.66 ? 351 HOH A O   1 
HETATM 1585 O O   . HOH B 2 .   ? -0.647  -5.533  -14.168 1.00 41.74 ? 352 HOH A O   1 
HETATM 1586 O O   . HOH B 2 .   ? -0.083  -3.376  -11.569 1.00 32.52 ? 353 HOH A O   1 
HETATM 1587 O O   . HOH B 2 .   ? -0.480  -0.580  -11.336 1.00 37.49 ? 354 HOH A O   1 
HETATM 1588 O O   . HOH B 2 .   ? 1.545   5.383   -11.102 1.00 50.91 ? 355 HOH A O   1 
HETATM 1589 O O   . HOH B 2 .   ? 3.053   9.499   -12.682 1.00 45.34 ? 356 HOH A O   1 
HETATM 1590 O O   . HOH B 2 .   ? 3.754   3.395   -14.637 1.00 30.65 ? 357 HOH A O   1 
HETATM 1591 O O   . HOH B 2 .   ? 4.691   -5.800  -11.781 1.00 47.86 ? 358 HOH A O   1 
HETATM 1592 O O   . HOH B 2 .   ? 4.109   -7.433  -9.449  1.00 27.70 ? 359 HOH A O   1 
HETATM 1593 O O   . HOH B 2 .   ? 6.434   -9.143  -8.649  1.00 34.19 ? 360 HOH A O   1 
HETATM 1594 O O   . HOH B 2 .   ? 7.640   -12.310 -6.495  1.00 44.91 ? 361 HOH A O   1 
HETATM 1595 O O   . HOH B 2 .   ? 3.854   -1.014  -6.858  1.00 26.82 ? 362 HOH A O   1 
HETATM 1596 O O   . HOH B 2 .   ? 12.628  10.662  1.175   1.00 18.69 ? 363 HOH A O   1 
HETATM 1597 O O   . HOH B 2 .   ? 15.902  12.329  -0.842  1.00 25.16 ? 364 HOH A O   1 
HETATM 1598 O O   . HOH B 2 .   ? 15.917  15.607  -1.144  1.00 27.77 ? 365 HOH A O   1 
HETATM 1599 O O   . HOH B 2 .   ? 13.062  9.762   -9.376  1.00 55.38 ? 366 HOH A O   1 
HETATM 1600 O O   . HOH B 2 .   ? 15.795  -1.532  -8.526  1.00 40.81 ? 367 HOH A O   1 
HETATM 1601 O O   . HOH B 2 .   ? 18.826  5.077   1.723   1.00 42.14 ? 368 HOH A O   1 
HETATM 1602 O O   . HOH B 2 .   ? 16.613  4.520   3.241   1.00 37.95 ? 369 HOH A O   1 
HETATM 1603 O O   . HOH B 2 .   ? 16.194  2.402   5.383   1.00 57.32 ? 370 HOH A O   1 
HETATM 1604 O O   . HOH B 2 .   ? 7.698   16.695  15.422  1.00 45.53 ? 371 HOH A O   1 
HETATM 1605 O O   . HOH B 2 .   ? -11.219 3.182   -5.861  1.00 29.85 ? 372 HOH A O   1 
HETATM 1606 O O   . HOH B 2 .   ? -7.855  -13.214 4.366   1.00 46.21 ? 373 HOH A O   1 
HETATM 1607 O O   . HOH B 2 .   ? -13.445 -22.605 -2.130  1.00 42.72 ? 374 HOH A O   1 
HETATM 1608 O O   . HOH B 2 .   ? -14.116 -15.411 -7.170  1.00 54.26 ? 375 HOH A O   1 
HETATM 1609 O O   . HOH B 2 .   ? -5.166  -28.357 0.335   1.00 46.68 ? 376 HOH A O   1 
HETATM 1610 O O   . HOH B 2 .   ? -15.335 -17.884 10.414  1.00 46.76 ? 377 HOH A O   1 
HETATM 1611 O O   . HOH B 2 .   ? -6.838  1.867   13.065  1.00 75.81 ? 378 HOH A O   1 
HETATM 1612 O O   . HOH B 2 .   ? -5.499  12.197  -13.156 1.00 37.25 ? 379 HOH A O   1 
HETATM 1613 O O   . HOH B 2 .   ? 2.714   13.091  -0.549  1.00 32.52 ? 380 HOH A O   1 
HETATM 1614 O O   . HOH B 2 .   ? 8.767   20.482  7.480   1.00 46.92 ? 381 HOH A O   1 
HETATM 1615 O O   . HOH B 2 .   ? 4.111   -8.246  1.695   1.00 35.79 ? 382 HOH A O   1 
HETATM 1616 O O   . HOH B 2 .   ? -14.619 -12.745 -5.909  1.00 38.92 ? 383 HOH A O   1 
HETATM 1617 O O   . HOH B 2 .   ? 1.044   -13.379 -13.775 1.00 48.35 ? 384 HOH A O   1 
HETATM 1618 O O   . HOH B 2 .   ? 2.490   15.092  -3.694  1.00 62.29 ? 385 HOH A O   1 
HETATM 1619 O O   . HOH B 2 .   ? -0.344  -11.993 -15.672 1.00 58.82 ? 386 HOH A O   1 
HETATM 1620 O O   . HOH B 2 .   ? 13.088  15.482  -0.651  1.00 23.85 ? 387 HOH A O   1 
HETATM 1621 O O   . HOH B 2 .   ? 12.647  4.608   15.526  1.00 38.87 ? 388 HOH A O   1 
HETATM 1622 O O   . HOH B 2 .   ? -8.459  6.563   10.836  1.00 52.60 ? 389 HOH A O   1 
HETATM 1623 O O   . HOH B 2 .   ? 5.867   1.626   16.611  1.00 52.30 ? 390 HOH A O   1 
HETATM 1624 O O   . HOH B 2 .   ? -16.260 -13.567 -8.204  1.00 53.50 ? 391 HOH A O   1 
# 
